data_8TJ6
#
_entry.id   8TJ6
#
_cell.length_a   100.224
_cell.length_b   100.224
_cell.length_c   689.207
_cell.angle_alpha   90.00
_cell.angle_beta   90.00
_cell.angle_gamma   120.00
#
_symmetry.space_group_name_H-M   'H 3'
#
loop_
_entity.id
_entity.type
_entity.pdbx_description
1 polymer 'Hemagglutinin HA1 chain'
2 polymer 'Hemagglutinin HA2 chain'
3 branched alpha-D-mannopyranose-(1-3)-[alpha-D-mannopyranose-(1-6)]beta-D-mannopyranose-(1-4)-2-acetamido-2-deoxy-beta-D-glucopyranose-(1-4)-2-acetamido-2-deoxy-beta-D-glucopyranose
4 branched 2-acetamido-2-deoxy-beta-D-glucopyranose-(1-4)-2-acetamido-2-deoxy-beta-D-glucopyranose
5 branched 2-acetamido-2-deoxy-beta-D-glucopyranose-(1-4)-[alpha-L-fucopyranose-(1-6)]2-acetamido-2-deoxy-beta-D-glucopyranose
6 branched beta-D-mannopyranose-(1-4)-2-acetamido-2-deoxy-beta-D-glucopyranose-(1-4)-[alpha-L-fucopyranose-(1-6)]2-acetamido-2-deoxy-beta-D-glucopyranose
7 branched 'N-acetyl-alpha-neuraminic acid-(2-6)-beta-D-galactopyranose'
8 branched 'N-acetyl-alpha-neuraminic acid-(2-6)-beta-D-galactopyranose-(1-4)-2-acetamido-2-deoxy-beta-D-glucopyranose'
9 non-polymer 2-acetamido-2-deoxy-beta-D-glucopyranose
10 water water
#
loop_
_entity_poly.entity_id
_entity_poly.type
_entity_poly.pdbx_seq_one_letter_code
_entity_poly.pdbx_strand_id
1 'polypeptide(L)'
;ADPGATLCLGHHAVPNGTLVKTITNDQIEVTNATELVQSSSTGRICDSPHRILDGKNCTLIDALLGDPHCDGFQNKEWDL
FVERSKAYSNCYPYDVPDYASLRSLVASSGTLEFINEDFNWTGVAQSGESYACKRGSVKSFFSRLNWLHESEYKYPALNV
TMPNNGKFDKLYIWGVHHPSTDREQTNLYVRASGRVTVSTKRSQQTVIPNIGSRPWVRGLSSRISIYWTIVKPGDILLIN
STGNLIAPRGYFKIRTGKSSIMRSDAPIGTCSSECITPNGSIPNDKPFQNVNRITYGACPRYVKQNTLKLATGMRNVPEK
QTR
;
A,C,E,G
2 'polypeptide(L)'
;GIFGAIAGFIENGWEGMVDGWYGFRHQNSEGTGQAADLKSTQAAIDQINGKLNRLIEKTNEKFHQIEKEFSEVEGRIQDL
EKYVEDTKIDLWSYNAELLVALENQHTIDLTDSEMNKLFEKTRKQLRENAEDMGNGCFKIYHKCDNACIGSIRNGTYDHD
VYRDEALNNRFQIK
;
B,D,F,H
#
loop_
_chem_comp.id
_chem_comp.type
_chem_comp.name
_chem_comp.formula
BMA D-saccharide, beta linking beta-D-mannopyranose 'C6 H12 O6'
FUC L-saccharide, alpha linking alpha-L-fucopyranose 'C6 H12 O5'
GAL D-saccharide, beta linking beta-D-galactopyranose 'C6 H12 O6'
MAN D-saccharide, alpha linking alpha-D-mannopyranose 'C6 H12 O6'
NAG D-saccharide, beta linking 2-acetamido-2-deoxy-beta-D-glucopyranose 'C8 H15 N O6'
SIA D-saccharide, alpha linking 'N-acetyl-alpha-neuraminic acid' 'C11 H19 N O9'
#
# COMPACT_ATOMS: atom_id res chain seq x y z
N PRO A 3 -82.30 64.62 -71.13
CA PRO A 3 -82.32 63.22 -70.68
C PRO A 3 -80.97 62.55 -70.85
N GLY A 4 -80.50 61.88 -69.80
CA GLY A 4 -79.20 61.24 -69.83
C GLY A 4 -79.04 60.21 -68.74
N ALA A 5 -77.80 60.05 -68.28
CA ALA A 5 -77.48 59.08 -67.25
C ALA A 5 -76.30 59.59 -66.43
N THR A 6 -76.07 58.95 -65.29
CA THR A 6 -74.98 59.30 -64.39
C THR A 6 -74.17 58.05 -64.09
N LEU A 7 -72.85 58.15 -64.22
CA LEU A 7 -71.95 57.04 -63.91
C LEU A 7 -70.89 57.55 -62.94
N CYS A 8 -70.86 56.97 -61.74
CA CYS A 8 -69.96 57.39 -60.69
C CYS A 8 -68.86 56.37 -60.47
N LEU A 9 -67.64 56.86 -60.31
CA LEU A 9 -66.48 56.04 -59.98
C LEU A 9 -66.24 56.10 -58.47
N GLY A 10 -65.92 54.95 -57.88
CA GLY A 10 -65.73 54.92 -56.45
C GLY A 10 -64.87 53.76 -56.01
N HIS A 11 -64.59 53.75 -54.71
CA HIS A 11 -63.78 52.73 -54.08
C HIS A 11 -64.52 52.22 -52.85
N HIS A 12 -64.06 51.10 -52.31
CA HIS A 12 -64.76 50.50 -51.19
C HIS A 12 -64.33 51.16 -49.88
N ALA A 13 -65.04 50.80 -48.82
CA ALA A 13 -64.72 51.25 -47.47
C ALA A 13 -65.26 50.25 -46.48
N VAL A 14 -64.70 50.26 -45.27
CA VAL A 14 -65.13 49.36 -44.21
C VAL A 14 -65.48 50.19 -42.98
N PRO A 15 -66.39 49.73 -42.13
CA PRO A 15 -66.70 50.49 -40.92
C PRO A 15 -65.65 50.38 -39.82
N ASN A 16 -64.80 49.37 -39.85
CA ASN A 16 -63.82 49.13 -38.79
C ASN A 16 -62.40 49.23 -39.38
N GLY A 17 -62.01 50.43 -39.78
CA GLY A 17 -60.66 50.64 -40.27
C GLY A 17 -59.62 50.53 -39.18
N THR A 18 -58.36 50.58 -39.59
CA THR A 18 -57.23 50.44 -38.68
C THR A 18 -56.20 51.53 -38.96
N LEU A 19 -55.56 52.03 -37.91
CA LEU A 19 -54.61 53.12 -38.00
C LEU A 19 -53.19 52.62 -38.24
N VAL A 20 -52.48 53.27 -39.16
CA VAL A 20 -51.10 52.94 -39.47
C VAL A 20 -50.29 54.23 -39.54
N LYS A 21 -48.96 54.07 -39.60
CA LYS A 21 -48.04 55.19 -39.71
C LYS A 21 -47.49 55.28 -41.12
N THR A 22 -47.25 56.52 -41.57
CA THR A 22 -46.64 56.81 -42.86
C THR A 22 -45.51 57.80 -42.67
N ILE A 23 -44.91 58.23 -43.77
CA ILE A 23 -43.91 59.30 -43.71
C ILE A 23 -44.54 60.57 -43.18
N THR A 24 -45.80 60.82 -43.53
CA THR A 24 -46.44 62.10 -43.25
C THR A 24 -47.33 62.07 -42.01
N ASN A 25 -47.90 60.93 -41.64
CA ASN A 25 -48.98 60.92 -40.67
C ASN A 25 -48.66 60.00 -39.51
N ASP A 26 -48.85 60.52 -38.28
CA ASP A 26 -48.66 59.71 -37.08
C ASP A 26 -49.78 58.67 -36.93
N GLN A 27 -50.98 58.99 -37.40
CA GLN A 27 -52.11 58.08 -37.34
C GLN A 27 -53.01 58.35 -38.54
N ILE A 28 -53.21 57.34 -39.37
CA ILE A 28 -54.07 57.44 -40.55
C ILE A 28 -54.78 56.12 -40.75
N GLU A 29 -56.08 56.18 -41.01
CA GLU A 29 -56.93 54.99 -41.09
C GLU A 29 -56.87 54.39 -42.48
N VAL A 30 -56.55 53.10 -42.54
CA VAL A 30 -56.59 52.33 -43.78
C VAL A 30 -57.62 51.22 -43.62
N THR A 31 -57.97 50.58 -44.74
CA THR A 31 -59.03 49.59 -44.71
C THR A 31 -58.58 48.29 -44.04
N ASN A 32 -57.29 47.98 -44.11
CA ASN A 32 -56.79 46.75 -43.51
C ASN A 32 -55.29 46.90 -43.27
N ALA A 33 -54.80 46.11 -42.31
CA ALA A 33 -53.38 46.10 -41.99
C ALA A 33 -53.01 44.74 -41.41
N THR A 34 -51.72 44.45 -41.41
CA THR A 34 -51.20 43.22 -40.82
C THR A 34 -50.03 43.54 -39.90
N GLU A 35 -49.87 42.71 -38.86
CA GLU A 35 -48.86 42.95 -37.84
C GLU A 35 -47.52 42.39 -38.30
N LEU A 36 -46.46 43.20 -38.14
CA LEU A 36 -45.12 42.78 -38.51
C LEU A 36 -44.22 42.45 -37.32
N VAL A 37 -44.67 42.73 -36.11
CA VAL A 37 -43.89 42.47 -34.89
C VAL A 37 -44.53 41.30 -34.16
N GLN A 38 -43.78 40.22 -34.01
CA GLN A 38 -44.24 39.11 -33.20
C GLN A 38 -44.00 39.44 -31.72
N SER A 39 -45.06 39.36 -30.93
CA SER A 39 -44.99 39.79 -29.54
C SER A 39 -45.52 38.75 -28.56
N SER A 40 -45.83 37.53 -29.01
CA SER A 40 -46.36 36.49 -28.15
C SER A 40 -45.62 35.18 -28.39
N SER A 41 -45.67 34.31 -27.38
CA SER A 41 -45.08 32.99 -27.46
C SER A 41 -46.05 31.96 -26.90
N THR A 42 -45.94 30.72 -27.37
CA THR A 42 -46.79 29.65 -26.84
C THR A 42 -46.42 29.30 -25.41
N GLY A 43 -45.14 29.40 -25.06
CA GLY A 43 -44.67 29.14 -23.71
C GLY A 43 -43.81 27.90 -23.59
N ARG A 44 -43.82 27.01 -24.57
CA ARG A 44 -42.93 25.86 -24.59
C ARG A 44 -41.90 26.02 -25.71
N ILE A 45 -40.75 25.40 -25.49
CA ILE A 45 -39.72 25.26 -26.52
C ILE A 45 -40.00 23.97 -27.28
N CYS A 46 -40.28 24.09 -28.57
CA CYS A 46 -40.58 22.92 -29.39
C CYS A 46 -39.33 22.06 -29.57
N ASP A 47 -39.47 20.74 -29.37
CA ASP A 47 -38.35 19.83 -29.49
C ASP A 47 -38.01 19.50 -30.94
N SER A 48 -38.73 20.06 -31.90
CA SER A 48 -38.42 19.95 -33.33
C SER A 48 -38.34 21.34 -33.93
N PRO A 49 -37.53 21.52 -34.98
CA PRO A 49 -36.71 20.50 -35.67
C PRO A 49 -35.31 20.34 -35.08
N HIS A 50 -34.97 21.15 -34.08
CA HIS A 50 -33.64 21.11 -33.48
C HIS A 50 -33.59 20.06 -32.37
N ARG A 51 -32.45 19.38 -32.27
CA ARG A 51 -32.22 18.43 -31.19
C ARG A 51 -31.97 19.20 -29.91
N ILE A 52 -32.91 19.15 -28.97
CA ILE A 52 -32.82 19.94 -27.75
C ILE A 52 -32.40 19.01 -26.61
N LEU A 53 -31.45 19.47 -25.79
CA LEU A 53 -30.99 18.73 -24.62
C LEU A 53 -31.28 19.57 -23.38
N ASP A 54 -32.25 19.14 -22.59
CA ASP A 54 -32.59 19.81 -21.35
C ASP A 54 -31.50 19.54 -20.31
N GLY A 55 -30.77 20.59 -19.93
CA GLY A 55 -29.77 20.44 -18.89
C GLY A 55 -30.33 20.08 -17.54
N LYS A 56 -31.62 20.34 -17.33
CA LYS A 56 -32.31 20.03 -16.07
C LYS A 56 -31.55 20.62 -14.89
N ASN A 57 -31.02 19.75 -14.03
CA ASN A 57 -30.32 20.17 -12.83
C ASN A 57 -28.84 20.45 -13.06
N CYS A 58 -28.39 20.47 -14.32
CA CYS A 58 -26.96 20.51 -14.61
C CYS A 58 -26.64 21.63 -15.58
N THR A 59 -25.61 22.39 -15.26
CA THR A 59 -25.00 23.28 -16.23
C THR A 59 -24.18 22.47 -17.21
N LEU A 60 -23.82 23.10 -18.33
CA LEU A 60 -23.00 22.42 -19.33
C LEU A 60 -21.64 22.05 -18.76
N ILE A 61 -21.07 22.93 -17.93
CA ILE A 61 -19.73 22.69 -17.37
C ILE A 61 -19.75 21.49 -16.43
N ASP A 62 -20.80 21.37 -15.61
CA ASP A 62 -20.88 20.23 -14.70
C ASP A 62 -21.10 18.93 -15.46
N ALA A 63 -21.89 18.97 -16.54
CA ALA A 63 -22.03 17.80 -17.39
C ALA A 63 -20.71 17.43 -18.04
N LEU A 64 -19.93 18.43 -18.45
CA LEU A 64 -18.63 18.17 -19.06
C LEU A 64 -17.68 17.52 -18.07
N LEU A 65 -17.52 18.15 -16.89
CA LEU A 65 -16.59 17.63 -15.88
C LEU A 65 -17.03 16.25 -15.39
N GLY A 66 -18.33 16.05 -15.21
CA GLY A 66 -18.83 14.78 -14.75
C GLY A 66 -19.33 14.81 -13.32
N ASP A 67 -19.98 15.90 -12.94
CA ASP A 67 -20.64 16.00 -11.65
C ASP A 67 -21.62 14.83 -11.51
N PRO A 68 -21.56 14.05 -10.42
CA PRO A 68 -22.35 12.81 -10.35
C PRO A 68 -23.83 12.94 -10.69
N HIS A 69 -24.49 14.01 -10.27
CA HIS A 69 -25.89 14.15 -10.65
C HIS A 69 -26.06 14.55 -12.11
N CYS A 70 -24.97 14.65 -12.86
CA CYS A 70 -24.99 14.96 -14.28
C CYS A 70 -24.52 13.77 -15.12
N ASP A 71 -24.44 12.58 -14.54
CA ASP A 71 -23.91 11.42 -15.25
C ASP A 71 -24.76 11.05 -16.46
N GLY A 72 -26.07 11.35 -16.41
CA GLY A 72 -26.93 11.04 -17.54
C GLY A 72 -26.60 11.83 -18.79
N PHE A 73 -25.75 12.84 -18.70
CA PHE A 73 -25.39 13.68 -19.83
C PHE A 73 -24.11 13.22 -20.52
N GLN A 74 -23.60 12.04 -20.18
CA GLN A 74 -22.37 11.55 -20.81
C GLN A 74 -22.58 11.29 -22.29
N ASN A 75 -21.63 11.76 -23.10
CA ASN A 75 -21.57 11.47 -24.53
C ASN A 75 -22.78 12.00 -25.29
N LYS A 76 -23.50 12.99 -24.76
CA LYS A 76 -24.67 13.50 -25.44
C LYS A 76 -24.29 14.53 -26.49
N GLU A 77 -25.19 14.70 -27.46
CA GLU A 77 -25.07 15.73 -28.49
C GLU A 77 -26.32 16.61 -28.44
N TRP A 78 -26.19 17.81 -29.00
CA TRP A 78 -27.31 18.73 -28.99
C TRP A 78 -27.14 19.74 -30.11
N ASP A 79 -28.26 20.31 -30.54
CA ASP A 79 -28.25 21.56 -31.28
C ASP A 79 -28.38 22.75 -30.34
N LEU A 80 -29.19 22.61 -29.30
CA LEU A 80 -29.35 23.66 -28.30
C LEU A 80 -29.33 23.01 -26.91
N PHE A 81 -28.35 23.41 -26.10
CA PHE A 81 -28.30 23.01 -24.70
C PHE A 81 -29.06 24.05 -23.88
N VAL A 82 -30.05 23.60 -23.12
CA VAL A 82 -30.91 24.49 -22.35
C VAL A 82 -30.49 24.40 -20.89
N GLU A 83 -29.91 25.49 -20.37
CA GLU A 83 -29.47 25.56 -18.98
C GLU A 83 -30.61 26.11 -18.12
N ARG A 84 -30.93 25.42 -17.04
CA ARG A 84 -31.99 25.82 -16.14
C ARG A 84 -31.41 26.58 -14.95
N SER A 85 -32.20 27.52 -14.44
CA SER A 85 -31.76 28.31 -13.28
C SER A 85 -31.73 27.47 -12.01
N LYS A 86 -32.45 26.35 -11.98
CA LYS A 86 -32.37 25.44 -10.83
C LYS A 86 -30.98 24.83 -10.68
N ALA A 87 -30.16 24.91 -11.72
CA ALA A 87 -28.92 24.12 -11.79
C ALA A 87 -28.02 24.41 -10.61
N TYR A 88 -27.28 23.39 -10.20
CA TYR A 88 -26.40 23.47 -9.04
C TYR A 88 -25.24 22.50 -9.23
N SER A 89 -24.13 22.81 -8.56
CA SER A 89 -23.01 21.89 -8.50
C SER A 89 -23.09 21.09 -7.21
N ASN A 90 -22.70 19.82 -7.29
CA ASN A 90 -22.70 18.94 -6.12
C ASN A 90 -21.46 18.07 -6.12
N CYS A 91 -20.33 18.64 -6.50
CA CYS A 91 -19.06 17.92 -6.47
C CYS A 91 -18.00 18.74 -5.73
N TYR A 92 -16.74 18.57 -6.08
CA TYR A 92 -15.70 19.37 -5.47
C TYR A 92 -15.88 20.84 -5.84
N PRO A 93 -15.74 21.76 -4.89
CA PRO A 93 -15.82 23.19 -5.23
C PRO A 93 -14.72 23.57 -6.21
N TYR A 94 -15.12 24.32 -7.23
CA TYR A 94 -14.20 24.65 -8.31
C TYR A 94 -14.46 26.06 -8.81
N ASP A 95 -13.47 26.59 -9.53
CA ASP A 95 -13.65 27.77 -10.36
C ASP A 95 -13.02 27.51 -11.71
N VAL A 96 -13.53 28.19 -12.73
CA VAL A 96 -12.96 28.09 -14.07
C VAL A 96 -12.55 29.48 -14.52
N PRO A 97 -11.26 29.81 -14.54
CA PRO A 97 -10.83 31.07 -15.17
C PRO A 97 -11.29 31.10 -16.61
N ASP A 98 -11.90 32.22 -17.01
CA ASP A 98 -12.54 32.34 -18.31
C ASP A 98 -13.61 31.26 -18.49
N TYR A 99 -14.45 31.12 -17.46
CA TYR A 99 -15.57 30.18 -17.50
C TYR A 99 -16.43 30.39 -18.74
N ALA A 100 -16.72 31.65 -19.08
CA ALA A 100 -17.62 31.93 -20.19
C ALA A 100 -17.09 31.38 -21.50
N SER A 101 -15.77 31.47 -21.71
CA SER A 101 -15.20 31.00 -22.98
C SER A 101 -15.28 29.49 -23.09
N LEU A 102 -14.99 28.77 -22.00
CA LEU A 102 -15.09 27.32 -22.03
C LEU A 102 -16.52 26.88 -22.30
N ARG A 103 -17.48 27.50 -21.59
CA ARG A 103 -18.89 27.21 -21.82
C ARG A 103 -19.27 27.48 -23.27
N SER A 104 -18.78 28.56 -23.85
CA SER A 104 -19.14 28.92 -25.23
C SER A 104 -18.58 27.91 -26.22
N LEU A 105 -17.30 27.56 -26.10
CA LEU A 105 -16.69 26.70 -27.10
C LEU A 105 -17.23 25.28 -27.06
N VAL A 106 -17.56 24.77 -25.87
CA VAL A 106 -18.17 23.44 -25.77
C VAL A 106 -19.59 23.49 -26.32
N ALA A 107 -20.34 24.55 -26.00
CA ALA A 107 -21.69 24.68 -26.53
C ALA A 107 -21.70 24.85 -28.05
N SER A 108 -20.74 25.60 -28.58
CA SER A 108 -20.64 25.74 -30.02
C SER A 108 -20.22 24.43 -30.68
N SER A 109 -19.41 23.62 -30.00
CA SER A 109 -19.03 22.33 -30.55
C SER A 109 -20.21 21.37 -30.60
N GLY A 110 -21.07 21.41 -29.58
CA GLY A 110 -22.32 20.69 -29.61
C GLY A 110 -22.24 19.22 -29.28
N THR A 111 -21.21 18.78 -28.56
CA THR A 111 -21.08 17.37 -28.22
C THR A 111 -20.32 17.22 -26.92
N LEU A 112 -20.69 16.19 -26.16
CA LEU A 112 -19.96 15.77 -24.97
C LEU A 112 -19.25 14.44 -25.18
N GLU A 113 -18.99 14.08 -26.44
CA GLU A 113 -18.30 12.84 -26.76
C GLU A 113 -16.93 12.81 -26.08
N PHE A 114 -16.74 11.84 -25.20
CA PHE A 114 -15.49 11.67 -24.48
C PHE A 114 -14.84 10.36 -24.89
N ILE A 115 -13.57 10.42 -25.24
CA ILE A 115 -12.81 9.23 -25.65
C ILE A 115 -11.74 9.01 -24.59
N ASN A 116 -11.84 7.87 -23.89
CA ASN A 116 -10.85 7.56 -22.87
C ASN A 116 -9.51 7.20 -23.51
N GLU A 117 -8.44 7.67 -22.89
CA GLU A 117 -7.09 7.37 -23.33
C GLU A 117 -6.27 6.96 -22.12
N ASP A 118 -5.35 6.00 -22.32
CA ASP A 118 -4.58 5.42 -21.22
C ASP A 118 -3.31 6.22 -21.02
N PHE A 119 -3.39 7.29 -20.22
CA PHE A 119 -2.20 8.01 -19.82
C PHE A 119 -1.36 7.14 -18.89
N ASN A 120 -0.05 7.37 -18.92
CA ASN A 120 0.93 6.52 -18.23
C ASN A 120 1.25 7.15 -16.86
N TRP A 121 0.48 6.81 -15.85
CA TRP A 121 0.59 7.42 -14.53
C TRP A 121 1.40 6.56 -13.55
N THR A 122 2.51 5.98 -13.98
CA THR A 122 3.36 5.22 -13.05
C THR A 122 3.92 6.13 -11.97
N GLY A 123 3.80 5.70 -10.71
CA GLY A 123 4.39 6.39 -9.58
C GLY A 123 3.41 7.06 -8.66
N VAL A 124 2.16 7.25 -9.09
CA VAL A 124 1.14 7.88 -8.29
C VAL A 124 -0.12 7.02 -8.31
N ALA A 125 -1.00 7.24 -7.34
CA ALA A 125 -2.25 6.51 -7.21
C ALA A 125 -3.40 7.30 -7.84
N GLN A 126 -4.18 6.65 -8.68
CA GLN A 126 -5.20 7.29 -9.49
C GLN A 126 -6.56 7.32 -8.77
N SER A 127 -7.50 8.07 -9.35
CA SER A 127 -8.89 8.06 -8.95
C SER A 127 -9.08 8.52 -7.50
N GLY A 128 -8.40 9.60 -7.13
CA GLY A 128 -8.65 10.20 -5.83
C GLY A 128 -10.08 10.72 -5.75
N GLU A 129 -10.70 10.54 -4.58
CA GLU A 129 -12.11 10.82 -4.40
C GLU A 129 -12.30 11.74 -3.20
N SER A 130 -13.56 12.05 -2.87
CA SER A 130 -13.82 13.03 -1.83
C SER A 130 -15.27 12.97 -1.38
N TYR A 131 -15.51 13.43 -0.14
CA TYR A 131 -16.85 13.59 0.39
C TYR A 131 -17.71 14.49 -0.50
N ALA A 132 -17.18 15.65 -0.88
CA ALA A 132 -17.95 16.69 -1.55
C ALA A 132 -18.63 16.20 -2.84
N CYS A 133 -18.34 14.98 -3.28
CA CYS A 133 -18.73 14.51 -4.61
C CYS A 133 -19.25 13.07 -4.49
N LYS A 134 -20.36 12.90 -3.78
CA LYS A 134 -20.94 11.58 -3.61
C LYS A 134 -21.54 11.09 -4.93
N ARG A 135 -21.29 9.82 -5.24
CA ARG A 135 -22.03 9.09 -6.27
C ARG A 135 -22.81 8.01 -5.54
N GLY A 136 -24.09 8.27 -5.30
CA GLY A 136 -24.86 7.42 -4.41
C GLY A 136 -24.59 7.80 -2.96
N SER A 137 -23.91 6.93 -2.22
CA SER A 137 -23.50 7.22 -0.85
C SER A 137 -22.01 7.00 -0.63
N VAL A 138 -21.25 6.74 -1.70
CA VAL A 138 -19.82 6.47 -1.59
C VAL A 138 -19.05 7.71 -2.06
N LYS A 139 -17.82 7.84 -1.58
CA LYS A 139 -16.96 8.93 -2.04
C LYS A 139 -16.63 8.75 -3.51
N SER A 140 -16.64 9.84 -4.26
CA SER A 140 -16.38 9.80 -5.69
C SER A 140 -15.73 11.11 -6.11
N PHE A 141 -15.78 11.40 -7.41
CA PHE A 141 -15.06 12.53 -8.00
C PHE A 141 -15.69 12.81 -9.35
N PHE A 142 -15.21 13.89 -10.00
CA PHE A 142 -15.61 14.17 -11.37
C PHE A 142 -15.27 12.99 -12.26
N SER A 143 -16.25 12.54 -13.05
CA SER A 143 -16.07 11.31 -13.83
C SER A 143 -14.99 11.46 -14.89
N ARG A 144 -14.80 12.66 -15.43
CA ARG A 144 -13.84 12.90 -16.50
C ARG A 144 -12.49 13.38 -15.99
N LEU A 145 -12.32 13.50 -14.68
CA LEU A 145 -11.08 13.96 -14.09
C LEU A 145 -10.48 12.89 -13.19
N ASN A 146 -9.15 12.87 -13.12
CA ASN A 146 -8.39 11.85 -12.39
C ASN A 146 -7.51 12.52 -11.35
N TRP A 147 -7.90 12.42 -10.08
CA TRP A 147 -7.17 13.05 -8.98
C TRP A 147 -5.96 12.19 -8.62
N LEU A 148 -4.77 12.65 -9.01
CA LEU A 148 -3.54 11.93 -8.73
C LEU A 148 -2.94 12.39 -7.40
N HIS A 149 -2.64 11.42 -6.54
CA HIS A 149 -1.97 11.70 -5.27
C HIS A 149 -0.81 10.72 -5.11
N GLU A 150 0.04 10.98 -4.11
CA GLU A 150 1.26 10.20 -3.95
C GLU A 150 0.95 8.73 -3.67
N SER A 151 1.92 7.88 -3.98
CA SER A 151 1.82 6.45 -3.72
C SER A 151 3.07 6.01 -2.96
N GLU A 152 2.86 5.21 -1.91
CA GLU A 152 3.94 4.76 -1.02
C GLU A 152 4.87 5.90 -0.62
N TYR A 153 4.29 7.07 -0.42
CA TYR A 153 4.98 8.28 0.05
C TYR A 153 6.01 8.78 -0.97
N LYS A 154 5.55 9.02 -2.19
CA LYS A 154 6.26 9.89 -3.12
C LYS A 154 5.38 10.20 -4.32
N TYR A 155 5.67 11.33 -4.95
CA TYR A 155 4.98 11.83 -6.14
C TYR A 155 6.08 12.18 -7.13
N PRO A 156 6.47 11.24 -7.99
CA PRO A 156 7.61 11.47 -8.87
C PRO A 156 7.27 12.42 -10.02
N ALA A 157 8.32 13.03 -10.56
CA ALA A 157 8.19 14.01 -11.64
C ALA A 157 7.48 13.41 -12.84
N LEU A 158 6.16 13.61 -12.92
CA LEU A 158 5.39 13.10 -14.05
C LEU A 158 5.78 13.80 -15.34
N ASN A 159 5.96 13.02 -16.40
CA ASN A 159 6.28 13.56 -17.73
C ASN A 159 5.60 12.64 -18.74
N VAL A 160 4.35 12.96 -19.08
CA VAL A 160 3.49 12.11 -19.88
C VAL A 160 3.13 12.83 -21.16
N THR A 161 3.06 12.07 -22.26
CA THR A 161 2.76 12.62 -23.56
C THR A 161 1.55 11.92 -24.18
N MET A 162 0.88 12.61 -25.09
CA MET A 162 -0.20 11.99 -25.85
C MET A 162 -0.31 12.61 -27.24
N PRO A 163 -0.02 11.83 -28.29
CA PRO A 163 -0.07 12.38 -29.65
C PRO A 163 -1.48 12.43 -30.23
N ASN A 164 -1.75 13.50 -30.95
CA ASN A 164 -2.96 13.59 -31.78
C ASN A 164 -2.58 13.15 -33.17
N ASN A 165 -2.78 11.87 -33.44
CA ASN A 165 -2.57 11.32 -34.78
C ASN A 165 -3.88 11.16 -35.55
N GLY A 166 -5.01 11.54 -34.95
CA GLY A 166 -6.27 11.51 -35.64
C GLY A 166 -6.44 12.71 -36.56
N LYS A 167 -7.53 12.66 -37.33
CA LYS A 167 -7.85 13.71 -38.30
C LYS A 167 -8.87 14.70 -37.76
N PHE A 168 -8.87 14.94 -36.46
CA PHE A 168 -9.77 15.93 -35.86
C PHE A 168 -9.08 16.52 -34.63
N ASP A 169 -9.69 17.57 -34.08
CA ASP A 169 -9.14 18.27 -32.95
C ASP A 169 -9.55 17.60 -31.64
N LYS A 170 -8.64 17.65 -30.66
CA LYS A 170 -8.85 17.08 -29.34
C LYS A 170 -9.03 18.21 -28.32
N LEU A 171 -10.06 18.11 -27.50
CA LEU A 171 -10.28 19.03 -26.39
C LEU A 171 -9.98 18.30 -25.09
N TYR A 172 -8.94 18.74 -24.39
CA TYR A 172 -8.50 18.12 -23.14
C TYR A 172 -8.90 19.00 -21.96
N ILE A 173 -9.53 18.41 -20.95
CA ILE A 173 -9.93 19.13 -19.74
C ILE A 173 -9.13 18.57 -18.58
N TRP A 174 -8.51 19.47 -17.81
CA TRP A 174 -7.65 19.10 -16.69
C TRP A 174 -7.79 20.16 -15.61
N GLY A 175 -7.13 19.94 -14.48
CA GLY A 175 -7.28 20.89 -13.40
C GLY A 175 -6.10 20.88 -12.45
N VAL A 176 -6.19 21.73 -11.43
CA VAL A 176 -5.16 21.90 -10.40
C VAL A 176 -5.86 21.95 -9.05
N HIS A 177 -5.37 21.17 -8.09
CA HIS A 177 -5.94 21.17 -6.75
C HIS A 177 -5.27 22.22 -5.88
N HIS A 178 -6.09 22.96 -5.14
CA HIS A 178 -5.63 23.97 -4.21
C HIS A 178 -5.96 23.52 -2.80
N PRO A 179 -5.01 22.93 -2.07
CA PRO A 179 -5.31 22.46 -0.71
C PRO A 179 -5.55 23.61 0.25
N SER A 180 -6.24 23.29 1.34
CA SER A 180 -6.57 24.31 2.34
C SER A 180 -5.41 24.61 3.27
N THR A 181 -4.56 23.62 3.55
CA THR A 181 -3.51 23.78 4.54
C THR A 181 -2.25 23.02 4.09
N ASP A 182 -1.14 23.35 4.74
CA ASP A 182 0.13 22.73 4.39
C ASP A 182 0.14 21.24 4.73
N ARG A 183 -0.51 20.86 5.82
CA ARG A 183 -0.72 19.45 6.13
C ARG A 183 -1.29 18.71 4.92
N GLU A 184 -2.41 19.22 4.39
CA GLU A 184 -3.05 18.63 3.22
C GLU A 184 -2.06 18.48 2.07
N GLN A 185 -1.33 19.56 1.76
CA GLN A 185 -0.42 19.57 0.62
C GLN A 185 0.58 18.41 0.69
N THR A 186 1.23 18.23 1.84
CA THR A 186 2.21 17.16 1.97
C THR A 186 1.54 15.79 2.11
N ASN A 187 0.36 15.74 2.74
CA ASN A 187 -0.33 14.46 2.87
C ASN A 187 -0.72 13.88 1.51
N LEU A 188 -1.15 14.76 0.58
CA LEU A 188 -1.57 14.30 -0.74
C LEU A 188 -0.44 14.27 -1.75
N TYR A 189 0.46 15.26 -1.72
CA TYR A 189 1.45 15.41 -2.77
C TYR A 189 2.90 15.35 -2.28
N VAL A 190 3.13 15.45 -0.97
CA VAL A 190 4.41 15.10 -0.36
C VAL A 190 5.48 16.15 -0.70
N ARG A 191 5.05 17.27 -1.30
CA ARG A 191 5.94 18.37 -1.63
C ARG A 191 5.33 19.69 -1.20
N ALA A 192 6.15 20.56 -0.61
CA ALA A 192 5.65 21.82 -0.06
C ALA A 192 5.08 22.76 -1.12
N SER A 193 5.41 22.55 -2.39
CA SER A 193 4.88 23.39 -3.46
C SER A 193 4.74 22.57 -4.73
N GLY A 194 3.54 22.55 -5.29
CA GLY A 194 3.28 21.86 -6.53
C GLY A 194 3.47 22.76 -7.74
N ARG A 195 3.14 22.20 -8.91
CA ARG A 195 3.38 22.85 -10.19
C ARG A 195 2.86 21.97 -11.33
N VAL A 196 2.16 22.57 -12.29
CA VAL A 196 1.56 21.82 -13.39
C VAL A 196 1.82 22.59 -14.69
N THR A 197 2.43 21.90 -15.67
CA THR A 197 2.77 22.50 -16.96
C THR A 197 2.29 21.59 -18.09
N VAL A 198 1.11 21.86 -18.60
CA VAL A 198 0.64 21.23 -19.83
C VAL A 198 1.08 22.10 -21.00
N SER A 199 1.37 21.46 -22.14
CA SER A 199 1.97 22.21 -23.22
C SER A 199 1.73 21.53 -24.56
N THR A 200 1.80 22.33 -25.62
CA THR A 200 1.79 21.85 -26.99
C THR A 200 2.97 22.45 -27.72
N LYS A 201 3.03 22.29 -29.04
CA LYS A 201 4.08 22.96 -29.81
C LYS A 201 3.86 24.47 -29.85
N ARG A 202 2.59 24.91 -29.73
CA ARG A 202 2.31 26.34 -29.73
C ARG A 202 2.40 26.93 -28.32
N SER A 203 1.95 26.19 -27.32
CA SER A 203 1.48 26.81 -26.09
C SER A 203 2.02 26.10 -24.87
N GLN A 204 1.80 26.77 -23.73
CA GLN A 204 2.31 26.35 -22.43
C GLN A 204 1.51 27.13 -21.41
N GLN A 205 0.68 26.43 -20.64
CA GLN A 205 -0.04 27.06 -19.54
C GLN A 205 0.40 26.39 -18.25
N THR A 206 1.09 27.14 -17.41
CA THR A 206 1.63 26.62 -16.17
C THR A 206 0.87 27.22 -15.00
N VAL A 207 0.42 26.37 -14.08
CA VAL A 207 -0.36 26.77 -12.93
C VAL A 207 0.44 26.43 -11.67
N ILE A 208 0.53 27.38 -10.77
CA ILE A 208 1.08 27.17 -9.43
C ILE A 208 -0.09 27.09 -8.45
N PRO A 209 -0.20 26.03 -7.65
CA PRO A 209 -1.28 25.98 -6.66
C PRO A 209 -0.96 26.85 -5.46
N ASN A 210 -1.98 27.50 -4.92
CA ASN A 210 -1.83 28.47 -3.83
C ASN A 210 -2.60 27.94 -2.62
N ILE A 211 -1.86 27.34 -1.68
CA ILE A 211 -2.48 26.77 -0.49
C ILE A 211 -3.01 27.89 0.40
N GLY A 212 -4.24 27.74 0.86
CA GLY A 212 -4.83 28.75 1.70
C GLY A 212 -6.31 28.49 1.90
N SER A 213 -6.92 29.39 2.67
CA SER A 213 -8.31 29.23 3.08
C SER A 213 -9.27 29.85 2.06
N ARG A 214 -10.35 29.14 1.79
CA ARG A 214 -11.51 29.59 1.03
C ARG A 214 -12.75 29.18 1.81
N PRO A 215 -13.85 29.91 1.66
CA PRO A 215 -15.03 29.66 2.49
C PRO A 215 -15.60 28.26 2.29
N TRP A 216 -16.32 27.81 3.32
CA TRP A 216 -16.90 26.48 3.36
C TRP A 216 -17.92 26.29 2.24
N VAL A 217 -17.69 25.33 1.37
CA VAL A 217 -18.61 24.97 0.29
C VAL A 217 -18.70 23.46 0.22
N ARG A 218 -19.87 22.92 0.52
CA ARG A 218 -20.13 21.47 0.44
C ARG A 218 -19.10 20.68 1.23
N GLY A 219 -18.73 21.20 2.40
CA GLY A 219 -17.89 20.50 3.34
C GLY A 219 -16.41 20.85 3.30
N LEU A 220 -15.95 21.56 2.27
CA LEU A 220 -14.53 21.76 2.05
C LEU A 220 -14.19 23.24 1.96
N SER A 221 -12.99 23.57 2.45
CA SER A 221 -12.36 24.86 2.20
C SER A 221 -11.33 24.79 1.09
N SER A 222 -11.15 23.64 0.47
CA SER A 222 -10.25 23.47 -0.67
C SER A 222 -10.97 23.80 -1.97
N ARG A 223 -10.18 23.95 -3.04
CA ARG A 223 -10.71 24.32 -4.34
C ARG A 223 -9.96 23.59 -5.44
N ILE A 224 -10.51 23.68 -6.65
CA ILE A 224 -9.86 23.19 -7.87
C ILE A 224 -10.08 24.23 -8.96
N SER A 225 -9.04 24.51 -9.73
CA SER A 225 -9.13 25.42 -10.86
C SER A 225 -9.12 24.61 -12.15
N ILE A 226 -10.06 24.91 -13.06
CA ILE A 226 -10.29 24.12 -14.26
C ILE A 226 -9.69 24.84 -15.45
N TYR A 227 -8.97 24.10 -16.29
CA TYR A 227 -8.30 24.65 -17.46
C TYR A 227 -8.49 23.70 -18.63
N TRP A 228 -8.22 24.21 -19.83
CA TRP A 228 -8.37 23.40 -21.04
C TRP A 228 -7.21 23.65 -22.00
N THR A 229 -6.95 22.64 -22.82
CA THR A 229 -5.93 22.71 -23.87
C THR A 229 -6.46 21.98 -25.10
N ILE A 230 -6.34 22.61 -26.26
CA ILE A 230 -6.79 22.02 -27.52
C ILE A 230 -5.56 21.60 -28.30
N VAL A 231 -5.54 20.34 -28.75
CA VAL A 231 -4.41 19.76 -29.46
C VAL A 231 -4.80 19.56 -30.92
N LYS A 232 -3.99 20.12 -31.83
CA LYS A 232 -4.25 20.00 -33.26
C LYS A 232 -3.61 18.75 -33.82
N PRO A 233 -4.15 18.20 -34.90
CA PRO A 233 -3.53 17.05 -35.55
C PRO A 233 -2.06 17.30 -35.85
N GLY A 234 -1.23 16.29 -35.57
CA GLY A 234 0.20 16.40 -35.69
C GLY A 234 0.89 17.02 -34.50
N ASP A 235 0.14 17.67 -33.61
CA ASP A 235 0.70 18.17 -32.37
C ASP A 235 0.66 17.06 -31.32
N ILE A 236 1.09 17.39 -30.10
CA ILE A 236 1.23 16.42 -29.04
C ILE A 236 0.95 17.12 -27.71
N LEU A 237 0.31 16.41 -26.79
CA LEU A 237 0.05 16.92 -25.46
C LEU A 237 1.14 16.41 -24.52
N LEU A 238 1.77 17.33 -23.79
CA LEU A 238 2.81 16.97 -22.82
C LEU A 238 2.43 17.58 -21.47
N ILE A 239 2.34 16.73 -20.45
CA ILE A 239 2.01 17.16 -19.10
C ILE A 239 3.21 16.86 -18.21
N ASN A 240 3.74 17.88 -17.55
CA ASN A 240 4.81 17.74 -16.57
C ASN A 240 4.33 18.37 -15.28
N SER A 241 4.28 17.58 -14.20
CA SER A 241 3.72 18.06 -12.95
C SER A 241 4.46 17.45 -11.77
N THR A 242 4.82 18.30 -10.80
CA THR A 242 5.37 17.82 -9.54
C THR A 242 4.36 18.05 -8.42
N GLY A 243 3.17 17.47 -8.57
CA GLY A 243 2.15 17.51 -7.55
C GLY A 243 0.99 18.42 -7.95
N ASN A 244 -0.17 18.16 -7.33
CA ASN A 244 -1.40 18.95 -7.40
C ASN A 244 -2.10 18.86 -8.74
N LEU A 245 -1.71 17.92 -9.61
CA LEU A 245 -2.33 17.81 -10.91
C LEU A 245 -3.66 17.06 -10.83
N ILE A 246 -4.70 17.66 -11.38
CA ILE A 246 -5.97 16.98 -11.63
C ILE A 246 -5.93 16.57 -13.10
N ALA A 247 -5.63 15.30 -13.34
CA ALA A 247 -5.29 14.84 -14.67
C ALA A 247 -6.53 14.58 -15.52
N PRO A 248 -6.42 14.69 -16.83
CA PRO A 248 -7.51 14.27 -17.71
C PRO A 248 -7.52 12.76 -17.88
N ARG A 249 -8.71 12.23 -18.14
CA ARG A 249 -8.87 10.82 -18.45
C ARG A 249 -8.97 10.57 -19.95
N GLY A 250 -8.95 11.63 -20.75
CA GLY A 250 -9.12 11.51 -22.19
C GLY A 250 -9.44 12.87 -22.77
N TYR A 251 -10.12 12.85 -23.92
CA TYR A 251 -10.43 14.08 -24.62
C TYR A 251 -11.91 14.12 -24.99
N PHE A 252 -12.38 15.34 -25.25
CA PHE A 252 -13.63 15.56 -25.97
C PHE A 252 -13.29 15.95 -27.39
N LYS A 253 -14.03 15.42 -28.36
CA LYS A 253 -13.80 15.82 -29.75
C LYS A 253 -14.56 17.10 -30.04
N ILE A 254 -13.88 18.06 -30.64
CA ILE A 254 -14.47 19.34 -30.98
C ILE A 254 -15.04 19.25 -32.39
N ARG A 255 -16.31 19.64 -32.52
CA ARG A 255 -16.97 19.76 -33.81
C ARG A 255 -17.23 21.23 -34.10
N THR A 256 -17.48 21.53 -35.36
CA THR A 256 -17.97 22.82 -35.78
C THR A 256 -19.37 22.64 -36.37
N GLY A 257 -20.27 23.56 -36.05
CA GLY A 257 -21.63 23.42 -36.54
C GLY A 257 -22.53 24.51 -36.00
N LYS A 258 -23.82 24.17 -35.91
CA LYS A 258 -24.87 25.13 -35.61
C LYS A 258 -25.31 25.08 -34.15
N SER A 259 -24.53 24.45 -33.28
CA SER A 259 -24.94 24.24 -31.90
C SER A 259 -24.68 25.50 -31.06
N SER A 260 -25.44 25.62 -29.98
CA SER A 260 -25.29 26.74 -29.06
C SER A 260 -25.92 26.38 -27.72
N ILE A 261 -26.03 27.38 -26.84
CA ILE A 261 -26.56 27.21 -25.49
C ILE A 261 -27.49 28.38 -25.20
N MET A 262 -28.49 28.14 -24.35
CA MET A 262 -29.48 29.15 -24.03
C MET A 262 -29.94 28.96 -22.59
N ARG A 263 -30.08 30.06 -21.88
CA ARG A 263 -30.60 30.05 -20.52
C ARG A 263 -32.11 30.25 -20.58
N SER A 264 -32.86 29.27 -20.09
CA SER A 264 -34.31 29.34 -20.14
C SER A 264 -34.91 28.39 -19.11
N ASP A 265 -36.02 28.82 -18.51
CA ASP A 265 -36.83 27.96 -17.66
C ASP A 265 -38.10 27.49 -18.37
N ALA A 266 -38.18 27.67 -19.69
CA ALA A 266 -39.37 27.29 -20.42
C ALA A 266 -39.47 25.78 -20.56
N PRO A 267 -40.66 25.21 -20.40
CA PRO A 267 -40.79 23.75 -20.50
C PRO A 267 -40.62 23.27 -21.94
N ILE A 268 -40.06 22.07 -22.08
CA ILE A 268 -39.83 21.49 -23.39
C ILE A 268 -41.11 20.80 -23.84
N GLY A 269 -41.63 21.22 -25.00
CA GLY A 269 -42.84 20.63 -25.53
C GLY A 269 -42.59 19.85 -26.81
N THR A 270 -43.51 18.95 -27.14
CA THR A 270 -43.42 18.17 -28.38
C THR A 270 -44.17 18.91 -29.47
N CYS A 271 -43.43 19.65 -30.29
CA CYS A 271 -43.98 20.41 -31.41
C CYS A 271 -42.82 20.77 -32.32
N SER A 272 -43.13 21.55 -33.36
CA SER A 272 -42.13 21.96 -34.34
C SER A 272 -42.18 23.48 -34.52
N SER A 273 -41.03 24.13 -34.37
CA SER A 273 -40.92 25.56 -34.60
C SER A 273 -39.46 25.90 -34.84
N GLU A 274 -39.19 26.68 -35.89
CA GLU A 274 -37.82 26.97 -36.27
C GLU A 274 -37.15 27.92 -35.28
N CYS A 275 -37.91 28.79 -34.63
CA CYS A 275 -37.36 29.85 -33.80
C CYS A 275 -37.55 29.53 -32.33
N ILE A 276 -36.49 29.69 -31.54
CA ILE A 276 -36.50 29.43 -30.11
C ILE A 276 -36.05 30.69 -29.38
N THR A 277 -36.80 31.05 -28.34
CA THR A 277 -36.44 32.11 -27.41
C THR A 277 -36.46 31.55 -26.00
N PRO A 278 -35.82 32.24 -25.04
CA PRO A 278 -35.97 31.83 -23.64
C PRO A 278 -37.42 31.85 -23.16
N ASN A 279 -38.27 32.69 -23.76
CA ASN A 279 -39.68 32.69 -23.46
C ASN A 279 -40.41 31.48 -24.02
N GLY A 280 -39.77 30.74 -24.91
CA GLY A 280 -40.39 29.67 -25.66
C GLY A 280 -40.27 29.89 -27.16
N SER A 281 -40.71 28.88 -27.90
CA SER A 281 -40.67 28.97 -29.36
C SER A 281 -41.68 29.98 -29.87
N ILE A 282 -41.35 30.63 -30.98
CA ILE A 282 -42.25 31.58 -31.62
C ILE A 282 -42.31 31.31 -33.11
N PRO A 283 -43.45 31.54 -33.76
CA PRO A 283 -43.49 31.46 -35.22
C PRO A 283 -42.61 32.54 -35.85
N ASN A 284 -42.13 32.26 -37.07
CA ASN A 284 -41.27 33.16 -37.79
C ASN A 284 -41.92 33.66 -39.08
N ASP A 285 -43.25 33.73 -39.10
CA ASP A 285 -43.94 34.23 -40.28
C ASP A 285 -43.88 35.74 -40.39
N LYS A 286 -43.67 36.46 -39.29
CA LYS A 286 -43.48 37.90 -39.31
C LYS A 286 -42.00 38.25 -39.38
N PRO A 287 -41.65 39.38 -39.98
CA PRO A 287 -40.23 39.72 -40.13
C PRO A 287 -39.57 40.23 -38.86
N PHE A 288 -40.33 40.72 -37.88
CA PHE A 288 -39.78 41.29 -36.67
C PHE A 288 -40.42 40.66 -35.44
N GLN A 289 -39.75 40.82 -34.30
CA GLN A 289 -40.26 40.26 -33.06
C GLN A 289 -39.79 41.12 -31.88
N ASN A 290 -40.62 41.12 -30.83
CA ASN A 290 -40.35 41.88 -29.61
C ASN A 290 -40.28 40.96 -28.40
N VAL A 291 -40.13 39.66 -28.62
CA VAL A 291 -40.20 38.69 -27.53
C VAL A 291 -38.92 38.69 -26.72
N ASN A 292 -37.77 38.55 -27.38
CA ASN A 292 -36.51 38.45 -26.66
C ASN A 292 -35.35 38.76 -27.61
N ARG A 293 -34.36 39.49 -27.10
CA ARG A 293 -33.14 39.73 -27.86
C ARG A 293 -32.36 38.44 -28.09
N ILE A 294 -32.59 37.42 -27.28
CA ILE A 294 -31.93 36.12 -27.41
C ILE A 294 -32.80 35.22 -28.27
N THR A 295 -32.24 34.75 -29.39
CA THR A 295 -32.96 33.84 -30.28
C THR A 295 -32.00 32.75 -30.76
N TYR A 296 -32.60 31.68 -31.30
CA TYR A 296 -31.84 30.60 -31.93
C TYR A 296 -32.67 30.05 -33.08
N GLY A 297 -32.04 29.88 -34.23
CA GLY A 297 -32.71 29.37 -35.40
C GLY A 297 -33.12 30.46 -36.38
N ALA A 298 -34.06 30.10 -37.25
CA ALA A 298 -34.62 31.01 -38.24
C ALA A 298 -35.64 31.89 -37.53
N CYS A 299 -35.24 33.09 -37.16
CA CYS A 299 -36.03 33.92 -36.27
C CYS A 299 -36.30 35.29 -36.88
N PRO A 300 -37.44 35.90 -36.52
CA PRO A 300 -37.61 37.32 -36.82
C PRO A 300 -36.58 38.16 -36.09
N ARG A 301 -36.26 39.31 -36.67
CA ARG A 301 -35.24 40.17 -36.09
C ARG A 301 -35.83 40.95 -34.92
N TYR A 302 -35.07 41.03 -33.82
CA TYR A 302 -35.58 41.69 -32.63
C TYR A 302 -35.56 43.21 -32.80
N VAL A 303 -36.68 43.85 -32.44
CA VAL A 303 -36.81 45.31 -32.47
C VAL A 303 -37.43 45.73 -31.15
N LYS A 304 -37.33 47.03 -30.86
CA LYS A 304 -37.86 47.55 -29.61
C LYS A 304 -39.37 47.78 -29.67
N GLN A 305 -39.92 48.01 -30.86
CA GLN A 305 -41.35 48.19 -30.99
C GLN A 305 -42.07 46.88 -30.71
N ASN A 306 -43.22 46.97 -30.04
CA ASN A 306 -44.08 45.82 -29.82
C ASN A 306 -45.13 45.65 -30.90
N THR A 307 -45.33 46.66 -31.76
CA THR A 307 -46.29 46.56 -32.85
C THR A 307 -45.83 47.47 -33.99
N LEU A 308 -45.99 46.96 -35.22
CA LEU A 308 -45.76 47.73 -36.43
C LEU A 308 -46.79 47.28 -37.45
N LYS A 309 -47.74 48.17 -37.77
CA LYS A 309 -48.86 47.82 -38.63
C LYS A 309 -48.51 48.16 -40.08
N LEU A 310 -48.53 47.15 -40.93
CA LEU A 310 -48.31 47.32 -42.36
C LEU A 310 -49.66 47.39 -43.07
N ALA A 311 -49.95 48.53 -43.68
CA ALA A 311 -51.21 48.70 -44.38
C ALA A 311 -51.34 47.69 -45.52
N THR A 312 -52.48 47.00 -45.56
CA THR A 312 -52.77 46.04 -46.62
C THR A 312 -54.03 46.42 -47.40
N GLY A 313 -54.40 47.70 -47.35
CA GLY A 313 -55.55 48.20 -48.09
C GLY A 313 -55.43 49.69 -48.24
N MET A 314 -56.36 50.25 -49.01
CA MET A 314 -56.35 51.68 -49.30
C MET A 314 -56.70 52.48 -48.04
N ARG A 315 -56.70 53.80 -48.18
CA ARG A 315 -57.18 54.63 -47.09
C ARG A 315 -58.68 54.43 -46.91
N ASN A 316 -59.12 54.37 -45.66
CA ASN A 316 -60.52 54.16 -45.34
C ASN A 316 -61.22 55.50 -45.15
N VAL A 317 -62.19 55.77 -46.02
CA VAL A 317 -62.96 57.01 -45.94
C VAL A 317 -64.41 56.64 -45.70
N PRO A 318 -64.85 56.43 -44.46
CA PRO A 318 -66.20 55.91 -44.25
C PRO A 318 -67.29 56.91 -44.60
N GLU A 319 -67.17 58.13 -44.11
CA GLU A 319 -68.17 59.16 -44.26
C GLU A 319 -67.53 60.43 -44.82
N GLY B 1 -54.34 60.01 -51.37
CA GLY B 1 -53.09 60.68 -51.09
C GLY B 1 -52.59 61.56 -52.22
N ILE B 2 -51.55 61.09 -52.92
CA ILE B 2 -50.82 61.95 -53.84
C ILE B 2 -51.60 62.26 -55.11
N PHE B 3 -52.58 61.45 -55.49
CA PHE B 3 -53.31 61.68 -56.72
C PHE B 3 -54.63 62.41 -56.53
N GLY B 4 -55.09 62.56 -55.29
CA GLY B 4 -56.29 63.35 -55.03
C GLY B 4 -57.60 62.67 -55.35
N ALA B 5 -57.58 61.39 -55.71
CA ALA B 5 -58.83 60.68 -55.96
C ALA B 5 -59.42 60.20 -54.63
N ILE B 6 -58.85 59.14 -54.05
CA ILE B 6 -59.30 58.67 -52.75
C ILE B 6 -59.02 59.74 -51.70
N ALA B 7 -59.98 59.94 -50.80
CA ALA B 7 -59.92 60.96 -49.75
C ALA B 7 -59.73 62.34 -50.37
N GLY B 8 -59.94 62.45 -51.68
CA GLY B 8 -59.75 63.69 -52.40
C GLY B 8 -61.02 64.11 -53.12
N PHE B 9 -60.99 64.13 -54.46
CA PHE B 9 -62.16 64.61 -55.19
C PHE B 9 -63.31 63.60 -55.15
N ILE B 10 -63.03 62.33 -54.86
CA ILE B 10 -64.09 61.41 -54.46
C ILE B 10 -64.43 61.68 -53.00
N GLU B 11 -65.72 61.76 -52.71
CA GLU B 11 -66.14 62.21 -51.38
C GLU B 11 -65.87 61.16 -50.31
N ASN B 12 -66.23 59.91 -50.56
CA ASN B 12 -65.99 58.84 -49.59
C ASN B 12 -66.16 57.50 -50.30
N GLY B 13 -65.83 56.42 -49.57
CA GLY B 13 -65.95 55.08 -50.10
C GLY B 13 -67.36 54.52 -50.04
N TRP B 14 -67.52 53.37 -50.67
CA TRP B 14 -68.80 52.67 -50.74
C TRP B 14 -68.69 51.44 -49.85
N GLU B 15 -69.28 51.51 -48.66
CA GLU B 15 -69.23 50.41 -47.72
C GLU B 15 -70.02 49.20 -48.21
N GLY B 16 -70.98 49.40 -49.11
CA GLY B 16 -71.73 48.30 -49.66
C GLY B 16 -71.05 47.53 -50.76
N MET B 17 -69.87 47.96 -51.21
CA MET B 17 -69.11 47.21 -52.20
C MET B 17 -68.23 46.22 -51.45
N VAL B 18 -68.63 44.94 -51.47
CA VAL B 18 -67.92 43.88 -50.77
C VAL B 18 -67.34 42.86 -51.74
N ASP B 19 -67.40 43.13 -53.04
CA ASP B 19 -66.89 42.22 -54.06
C ASP B 19 -65.75 42.84 -54.87
N GLY B 20 -65.25 43.99 -54.47
CA GLY B 20 -64.15 44.62 -55.20
C GLY B 20 -63.68 45.85 -54.46
N TRP B 21 -62.52 46.34 -54.89
CA TRP B 21 -61.94 47.54 -54.29
C TRP B 21 -62.33 48.81 -55.04
N TYR B 22 -62.49 48.73 -56.35
CA TYR B 22 -62.95 49.85 -57.18
C TYR B 22 -64.14 49.39 -58.00
N GLY B 23 -64.97 50.34 -58.42
CA GLY B 23 -66.15 49.95 -59.16
C GLY B 23 -66.91 51.12 -59.70
N PHE B 24 -68.10 50.81 -60.22
CA PHE B 24 -68.98 51.75 -60.90
C PHE B 24 -70.32 51.80 -60.19
N ARG B 25 -70.89 53.00 -60.09
CA ARG B 25 -72.28 53.19 -59.69
C ARG B 25 -72.96 54.05 -60.74
N HIS B 26 -74.18 53.68 -61.12
CA HIS B 26 -74.85 54.33 -62.23
C HIS B 26 -76.30 54.61 -61.89
N GLN B 27 -76.87 55.57 -62.61
CA GLN B 27 -78.31 55.85 -62.63
C GLN B 27 -78.71 56.10 -64.07
N ASN B 28 -79.73 55.39 -64.54
CA ASN B 28 -80.14 55.51 -65.93
C ASN B 28 -81.66 55.34 -66.00
N SER B 29 -82.16 55.19 -67.23
CA SER B 29 -83.58 55.00 -67.47
C SER B 29 -84.12 53.69 -66.91
N GLU B 30 -83.25 52.77 -66.51
CA GLU B 30 -83.68 51.47 -65.99
C GLU B 30 -83.51 51.34 -64.48
N GLY B 31 -82.87 52.29 -63.82
CA GLY B 31 -82.67 52.20 -62.38
C GLY B 31 -81.28 52.60 -61.95
N THR B 32 -80.80 52.00 -60.86
CA THR B 32 -79.46 52.28 -60.34
C THR B 32 -78.74 50.97 -60.06
N GLY B 33 -77.41 51.01 -60.08
CA GLY B 33 -76.67 49.79 -59.89
C GLY B 33 -75.26 50.04 -59.38
N GLN B 34 -74.62 48.95 -58.99
CA GLN B 34 -73.25 48.97 -58.51
C GLN B 34 -72.53 47.74 -59.03
N ALA B 35 -71.33 47.92 -59.56
CA ALA B 35 -70.56 46.82 -60.11
C ALA B 35 -69.08 47.07 -59.84
N ALA B 36 -68.38 46.04 -59.37
CA ALA B 36 -66.95 46.17 -59.09
C ALA B 36 -66.14 46.04 -60.37
N ASP B 37 -64.98 46.68 -60.38
CA ASP B 37 -64.03 46.58 -61.48
C ASP B 37 -62.90 45.64 -61.06
N LEU B 38 -62.78 44.50 -61.75
CA LEU B 38 -61.81 43.49 -61.37
C LEU B 38 -60.39 43.86 -61.77
N LYS B 39 -60.24 44.56 -62.90
CA LYS B 39 -58.93 45.02 -63.36
C LYS B 39 -58.21 45.81 -62.28
N SER B 40 -58.84 46.88 -61.79
CA SER B 40 -58.19 47.77 -60.85
C SER B 40 -58.02 47.11 -59.48
N THR B 41 -59.01 46.29 -59.07
CA THR B 41 -58.87 45.56 -57.81
C THR B 41 -57.67 44.64 -57.83
N GLN B 42 -57.53 43.84 -58.90
CA GLN B 42 -56.38 42.94 -59.02
C GLN B 42 -55.08 43.72 -59.07
N ALA B 43 -55.07 44.85 -59.78
CA ALA B 43 -53.86 45.67 -59.89
C ALA B 43 -53.36 46.09 -58.52
N ALA B 44 -54.26 46.63 -57.68
CA ALA B 44 -53.85 47.06 -56.35
C ALA B 44 -53.46 45.87 -55.48
N ILE B 45 -54.29 44.83 -55.48
CA ILE B 45 -54.04 43.67 -54.62
C ILE B 45 -52.75 42.96 -55.01
N ASP B 46 -52.45 42.90 -56.31
CA ASP B 46 -51.22 42.25 -56.75
C ASP B 46 -49.99 42.98 -56.22
N GLN B 47 -49.97 44.31 -56.31
CA GLN B 47 -48.83 45.07 -55.83
C GLN B 47 -48.68 44.95 -54.32
N ILE B 48 -49.79 44.92 -53.59
CA ILE B 48 -49.71 44.77 -52.14
C ILE B 48 -49.25 43.35 -51.78
N ASN B 49 -49.77 42.35 -52.50
CA ASN B 49 -49.24 40.99 -52.32
C ASN B 49 -47.76 40.94 -52.68
N GLY B 50 -47.34 41.73 -53.67
CA GLY B 50 -45.93 41.78 -54.01
C GLY B 50 -45.06 42.23 -52.86
N LYS B 51 -45.48 43.28 -52.15
CA LYS B 51 -44.67 43.75 -51.03
C LYS B 51 -44.78 42.82 -49.83
N LEU B 52 -45.92 42.13 -49.68
CA LEU B 52 -46.01 41.11 -48.64
C LEU B 52 -44.98 40.01 -48.86
N ASN B 53 -44.81 39.56 -50.11
CA ASN B 53 -43.85 38.51 -50.40
C ASN B 53 -42.41 39.00 -50.23
N ARG B 54 -42.15 40.26 -50.58
CA ARG B 54 -40.81 40.82 -50.40
C ARG B 54 -40.43 40.87 -48.92
N LEU B 55 -41.41 40.86 -48.01
CA LEU B 55 -41.15 40.98 -46.58
C LEU B 55 -41.07 39.65 -45.86
N ILE B 56 -41.66 38.58 -46.41
CA ILE B 56 -41.53 37.25 -45.81
C ILE B 56 -40.27 36.54 -46.29
N GLU B 57 -39.44 37.21 -47.09
CA GLU B 57 -38.19 36.64 -47.59
C GLU B 57 -37.12 36.49 -46.52
N LYS B 58 -37.35 37.04 -45.32
CA LYS B 58 -36.28 37.33 -44.37
C LYS B 58 -35.33 36.15 -44.19
N THR B 59 -34.05 36.47 -44.08
CA THR B 59 -32.97 35.50 -43.95
C THR B 59 -32.20 35.80 -42.67
N ASN B 60 -32.82 35.56 -41.52
CA ASN B 60 -32.20 35.77 -40.22
C ASN B 60 -32.18 34.45 -39.46
N GLU B 61 -31.32 33.55 -39.90
CA GLU B 61 -31.04 32.30 -39.19
C GLU B 61 -29.72 32.48 -38.44
N LYS B 62 -29.80 32.58 -37.12
CA LYS B 62 -28.64 32.77 -36.27
C LYS B 62 -28.59 31.66 -35.23
N PHE B 63 -27.37 31.25 -34.88
CA PHE B 63 -27.20 30.14 -33.97
C PHE B 63 -26.38 30.56 -32.75
N HIS B 64 -25.13 30.14 -32.64
CA HIS B 64 -24.29 30.60 -31.53
C HIS B 64 -23.87 32.03 -31.77
N GLN B 65 -24.22 32.92 -30.84
CA GLN B 65 -23.91 34.33 -30.98
C GLN B 65 -23.10 34.81 -29.78
N ILE B 66 -23.52 35.91 -29.16
CA ILE B 66 -22.90 36.41 -27.95
C ILE B 66 -23.92 36.37 -26.83
N GLU B 67 -23.43 36.35 -25.60
CA GLU B 67 -24.31 36.39 -24.45
C GLU B 67 -24.88 37.80 -24.28
N LYS B 68 -26.13 37.86 -23.87
CA LYS B 68 -26.84 39.14 -23.78
C LYS B 68 -27.47 39.39 -22.42
N GLU B 69 -27.29 38.49 -21.46
CA GLU B 69 -27.67 38.70 -20.07
C GLU B 69 -26.50 38.32 -19.18
N PHE B 70 -26.29 39.08 -18.10
CA PHE B 70 -25.12 38.88 -17.26
C PHE B 70 -25.53 39.01 -15.80
N SER B 71 -25.10 38.05 -14.99
CA SER B 71 -25.38 38.06 -13.56
C SER B 71 -24.25 38.64 -12.72
N GLU B 72 -23.09 38.89 -13.32
CA GLU B 72 -21.93 39.41 -12.59
C GLU B 72 -21.43 40.70 -13.24
N VAL B 73 -20.86 41.57 -12.41
CA VAL B 73 -20.21 42.78 -12.89
C VAL B 73 -18.82 42.42 -13.39
N GLU B 74 -18.56 42.71 -14.65
CA GLU B 74 -17.28 42.34 -15.28
C GLU B 74 -16.51 43.55 -15.81
N GLY B 75 -17.20 44.56 -16.33
CA GLY B 75 -16.52 45.76 -16.78
C GLY B 75 -16.40 45.91 -18.28
N ARG B 76 -15.16 46.12 -18.76
CA ARG B 76 -14.91 46.52 -20.14
C ARG B 76 -15.55 45.57 -21.14
N ILE B 77 -15.20 44.28 -21.08
CA ILE B 77 -15.72 43.33 -22.06
C ILE B 77 -17.24 43.29 -22.04
N GLN B 78 -17.83 43.27 -20.84
CA GLN B 78 -19.29 43.30 -20.76
C GLN B 78 -19.85 44.61 -21.31
N ASP B 79 -19.17 45.72 -21.04
CA ASP B 79 -19.60 47.00 -21.61
C ASP B 79 -19.67 46.92 -23.13
N LEU B 80 -18.66 46.31 -23.76
CA LEU B 80 -18.64 46.21 -25.21
C LEU B 80 -19.73 45.28 -25.73
N GLU B 81 -19.92 44.13 -25.08
CA GLU B 81 -20.96 43.20 -25.49
C GLU B 81 -22.34 43.85 -25.39
N LYS B 82 -22.60 44.58 -24.31
CA LYS B 82 -23.86 45.28 -24.18
C LYS B 82 -24.01 46.37 -25.23
N TYR B 83 -22.94 47.13 -25.47
CA TYR B 83 -22.99 48.21 -26.47
C TYR B 83 -23.26 47.65 -27.86
N VAL B 84 -22.67 46.50 -28.19
CA VAL B 84 -22.87 45.93 -29.52
C VAL B 84 -24.33 45.54 -29.73
N GLU B 85 -24.92 44.87 -28.74
CA GLU B 85 -26.30 44.45 -28.87
C GLU B 85 -27.25 45.65 -28.89
N ASP B 86 -27.00 46.63 -28.02
CA ASP B 86 -27.81 47.84 -28.03
C ASP B 86 -27.69 48.57 -29.36
N THR B 87 -26.47 48.66 -29.91
CA THR B 87 -26.29 49.30 -31.20
C THR B 87 -27.06 48.57 -32.30
N LYS B 88 -26.97 47.24 -32.31
CA LYS B 88 -27.65 46.45 -33.34
C LYS B 88 -29.16 46.62 -33.27
N ILE B 89 -29.72 46.59 -32.06
CA ILE B 89 -31.18 46.66 -31.91
C ILE B 89 -31.69 48.03 -32.32
N ASP B 90 -30.96 49.10 -31.99
CA ASP B 90 -31.39 50.43 -32.38
C ASP B 90 -31.44 50.58 -33.90
N LEU B 91 -30.44 50.02 -34.60
CA LEU B 91 -30.41 50.16 -36.05
C LEU B 91 -31.50 49.33 -36.70
N TRP B 92 -31.76 48.12 -36.19
CA TRP B 92 -32.83 47.32 -36.76
C TRP B 92 -34.20 47.89 -36.41
N SER B 93 -34.35 48.42 -35.20
CA SER B 93 -35.59 49.11 -34.84
C SER B 93 -35.85 50.28 -35.78
N TYR B 94 -34.79 51.02 -36.13
CA TYR B 94 -34.95 52.11 -37.09
C TYR B 94 -35.34 51.58 -38.47
N ASN B 95 -34.70 50.51 -38.92
CA ASN B 95 -35.04 49.92 -40.21
C ASN B 95 -36.52 49.54 -40.26
N ALA B 96 -37.02 48.96 -39.17
CA ALA B 96 -38.43 48.55 -39.14
C ALA B 96 -39.36 49.76 -39.15
N GLU B 97 -39.01 50.81 -38.38
CA GLU B 97 -39.85 52.00 -38.35
C GLU B 97 -39.86 52.71 -39.69
N LEU B 98 -38.69 52.82 -40.32
CA LEU B 98 -38.61 53.46 -41.63
C LEU B 98 -39.32 52.63 -42.69
N LEU B 99 -39.20 51.30 -42.61
CA LEU B 99 -39.79 50.45 -43.63
C LEU B 99 -41.31 50.59 -43.67
N VAL B 100 -41.97 50.60 -42.51
CA VAL B 100 -43.43 50.69 -42.50
C VAL B 100 -43.88 52.07 -42.97
N ALA B 101 -43.13 53.12 -42.63
CA ALA B 101 -43.52 54.46 -43.06
C ALA B 101 -43.42 54.60 -44.56
N LEU B 102 -42.34 54.09 -45.15
CA LEU B 102 -42.21 54.07 -46.60
C LEU B 102 -43.29 53.20 -47.24
N GLU B 103 -43.45 51.97 -46.74
CA GLU B 103 -44.38 51.04 -47.36
C GLU B 103 -45.82 51.56 -47.29
N ASN B 104 -46.21 52.07 -46.12
CA ASN B 104 -47.60 52.52 -45.96
C ASN B 104 -47.88 53.77 -46.79
N GLN B 105 -46.95 54.73 -46.80
CA GLN B 105 -47.09 55.88 -47.68
C GLN B 105 -47.23 55.45 -49.14
N HIS B 106 -46.41 54.49 -49.57
CA HIS B 106 -46.49 54.01 -50.94
C HIS B 106 -47.77 53.22 -51.18
N THR B 107 -48.24 52.47 -50.18
CA THR B 107 -49.48 51.73 -50.34
C THR B 107 -50.65 52.68 -50.56
N ILE B 108 -50.80 53.68 -49.69
CA ILE B 108 -51.88 54.65 -49.84
C ILE B 108 -51.82 55.31 -51.22
N ASP B 109 -50.62 55.70 -51.65
CA ASP B 109 -50.50 56.39 -52.93
C ASP B 109 -50.79 55.46 -54.10
N LEU B 110 -50.42 54.19 -54.00
CA LEU B 110 -50.64 53.29 -55.13
C LEU B 110 -52.12 52.94 -55.29
N THR B 111 -52.85 52.82 -54.18
CA THR B 111 -54.30 52.64 -54.29
C THR B 111 -54.96 53.89 -54.83
N ASP B 112 -54.48 55.06 -54.41
CA ASP B 112 -54.95 56.31 -55.02
C ASP B 112 -54.67 56.33 -56.51
N SER B 113 -53.53 55.76 -56.92
CA SER B 113 -53.20 55.69 -58.34
C SER B 113 -54.21 54.83 -59.09
N GLU B 114 -54.45 53.61 -58.60
CA GLU B 114 -55.36 52.70 -59.28
C GLU B 114 -56.74 53.30 -59.46
N MET B 115 -57.24 54.01 -58.45
CA MET B 115 -58.52 54.71 -58.57
C MET B 115 -58.48 55.70 -59.73
N ASN B 116 -57.43 56.50 -59.81
CA ASN B 116 -57.34 57.51 -60.86
C ASN B 116 -57.19 56.86 -62.24
N LYS B 117 -56.46 55.75 -62.32
CA LYS B 117 -56.29 55.07 -63.59
C LYS B 117 -57.62 54.56 -64.14
N LEU B 118 -58.45 53.99 -63.27
CA LEU B 118 -59.78 53.57 -63.70
C LEU B 118 -60.60 54.76 -64.15
N PHE B 119 -60.49 55.89 -63.44
CA PHE B 119 -61.20 57.10 -63.85
C PHE B 119 -60.78 57.55 -65.23
N GLU B 120 -59.46 57.70 -65.44
CA GLU B 120 -58.97 58.22 -66.72
C GLU B 120 -59.31 57.27 -67.86
N LYS B 121 -59.11 55.97 -67.65
CA LYS B 121 -59.49 54.99 -68.67
C LYS B 121 -60.95 55.17 -69.07
N THR B 122 -61.83 55.41 -68.08
CA THR B 122 -63.23 55.63 -68.37
C THR B 122 -63.45 56.97 -69.04
N ARG B 123 -62.74 58.02 -68.60
CA ARG B 123 -62.94 59.35 -69.16
C ARG B 123 -62.61 59.38 -70.64
N LYS B 124 -61.41 58.92 -71.01
CA LYS B 124 -61.04 58.89 -72.42
C LYS B 124 -62.01 58.05 -73.24
N GLN B 125 -62.56 56.99 -72.65
CA GLN B 125 -63.45 56.09 -73.37
C GLN B 125 -64.72 56.81 -73.83
N LEU B 126 -65.30 57.66 -72.97
CA LEU B 126 -66.58 58.28 -73.27
C LEU B 126 -66.46 59.39 -74.30
N ARG B 127 -65.27 59.96 -74.49
CA ARG B 127 -64.99 60.94 -75.54
C ARG B 127 -65.89 62.16 -75.34
N GLU B 128 -66.69 62.56 -76.31
CA GLU B 128 -67.52 63.75 -76.20
C GLU B 128 -68.93 63.44 -75.74
N ASN B 129 -69.17 62.24 -75.21
CA ASN B 129 -70.52 61.83 -74.83
C ASN B 129 -70.81 62.06 -73.35
N ALA B 130 -69.85 62.54 -72.58
CA ALA B 130 -70.04 62.74 -71.15
C ALA B 130 -69.14 63.86 -70.67
N GLU B 131 -69.43 64.34 -69.46
CA GLU B 131 -68.64 65.39 -68.83
C GLU B 131 -68.36 65.05 -67.38
N ASP B 132 -67.20 65.51 -66.92
CA ASP B 132 -66.75 65.29 -65.55
C ASP B 132 -67.41 66.32 -64.65
N MET B 133 -68.20 65.86 -63.67
CA MET B 133 -68.80 66.77 -62.71
C MET B 133 -67.86 67.10 -61.55
N GLY B 134 -66.68 66.49 -61.48
CA GLY B 134 -65.71 66.81 -60.45
C GLY B 134 -65.80 66.01 -59.17
N ASN B 135 -66.84 65.18 -59.02
CA ASN B 135 -67.02 64.39 -57.81
C ASN B 135 -66.81 62.90 -58.06
N GLY B 136 -66.11 62.55 -59.13
CA GLY B 136 -65.94 61.16 -59.50
C GLY B 136 -67.09 60.59 -60.30
N CYS B 137 -67.94 61.45 -60.86
CA CYS B 137 -69.10 61.00 -61.62
C CYS B 137 -69.12 61.69 -62.97
N PHE B 138 -69.68 61.00 -63.96
CA PHE B 138 -69.88 61.53 -65.30
C PHE B 138 -71.37 61.71 -65.56
N LYS B 139 -71.75 62.86 -66.12
CA LYS B 139 -73.08 62.98 -66.68
C LYS B 139 -73.03 62.48 -68.11
N ILE B 140 -73.75 61.40 -68.40
CA ILE B 140 -73.81 60.83 -69.74
C ILE B 140 -74.96 61.50 -70.48
N TYR B 141 -74.64 62.15 -71.59
CA TYR B 141 -75.56 63.02 -72.31
C TYR B 141 -76.42 62.28 -73.33
N HIS B 142 -76.71 61.01 -73.09
CA HIS B 142 -77.58 60.25 -73.98
C HIS B 142 -78.23 59.13 -73.19
N LYS B 143 -79.28 58.55 -73.77
CA LYS B 143 -79.89 57.37 -73.18
C LYS B 143 -78.88 56.23 -73.15
N CYS B 144 -78.66 55.67 -71.97
CA CYS B 144 -77.60 54.67 -71.76
C CYS B 144 -78.16 53.59 -70.84
N ASP B 145 -78.76 52.56 -71.44
CA ASP B 145 -79.43 51.50 -70.70
C ASP B 145 -78.39 50.62 -70.01
N ASN B 146 -78.85 49.50 -69.42
CA ASN B 146 -77.94 48.63 -68.68
C ASN B 146 -76.88 48.02 -69.58
N ALA B 147 -77.25 47.66 -70.81
CA ALA B 147 -76.26 47.17 -71.76
C ALA B 147 -75.25 48.26 -72.08
N CYS B 148 -75.72 49.51 -72.19
CA CYS B 148 -74.82 50.63 -72.44
C CYS B 148 -73.88 50.85 -71.26
N ILE B 149 -74.41 50.84 -70.04
CA ILE B 149 -73.56 50.92 -68.86
C ILE B 149 -72.64 49.71 -68.80
N GLY B 150 -73.16 48.52 -69.12
CA GLY B 150 -72.31 47.35 -69.22
C GLY B 150 -71.15 47.58 -70.17
N SER B 151 -71.44 48.10 -71.36
CA SER B 151 -70.40 48.32 -72.37
C SER B 151 -69.28 49.19 -71.85
N ILE B 152 -69.59 50.19 -71.01
CA ILE B 152 -68.55 51.04 -70.45
C ILE B 152 -67.67 50.27 -69.48
N ARG B 153 -68.31 49.54 -68.55
CA ARG B 153 -67.55 48.77 -67.57
C ARG B 153 -66.70 47.70 -68.24
N ASN B 154 -67.20 47.10 -69.32
CA ASN B 154 -66.52 46.00 -69.99
C ASN B 154 -65.57 46.43 -71.08
N GLY B 155 -65.48 47.73 -71.37
CA GLY B 155 -64.54 48.24 -72.35
C GLY B 155 -64.95 48.14 -73.80
N THR B 156 -66.22 47.82 -74.08
CA THR B 156 -66.70 47.67 -75.45
C THR B 156 -67.62 48.81 -75.88
N TYR B 157 -67.63 49.91 -75.14
CA TYR B 157 -68.50 51.03 -75.46
C TYR B 157 -68.03 51.72 -76.74
N ASP B 158 -68.94 51.85 -77.71
CA ASP B 158 -68.65 52.51 -78.98
C ASP B 158 -69.24 53.91 -78.92
N HIS B 159 -68.38 54.91 -78.69
CA HIS B 159 -68.86 56.28 -78.54
C HIS B 159 -69.43 56.83 -79.83
N ASP B 160 -69.04 56.30 -80.99
CA ASP B 160 -69.56 56.80 -82.26
C ASP B 160 -71.06 56.53 -82.38
N VAL B 161 -71.56 55.49 -81.71
CA VAL B 161 -72.97 55.14 -81.82
C VAL B 161 -73.86 56.22 -81.22
N TYR B 162 -73.41 56.82 -80.11
CA TYR B 162 -74.20 57.80 -79.37
C TYR B 162 -73.75 59.22 -79.59
N ARG B 163 -72.69 59.44 -80.39
CA ARG B 163 -72.04 60.75 -80.44
C ARG B 163 -72.99 61.86 -80.85
N ASP B 164 -73.78 61.62 -81.91
CA ASP B 164 -74.69 62.66 -82.39
C ASP B 164 -75.72 63.04 -81.33
N GLU B 165 -76.32 62.04 -80.68
CA GLU B 165 -77.30 62.33 -79.64
C GLU B 165 -76.68 63.08 -78.47
N ALA B 166 -75.49 62.67 -78.04
CA ALA B 166 -74.85 63.33 -76.90
C ALA B 166 -74.42 64.75 -77.23
N LEU B 167 -73.84 64.95 -78.43
CA LEU B 167 -73.43 66.29 -78.83
C LEU B 167 -74.63 67.24 -78.87
N ASN B 168 -75.77 66.76 -79.37
CA ASN B 168 -76.95 67.61 -79.44
C ASN B 168 -77.47 67.96 -78.06
N ASN B 169 -77.36 67.03 -77.10
CA ASN B 169 -77.79 67.31 -75.74
C ASN B 169 -76.81 68.23 -75.02
N ARG B 170 -75.51 68.10 -75.33
CA ARG B 170 -74.49 68.93 -74.72
C ARG B 170 -74.67 70.39 -75.07
N PHE B 171 -74.74 70.67 -76.37
CA PHE B 171 -74.53 72.01 -76.90
C PHE B 171 -75.87 72.61 -77.34
N GLN B 172 -76.72 72.88 -76.36
CA GLN B 172 -77.97 73.59 -76.56
C GLN B 172 -78.86 72.98 -77.65
N GLY C 4 -25.75 -10.23 -1.13
CA GLY C 4 -25.00 -9.85 0.05
C GLY C 4 -23.68 -10.58 0.20
N ALA C 5 -23.27 -10.81 1.45
CA ALA C 5 -22.01 -11.46 1.75
C ALA C 5 -22.10 -12.14 3.11
N THR C 6 -21.16 -13.06 3.35
CA THR C 6 -21.05 -13.79 4.61
C THR C 6 -19.64 -13.58 5.16
N LEU C 7 -19.55 -13.25 6.45
CA LEU C 7 -18.28 -13.03 7.12
C LEU C 7 -18.21 -13.90 8.36
N CYS C 8 -17.26 -14.83 8.38
CA CYS C 8 -17.12 -15.77 9.48
C CYS C 8 -15.88 -15.44 10.30
N LEU C 9 -16.06 -15.41 11.63
CA LEU C 9 -14.96 -15.24 12.56
C LEU C 9 -14.47 -16.60 13.01
N GLY C 10 -13.15 -16.73 13.20
CA GLY C 10 -12.63 -18.03 13.59
C GLY C 10 -11.25 -17.93 14.20
N HIS C 11 -10.76 -19.11 14.60
CA HIS C 11 -9.47 -19.26 15.25
C HIS C 11 -8.73 -20.40 14.58
N HIS C 12 -7.42 -20.46 14.82
CA HIS C 12 -6.64 -21.48 14.14
C HIS C 12 -6.76 -22.83 14.86
N ALA C 13 -6.20 -23.85 14.23
CA ALA C 13 -6.12 -25.18 14.79
C ALA C 13 -4.95 -25.91 14.14
N VAL C 14 -4.42 -26.91 14.85
CA VAL C 14 -3.32 -27.71 14.33
C VAL C 14 -3.76 -29.16 14.26
N PRO C 15 -3.21 -29.97 13.36
CA PRO C 15 -3.54 -31.40 13.37
C PRO C 15 -2.87 -32.17 14.49
N ASN C 16 -1.81 -31.65 15.09
CA ASN C 16 -1.03 -32.35 16.10
C ASN C 16 -1.09 -31.60 17.43
N GLY C 17 -2.28 -31.55 18.02
CA GLY C 17 -2.43 -30.96 19.33
C GLY C 17 -1.71 -31.74 20.41
N THR C 18 -1.65 -31.15 21.60
CA THR C 18 -0.98 -31.75 22.75
C THR C 18 -1.85 -31.62 23.99
N LEU C 19 -1.79 -32.63 24.85
CA LEU C 19 -2.67 -32.72 26.01
C LEU C 19 -2.04 -32.04 27.24
N VAL C 20 -2.86 -31.31 27.99
CA VAL C 20 -2.43 -30.61 29.20
C VAL C 20 -3.50 -30.79 30.27
N LYS C 21 -3.14 -30.45 31.51
CA LYS C 21 -4.06 -30.48 32.64
C LYS C 21 -4.58 -29.09 32.95
N THR C 22 -5.77 -29.03 33.52
CA THR C 22 -6.36 -27.77 33.98
C THR C 22 -6.99 -28.00 35.35
N ILE C 23 -7.65 -26.96 35.86
CA ILE C 23 -8.42 -27.09 37.09
C ILE C 23 -9.51 -28.14 36.90
N THR C 24 -10.04 -28.26 35.69
CA THR C 24 -11.22 -29.06 35.41
C THR C 24 -10.93 -30.36 34.68
N ASN C 25 -9.84 -30.46 33.94
CA ASN C 25 -9.68 -31.54 32.98
C ASN C 25 -8.39 -32.31 33.22
N ASP C 26 -8.49 -33.64 33.04
CA ASP C 26 -7.32 -34.50 33.10
C ASP C 26 -6.55 -34.48 31.78
N GLN C 27 -7.28 -34.55 30.66
CA GLN C 27 -6.71 -34.45 29.32
C GLN C 27 -7.52 -33.42 28.56
N ILE C 28 -6.90 -32.30 28.20
CA ILE C 28 -7.52 -31.32 27.32
C ILE C 28 -6.49 -30.90 26.28
N GLU C 29 -6.86 -30.96 25.01
CA GLU C 29 -5.94 -30.74 23.91
C GLU C 29 -5.81 -29.25 23.62
N VAL C 30 -4.57 -28.76 23.58
CA VAL C 30 -4.28 -27.39 23.20
C VAL C 30 -3.39 -27.43 21.95
N THR C 31 -3.26 -26.28 21.30
CA THR C 31 -2.52 -26.23 20.04
C THR C 31 -1.02 -26.38 20.25
N ASN C 32 -0.51 -26.04 21.43
CA ASN C 32 0.92 -26.04 21.70
C ASN C 32 1.15 -25.98 23.21
N ALA C 33 2.26 -26.54 23.65
CA ALA C 33 2.63 -26.52 25.06
C ALA C 33 4.14 -26.61 25.18
N THR C 34 4.64 -26.32 26.38
CA THR C 34 6.06 -26.42 26.67
C THR C 34 6.26 -27.19 27.96
N GLU C 35 7.39 -27.90 28.02
CA GLU C 35 7.72 -28.72 29.18
C GLU C 35 8.31 -27.85 30.28
N LEU C 36 7.84 -28.05 31.51
CA LEU C 36 8.35 -27.33 32.67
C LEU C 36 9.26 -28.17 33.57
N VAL C 37 9.37 -29.47 33.34
CA VAL C 37 10.18 -30.35 34.17
C VAL C 37 11.39 -30.80 33.36
N GLN C 38 12.58 -30.37 33.79
CA GLN C 38 13.81 -30.92 33.23
C GLN C 38 14.02 -32.33 33.77
N SER C 39 14.10 -33.31 32.87
CA SER C 39 14.20 -34.70 33.27
C SER C 39 15.38 -35.43 32.65
N SER C 40 16.28 -34.72 31.98
CA SER C 40 17.42 -35.33 31.33
C SER C 40 18.68 -34.55 31.66
N SER C 41 19.81 -35.23 31.52
CA SER C 41 21.13 -34.64 31.74
C SER C 41 22.07 -35.13 30.65
N THR C 42 23.11 -34.33 30.40
CA THR C 42 24.13 -34.73 29.44
C THR C 42 24.94 -35.92 29.94
N GLY C 43 25.04 -36.08 31.26
CA GLY C 43 25.79 -37.16 31.86
C GLY C 43 27.15 -36.76 32.38
N ARG C 44 27.58 -35.53 32.14
CA ARG C 44 28.86 -35.03 32.63
C ARG C 44 28.65 -33.78 33.46
N ILE C 45 29.59 -33.53 34.37
CA ILE C 45 29.62 -32.30 35.15
C ILE C 45 30.50 -31.31 34.41
N CYS C 46 29.91 -30.19 33.99
CA CYS C 46 30.69 -29.16 33.32
C CYS C 46 31.60 -28.46 34.32
N ASP C 47 32.86 -28.26 33.93
CA ASP C 47 33.83 -27.61 34.81
C ASP C 47 33.66 -26.10 34.87
N SER C 48 32.61 -25.57 34.24
CA SER C 48 32.22 -24.17 34.32
C SER C 48 30.74 -24.09 34.61
N PRO C 49 30.28 -23.05 35.34
CA PRO C 49 31.02 -21.89 35.85
C PRO C 49 31.53 -22.00 37.29
N HIS C 50 31.46 -23.18 37.90
CA HIS C 50 31.98 -23.40 39.24
C HIS C 50 33.28 -24.17 39.14
N ARG C 51 34.32 -23.70 39.85
CA ARG C 51 35.60 -24.40 39.85
C ARG C 51 35.45 -25.65 40.70
N ILE C 52 35.31 -26.77 40.04
CA ILE C 52 35.16 -28.05 40.72
C ILE C 52 36.53 -28.67 40.92
N LEU C 53 36.61 -29.58 41.89
CA LEU C 53 37.86 -30.30 42.18
C LEU C 53 37.52 -31.78 42.26
N ASP C 54 37.95 -32.54 41.26
CA ASP C 54 37.68 -33.98 41.23
C ASP C 54 38.49 -34.67 42.33
N GLY C 55 37.80 -35.37 43.22
CA GLY C 55 38.48 -36.05 44.31
C GLY C 55 39.24 -37.29 43.88
N LYS C 56 38.80 -37.90 42.78
CA LYS C 56 39.44 -39.10 42.21
C LYS C 56 39.46 -40.19 43.28
N ASN C 57 40.63 -40.65 43.72
CA ASN C 57 40.73 -41.71 44.72
C ASN C 57 40.63 -41.19 46.15
N CYS C 58 40.31 -39.92 46.34
CA CYS C 58 40.45 -39.28 47.65
C CYS C 58 39.11 -38.70 48.10
N THR C 59 38.73 -39.04 49.33
CA THR C 59 37.69 -38.29 50.01
C THR C 59 38.24 -36.95 50.47
N LEU C 60 37.34 -36.05 50.86
CA LEU C 60 37.80 -34.75 51.36
C LEU C 60 38.59 -34.90 52.65
N ILE C 61 38.19 -35.85 53.50
CA ILE C 61 38.87 -36.04 54.78
C ILE C 61 40.32 -36.47 54.56
N ASP C 62 40.53 -37.43 53.65
CA ASP C 62 41.88 -37.93 53.40
C ASP C 62 42.76 -36.85 52.77
N ALA C 63 42.18 -35.96 51.97
CA ALA C 63 42.95 -34.84 51.43
C ALA C 63 43.32 -33.85 52.54
N LEU C 64 42.39 -33.63 53.48
CA LEU C 64 42.68 -32.73 54.60
C LEU C 64 43.84 -33.27 55.44
N LEU C 65 43.72 -34.51 55.92
CA LEU C 65 44.73 -35.07 56.81
C LEU C 65 46.08 -35.21 56.12
N GLY C 66 46.08 -35.59 54.85
CA GLY C 66 47.33 -35.77 54.13
C GLY C 66 47.66 -37.21 53.85
N ASP C 67 46.65 -38.00 53.53
CA ASP C 67 46.85 -39.38 53.10
C ASP C 67 47.81 -39.38 51.91
N PRO C 68 48.86 -40.21 51.91
CA PRO C 68 49.91 -40.09 50.88
C PRO C 68 49.42 -40.05 49.45
N HIS C 69 48.41 -40.86 49.09
CA HIS C 69 47.90 -40.81 47.73
C HIS C 69 46.98 -39.61 47.48
N CYS C 70 46.83 -38.73 48.47
CA CYS C 70 46.06 -37.50 48.32
C CYS C 70 46.93 -36.26 48.38
N ASP C 71 48.25 -36.42 48.26
CA ASP C 71 49.15 -35.28 48.37
C ASP C 71 48.90 -34.23 47.30
N GLY C 72 48.40 -34.65 46.14
CA GLY C 72 48.13 -33.70 45.07
C GLY C 72 47.05 -32.69 45.37
N PHE C 73 46.35 -32.83 46.50
CA PHE C 73 45.26 -31.95 46.89
C PHE C 73 45.69 -30.90 47.90
N GLN C 74 46.99 -30.80 48.20
CA GLN C 74 47.45 -29.85 49.20
C GLN C 74 47.16 -28.41 48.77
N ASN C 75 46.55 -27.64 49.68
CA ASN C 75 46.30 -26.22 49.50
C ASN C 75 45.37 -25.93 48.32
N LYS C 76 44.49 -26.88 48.00
CA LYS C 76 43.56 -26.65 46.91
C LYS C 76 42.33 -25.88 47.38
N GLU C 77 41.62 -25.30 46.42
CA GLU C 77 40.37 -24.61 46.67
C GLU C 77 39.32 -25.15 45.71
N TRP C 78 38.06 -24.93 46.05
CA TRP C 78 36.98 -25.45 45.22
C TRP C 78 35.68 -24.73 45.55
N ASP C 79 34.77 -24.76 44.59
CA ASP C 79 33.36 -24.52 44.84
C ASP C 79 32.61 -25.82 45.10
N LEU C 80 32.93 -26.86 44.33
CA LEU C 80 32.30 -28.17 44.51
C LEU C 80 33.39 -29.24 44.50
N PHE C 81 33.59 -29.88 45.66
CA PHE C 81 34.43 -31.06 45.75
C PHE C 81 33.60 -32.27 45.35
N VAL C 82 34.08 -33.03 44.37
CA VAL C 82 33.36 -34.20 43.86
C VAL C 82 34.03 -35.44 44.42
N GLU C 83 33.33 -36.12 45.34
CA GLU C 83 33.83 -37.34 45.96
C GLU C 83 33.40 -38.55 45.14
N ARG C 84 34.36 -39.42 44.83
CA ARG C 84 34.11 -40.59 44.02
C ARG C 84 33.88 -41.83 44.90
N SER C 85 33.00 -42.71 44.44
CA SER C 85 32.71 -43.93 45.20
C SER C 85 33.89 -44.89 45.23
N LYS C 86 34.83 -44.75 44.30
CA LYS C 86 36.04 -45.57 44.30
C LYS C 86 37.11 -45.05 45.24
N ALA C 87 36.87 -43.93 45.92
CA ALA C 87 37.85 -43.38 46.83
C ALA C 87 38.13 -44.34 47.99
N TYR C 88 39.33 -44.26 48.53
CA TYR C 88 39.74 -45.17 49.59
C TYR C 88 40.80 -44.49 50.46
N SER C 89 40.91 -44.98 51.70
CA SER C 89 41.97 -44.57 52.59
C SER C 89 43.12 -45.56 52.48
N ASN C 90 44.34 -45.04 52.57
CA ASN C 90 45.54 -45.88 52.51
C ASN C 90 46.59 -45.38 53.49
N CYS C 91 46.16 -44.95 54.67
CA CYS C 91 47.08 -44.53 55.71
C CYS C 91 46.79 -45.31 56.99
N TYR C 92 47.07 -44.70 58.14
CA TYR C 92 46.74 -45.35 59.40
C TYR C 92 45.22 -45.44 59.54
N PRO C 93 44.68 -46.59 59.93
CA PRO C 93 43.23 -46.69 60.17
C PRO C 93 42.78 -45.66 61.18
N TYR C 94 41.63 -45.04 60.91
CA TYR C 94 41.16 -43.93 61.71
C TYR C 94 39.64 -43.92 61.75
N ASP C 95 39.11 -43.14 62.70
CA ASP C 95 37.69 -42.84 62.77
C ASP C 95 37.52 -41.39 63.20
N VAL C 96 36.43 -40.77 62.76
CA VAL C 96 36.13 -39.40 63.14
C VAL C 96 34.78 -39.35 63.85
N PRO C 97 34.74 -39.13 65.16
CA PRO C 97 33.46 -38.83 65.81
C PRO C 97 32.86 -37.58 65.19
N ASP C 98 31.59 -37.67 64.79
CA ASP C 98 30.92 -36.62 64.03
C ASP C 98 31.69 -36.33 62.74
N TYR C 99 32.03 -37.40 62.01
CA TYR C 99 32.66 -37.29 60.71
C TYR C 99 31.88 -36.36 59.79
N ALA C 100 30.55 -36.50 59.76
CA ALA C 100 29.75 -35.74 58.81
C ALA C 100 29.90 -34.24 59.02
N SER C 101 30.00 -33.81 60.28
CA SER C 101 30.07 -32.37 60.54
C SER C 101 31.40 -31.78 60.09
N LEU C 102 32.52 -32.46 60.38
CA LEU C 102 33.81 -31.99 59.91
C LEU C 102 33.86 -31.94 58.39
N ARG C 103 33.33 -32.97 57.73
CA ARG C 103 33.28 -32.97 56.27
C ARG C 103 32.46 -31.79 55.75
N SER C 104 31.35 -31.48 56.42
CA SER C 104 30.50 -30.38 56.00
C SER C 104 31.21 -29.04 56.15
N LEU C 105 31.84 -28.81 57.31
CA LEU C 105 32.41 -27.49 57.58
C LEU C 105 33.64 -27.22 56.72
N VAL C 106 34.43 -28.24 56.40
CA VAL C 106 35.55 -28.04 55.48
C VAL C 106 35.04 -27.83 54.07
N ALA C 107 34.04 -28.61 53.66
CA ALA C 107 33.46 -28.43 52.33
C ALA C 107 32.80 -27.06 52.19
N SER C 108 32.14 -26.59 53.24
CA SER C 108 31.52 -25.27 53.20
C SER C 108 32.57 -24.16 53.19
N SER C 109 33.74 -24.41 53.78
CA SER C 109 34.80 -23.42 53.75
C SER C 109 35.45 -23.36 52.36
N GLY C 110 35.57 -24.50 51.69
CA GLY C 110 35.97 -24.52 50.30
C GLY C 110 37.44 -24.33 50.04
N THR C 111 38.31 -24.68 50.99
CA THR C 111 39.74 -24.50 50.81
C THR C 111 40.49 -25.51 51.67
N LEU C 112 41.67 -25.89 51.21
CA LEU C 112 42.55 -26.80 51.94
C LEU C 112 43.90 -26.17 52.27
N GLU C 113 44.05 -24.86 52.15
CA GLU C 113 45.36 -24.27 52.35
C GLU C 113 45.75 -24.39 53.82
N PHE C 114 46.96 -24.89 54.05
CA PHE C 114 47.47 -25.21 55.37
C PHE C 114 48.65 -24.31 55.67
N ILE C 115 48.65 -23.69 56.84
CA ILE C 115 49.69 -22.75 57.23
C ILE C 115 50.48 -23.38 58.35
N ASN C 116 51.73 -23.74 58.06
CA ASN C 116 52.59 -24.38 59.03
C ASN C 116 52.90 -23.42 60.18
N GLU C 117 52.85 -23.94 61.39
CA GLU C 117 53.22 -23.21 62.58
C GLU C 117 54.21 -24.03 63.38
N ASP C 118 55.15 -23.34 64.03
CA ASP C 118 56.18 -24.03 64.80
C ASP C 118 55.66 -24.20 66.22
N PHE C 119 55.13 -25.39 66.51
CA PHE C 119 54.83 -25.77 67.88
C PHE C 119 56.11 -26.22 68.57
N ASN C 120 56.19 -25.96 69.87
CA ASN C 120 57.42 -26.17 70.64
C ASN C 120 57.27 -27.51 71.38
N TRP C 121 57.71 -28.59 70.72
CA TRP C 121 57.51 -29.96 71.19
C TRP C 121 58.73 -30.50 71.92
N THR C 122 59.22 -29.79 72.94
CA THR C 122 60.39 -30.28 73.65
C THR C 122 60.06 -31.52 74.48
N GLY C 123 60.95 -32.51 74.43
CA GLY C 123 60.83 -33.72 75.22
C GLY C 123 60.34 -34.93 74.46
N VAL C 124 59.87 -34.78 73.23
CA VAL C 124 59.31 -35.88 72.46
C VAL C 124 59.92 -35.89 71.07
N ALA C 125 59.88 -37.07 70.45
CA ALA C 125 60.34 -37.25 69.08
C ALA C 125 59.19 -36.97 68.12
N GLN C 126 59.41 -36.06 67.18
CA GLN C 126 58.38 -35.67 66.24
C GLN C 126 58.37 -36.58 65.02
N SER C 127 57.28 -36.52 64.26
CA SER C 127 57.16 -37.15 62.94
C SER C 127 57.21 -38.68 63.03
N GLY C 128 56.42 -39.24 63.95
CA GLY C 128 56.26 -40.69 63.99
C GLY C 128 55.54 -41.21 62.76
N GLU C 129 56.00 -42.36 62.26
CA GLU C 129 55.54 -42.91 60.99
C GLU C 129 55.07 -44.35 61.18
N SER C 130 54.63 -44.99 60.10
CA SER C 130 54.03 -46.33 60.20
C SER C 130 53.99 -47.02 58.84
N TYR C 131 53.95 -48.36 58.90
CA TYR C 131 53.72 -49.18 57.69
C TYR C 131 52.43 -48.79 56.98
N ALA C 132 51.34 -48.70 57.73
CA ALA C 132 50.01 -48.51 57.16
C ALA C 132 49.90 -47.30 56.25
N CYS C 133 50.95 -46.48 56.15
CA CYS C 133 50.88 -45.18 55.49
C CYS C 133 52.14 -44.96 54.67
N LYS C 134 52.35 -45.82 53.66
CA LYS C 134 53.50 -45.69 52.80
C LYS C 134 53.42 -44.42 51.97
N ARG C 135 54.53 -43.69 51.90
CA ARG C 135 54.72 -42.61 50.94
C ARG C 135 55.84 -43.06 50.00
N GLY C 136 55.47 -43.44 48.79
CA GLY C 136 56.39 -44.14 47.91
C GLY C 136 56.55 -45.58 48.37
N SER C 137 57.73 -45.90 48.91
CA SER C 137 57.96 -47.20 49.53
C SER C 137 58.50 -47.08 50.95
N VAL C 138 58.52 -45.86 51.50
CA VAL C 138 59.10 -45.61 52.80
C VAL C 138 57.98 -45.46 53.83
N LYS C 139 58.33 -45.73 55.08
CA LYS C 139 57.44 -45.50 56.22
C LYS C 139 57.10 -44.02 56.32
N SER C 140 55.83 -43.71 56.58
CA SER C 140 55.38 -42.31 56.55
C SER C 140 54.13 -42.15 57.42
N PHE C 141 53.42 -41.03 57.25
CA PHE C 141 52.29 -40.67 58.09
C PHE C 141 51.50 -39.58 57.38
N PHE C 142 50.39 -39.17 58.00
CA PHE C 142 49.60 -38.05 57.49
C PHE C 142 50.45 -36.79 57.41
N SER C 143 50.33 -36.06 56.31
CA SER C 143 51.16 -34.88 56.08
C SER C 143 50.88 -33.78 57.08
N ARG C 144 49.63 -33.61 57.51
CA ARG C 144 49.23 -32.51 58.37
C ARG C 144 49.21 -32.88 59.85
N LEU C 145 49.57 -34.11 60.20
CA LEU C 145 49.57 -34.56 61.58
C LEU C 145 50.99 -34.93 62.00
N ASN C 146 51.27 -34.79 63.30
CA ASN C 146 52.60 -34.99 63.86
C ASN C 146 52.50 -35.99 64.99
N TRP C 147 52.96 -37.22 64.74
CA TRP C 147 52.89 -38.30 65.72
C TRP C 147 54.04 -38.15 66.71
N LEU C 148 53.73 -37.71 67.93
CA LEU C 148 54.74 -37.47 68.95
C LEU C 148 54.88 -38.70 69.84
N HIS C 149 56.13 -39.09 70.11
CA HIS C 149 56.42 -40.25 70.95
C HIS C 149 57.69 -39.97 71.74
N GLU C 150 58.23 -41.01 72.38
CA GLU C 150 59.24 -40.83 73.41
C GLU C 150 60.59 -40.44 72.84
N SER C 151 61.32 -39.62 73.60
CA SER C 151 62.73 -39.32 73.37
C SER C 151 63.45 -39.44 74.70
N GLU C 152 64.60 -40.13 74.70
CA GLU C 152 65.35 -40.44 75.91
C GLU C 152 64.53 -41.25 76.91
N TYR C 153 63.47 -41.90 76.41
CA TYR C 153 62.61 -42.78 77.22
C TYR C 153 61.83 -42.02 78.29
N LYS C 154 61.34 -40.83 77.94
CA LYS C 154 60.41 -40.09 78.79
C LYS C 154 59.60 -39.12 77.94
N TYR C 155 58.33 -38.98 78.29
CA TYR C 155 57.35 -38.16 77.57
C TYR C 155 56.85 -37.11 78.56
N PRO C 156 57.48 -35.94 78.62
CA PRO C 156 57.13 -34.96 79.64
C PRO C 156 55.81 -34.26 79.34
N ALA C 157 55.22 -33.70 80.39
CA ALA C 157 53.93 -33.03 80.30
C ALA C 157 53.97 -31.85 79.34
N LEU C 158 53.51 -32.08 78.11
CA LEU C 158 53.49 -31.01 77.11
C LEU C 158 52.46 -29.95 77.50
N ASN C 159 52.82 -28.68 77.28
CA ASN C 159 51.93 -27.56 77.57
C ASN C 159 52.31 -26.44 76.60
N VAL C 160 51.60 -26.40 75.46
CA VAL C 160 51.99 -25.57 74.33
C VAL C 160 50.81 -24.68 73.93
N THR C 161 51.12 -23.46 73.46
CA THR C 161 50.10 -22.47 73.13
C THR C 161 50.47 -21.72 71.86
N MET C 162 49.45 -21.46 71.04
CA MET C 162 49.59 -20.70 69.81
C MET C 162 48.42 -19.73 69.78
N PRO C 163 48.68 -18.43 69.57
CA PRO C 163 47.63 -17.42 69.57
C PRO C 163 46.99 -17.21 68.20
N ASN C 164 45.75 -16.69 68.25
CA ASN C 164 45.10 -16.20 67.03
C ASN C 164 45.15 -14.68 67.04
N ASN C 165 46.30 -14.16 66.63
CA ASN C 165 46.46 -12.72 66.45
C ASN C 165 46.10 -12.27 65.04
N GLY C 166 45.90 -13.20 64.10
CA GLY C 166 45.37 -12.84 62.81
C GLY C 166 43.90 -12.49 62.89
N LYS C 167 43.40 -11.88 61.82
CA LYS C 167 42.00 -11.44 61.75
C LYS C 167 41.14 -12.43 60.99
N PHE C 168 41.33 -13.73 61.24
CA PHE C 168 40.49 -14.77 60.67
C PHE C 168 40.59 -15.99 61.58
N ASP C 169 39.64 -16.92 61.40
CA ASP C 169 39.59 -18.11 62.23
C ASP C 169 40.59 -19.17 61.76
N LYS C 170 41.11 -19.94 62.71
CA LYS C 170 42.00 -21.06 62.42
C LYS C 170 41.27 -22.35 62.67
N LEU C 171 41.42 -23.31 61.74
CA LEU C 171 40.90 -24.66 61.92
C LEU C 171 42.08 -25.58 62.19
N TYR C 172 42.13 -26.14 63.41
CA TYR C 172 43.19 -27.03 63.84
C TYR C 172 42.69 -28.47 63.81
N ILE C 173 43.45 -29.36 63.19
CA ILE C 173 43.13 -30.79 63.15
C ILE C 173 44.16 -31.54 63.98
N TRP C 174 43.68 -32.37 64.90
CA TRP C 174 44.56 -33.14 65.78
C TRP C 174 43.92 -34.49 66.03
N GLY C 175 44.63 -35.35 66.76
CA GLY C 175 44.15 -36.70 67.00
C GLY C 175 44.72 -37.30 68.28
N VAL C 176 44.25 -38.50 68.58
CA VAL C 176 44.66 -39.26 69.76
C VAL C 176 44.95 -40.69 69.32
N HIS C 177 46.16 -41.17 69.58
CA HIS C 177 46.50 -42.53 69.19
C HIS C 177 45.92 -43.52 70.19
N HIS C 178 45.45 -44.65 69.66
CA HIS C 178 44.81 -45.70 70.45
C HIS C 178 45.58 -46.99 70.25
N PRO C 179 46.50 -47.34 71.14
CA PRO C 179 47.27 -48.58 70.95
C PRO C 179 46.41 -49.81 71.11
N SER C 180 46.87 -50.91 70.50
CA SER C 180 46.15 -52.17 70.59
C SER C 180 46.41 -52.87 71.92
N THR C 181 47.63 -52.80 72.43
CA THR C 181 48.03 -53.48 73.65
C THR C 181 48.75 -52.52 74.59
N ASP C 182 48.93 -52.97 75.84
CA ASP C 182 49.54 -52.12 76.85
C ASP C 182 51.02 -51.92 76.59
N ARG C 183 51.70 -52.94 76.07
CA ARG C 183 53.11 -52.81 75.73
C ARG C 183 53.32 -51.72 74.69
N GLU C 184 52.46 -51.68 73.67
CA GLU C 184 52.56 -50.65 72.62
C GLU C 184 52.49 -49.26 73.22
N GLN C 185 51.69 -49.08 74.27
CA GLN C 185 51.60 -47.77 74.92
C GLN C 185 52.90 -47.43 75.64
N THR C 186 53.40 -48.35 76.47
CA THR C 186 54.67 -48.12 77.18
C THR C 186 55.80 -47.89 76.20
N ASN C 187 55.86 -48.68 75.13
CA ASN C 187 56.98 -48.59 74.19
C ASN C 187 57.03 -47.24 73.50
N LEU C 188 55.86 -46.62 73.26
CA LEU C 188 55.78 -45.34 72.55
C LEU C 188 55.68 -44.14 73.47
N TYR C 189 54.93 -44.25 74.58
CA TYR C 189 54.56 -43.08 75.37
C TYR C 189 55.09 -43.05 76.80
N VAL C 190 55.85 -44.07 77.22
CA VAL C 190 56.51 -44.11 78.53
C VAL C 190 55.47 -44.16 79.66
N ARG C 191 54.20 -44.34 79.31
CA ARG C 191 53.12 -44.35 80.28
C ARG C 191 52.42 -45.70 80.28
N ALA C 192 51.36 -45.79 81.08
CA ALA C 192 50.36 -46.83 80.93
C ALA C 192 49.02 -46.27 80.52
N SER C 193 48.80 -44.96 80.66
CA SER C 193 47.56 -44.30 80.29
C SER C 193 47.85 -42.85 79.95
N GLY C 194 47.33 -42.39 78.81
CA GLY C 194 47.59 -41.06 78.32
C GLY C 194 46.41 -40.12 78.49
N ARG C 195 46.53 -38.94 77.87
CA ARG C 195 45.59 -37.84 78.07
C ARG C 195 45.89 -36.75 77.07
N VAL C 196 44.82 -36.18 76.48
CA VAL C 196 44.96 -35.06 75.55
C VAL C 196 43.86 -34.05 75.86
N THR C 197 44.25 -32.82 76.17
CA THR C 197 43.32 -31.71 76.38
C THR C 197 43.67 -30.59 75.42
N VAL C 198 42.72 -30.20 74.58
CA VAL C 198 42.85 -29.06 73.68
C VAL C 198 41.85 -28.02 74.12
N SER C 199 42.32 -26.80 74.36
CA SER C 199 41.51 -25.79 75.04
C SER C 199 41.54 -24.46 74.28
N THR C 200 40.43 -23.74 74.39
CA THR C 200 40.31 -22.33 74.05
C THR C 200 39.77 -21.62 75.29
N LYS C 201 39.51 -20.32 75.16
CA LYS C 201 38.85 -19.62 76.24
C LYS C 201 37.39 -20.04 76.38
N ARG C 202 36.77 -20.55 75.31
CA ARG C 202 35.40 -21.04 75.35
C ARG C 202 35.29 -22.51 75.73
N SER C 203 36.23 -23.34 75.29
CA SER C 203 35.97 -24.76 75.20
C SER C 203 37.14 -25.58 75.73
N GLN C 204 36.85 -26.87 75.93
CA GLN C 204 37.82 -27.86 76.37
C GLN C 204 37.40 -29.20 75.79
N GLN C 205 38.27 -29.81 75.01
CA GLN C 205 38.03 -31.15 74.47
C GLN C 205 39.06 -32.08 75.09
N THR C 206 38.60 -33.00 75.93
CA THR C 206 39.47 -33.94 76.62
C THR C 206 39.20 -35.35 76.13
N VAL C 207 40.26 -36.03 75.68
CA VAL C 207 40.18 -37.37 75.13
C VAL C 207 41.08 -38.28 75.93
N ILE C 208 40.53 -39.40 76.38
CA ILE C 208 41.30 -40.48 77.00
C ILE C 208 41.45 -41.57 75.95
N PRO C 209 42.67 -41.97 75.60
CA PRO C 209 42.82 -43.08 74.65
C PRO C 209 42.38 -44.39 75.28
N ASN C 210 41.98 -45.32 74.42
CA ASN C 210 41.41 -46.59 74.87
C ASN C 210 42.23 -47.74 74.29
N ILE C 211 43.18 -48.24 75.08
CA ILE C 211 43.99 -49.37 74.67
C ILE C 211 43.11 -50.60 74.57
N GLY C 212 43.22 -51.32 73.45
CA GLY C 212 42.39 -52.48 73.19
C GLY C 212 42.30 -52.73 71.70
N SER C 213 42.52 -53.97 71.28
CA SER C 213 42.69 -54.25 69.86
C SER C 213 41.35 -54.25 69.13
N ARG C 214 41.44 -54.09 67.81
CA ARG C 214 40.32 -53.89 66.89
C ARG C 214 40.68 -54.55 65.58
N PRO C 215 39.70 -54.84 64.72
CA PRO C 215 39.96 -55.68 63.54
C PRO C 215 41.08 -55.16 62.65
N TRP C 216 41.74 -56.10 61.99
CA TRP C 216 42.88 -55.83 61.12
C TRP C 216 42.48 -54.92 59.96
N VAL C 217 43.14 -53.78 59.83
CA VAL C 217 42.93 -52.86 58.71
C VAL C 217 44.29 -52.36 58.25
N ARG C 218 44.67 -52.70 57.01
CA ARG C 218 45.92 -52.25 56.41
C ARG C 218 47.12 -52.56 57.30
N GLY C 219 47.09 -53.72 57.94
CA GLY C 219 48.22 -54.22 58.70
C GLY C 219 48.17 -53.95 60.19
N LEU C 220 47.25 -53.12 60.67
CA LEU C 220 47.26 -52.68 62.06
C LEU C 220 45.92 -52.97 62.72
N SER C 221 45.99 -53.27 64.02
CA SER C 221 44.83 -53.36 64.88
C SER C 221 44.63 -52.10 65.72
N SER C 222 45.50 -51.10 65.56
CA SER C 222 45.41 -49.84 66.27
C SER C 222 44.60 -48.83 65.45
N ARG C 223 44.21 -47.74 66.10
CA ARG C 223 43.39 -46.71 65.48
C ARG C 223 43.88 -45.33 65.93
N ILE C 224 43.28 -44.29 65.36
CA ILE C 224 43.35 -42.92 65.84
C ILE C 224 41.97 -42.30 65.67
N SER C 225 41.58 -41.48 66.63
CA SER C 225 40.36 -40.68 66.53
C SER C 225 40.75 -39.24 66.26
N ILE C 226 40.03 -38.61 65.32
CA ILE C 226 40.38 -37.28 64.82
C ILE C 226 39.40 -36.26 65.37
N TYR C 227 39.94 -35.17 65.90
CA TYR C 227 39.15 -34.11 66.49
C TYR C 227 39.58 -32.78 65.89
N TRP C 228 38.73 -31.77 66.08
CA TRP C 228 39.02 -30.44 65.56
C TRP C 228 38.68 -29.39 66.60
N THR C 229 39.37 -28.25 66.49
CA THR C 229 39.18 -27.13 67.41
C THR C 229 39.30 -25.84 66.63
N ILE C 230 38.41 -24.89 66.92
CA ILE C 230 38.33 -23.62 66.22
C ILE C 230 38.74 -22.50 67.18
N VAL C 231 39.70 -21.69 66.75
CA VAL C 231 40.24 -20.60 67.57
C VAL C 231 39.98 -19.28 66.84
N LYS C 232 39.24 -18.39 67.48
CA LYS C 232 38.87 -17.10 66.91
C LYS C 232 39.93 -16.06 67.22
N PRO C 233 39.88 -14.90 66.57
CA PRO C 233 40.82 -13.82 66.92
C PRO C 233 40.69 -13.43 68.38
N GLY C 234 41.84 -13.18 69.01
CA GLY C 234 41.89 -12.91 70.42
C GLY C 234 41.91 -14.14 71.31
N ASP C 235 41.49 -15.29 70.79
CA ASP C 235 41.54 -16.54 71.53
C ASP C 235 42.91 -17.19 71.37
N ILE C 236 43.13 -18.30 72.05
CA ILE C 236 44.44 -18.95 72.06
C ILE C 236 44.23 -20.46 72.18
N LEU C 237 45.10 -21.21 71.50
CA LEU C 237 45.05 -22.67 71.55
C LEU C 237 46.04 -23.16 72.61
N LEU C 238 45.56 -24.02 73.51
CA LEU C 238 46.41 -24.59 74.55
C LEU C 238 46.25 -26.10 74.53
N ILE C 239 47.36 -26.80 74.32
CA ILE C 239 47.38 -28.26 74.29
C ILE C 239 48.19 -28.75 75.48
N ASN C 240 47.54 -29.52 76.35
CA ASN C 240 48.21 -30.22 77.45
C ASN C 240 47.96 -31.70 77.25
N SER C 241 49.04 -32.48 77.14
CA SER C 241 48.92 -33.90 76.85
C SER C 241 49.99 -34.69 77.59
N THR C 242 49.58 -35.79 78.20
CA THR C 242 50.51 -36.69 78.87
C THR C 242 50.55 -38.02 78.13
N GLY C 243 50.83 -37.97 76.82
CA GLY C 243 50.94 -39.16 76.01
C GLY C 243 49.78 -39.29 75.02
N ASN C 244 50.05 -40.00 73.94
CA ASN C 244 49.09 -40.41 72.91
C ASN C 244 48.61 -39.28 72.02
N LEU C 245 49.24 -38.11 72.05
CA LEU C 245 48.80 -36.98 71.26
C LEU C 245 49.26 -37.10 69.82
N ILE C 246 48.34 -36.98 68.88
CA ILE C 246 48.65 -36.79 67.47
C ILE C 246 48.51 -35.30 67.20
N ALA C 247 49.65 -34.62 67.16
CA ALA C 247 49.69 -33.16 67.23
C ALA C 247 49.43 -32.53 65.87
N PRO C 248 48.90 -31.31 65.84
CA PRO C 248 48.78 -30.58 64.58
C PRO C 248 50.10 -29.97 64.17
N ARG C 249 50.27 -29.84 62.85
CA ARG C 249 51.46 -29.22 62.28
C ARG C 249 51.23 -27.76 61.92
N GLY C 250 50.06 -27.23 62.23
CA GLY C 250 49.64 -25.92 61.80
C GLY C 250 48.12 -25.87 61.79
N TYR C 251 47.58 -24.99 60.96
CA TYR C 251 46.14 -24.76 60.96
C TYR C 251 45.59 -24.83 59.54
N PHE C 252 44.29 -25.05 59.46
CA PHE C 252 43.59 -25.02 58.20
C PHE C 252 42.81 -23.72 58.05
N LYS C 253 42.55 -23.38 56.79
CA LYS C 253 41.88 -22.13 56.45
C LYS C 253 40.37 -22.28 56.61
N ILE C 254 39.74 -21.32 57.28
CA ILE C 254 38.30 -21.17 57.23
C ILE C 254 37.96 -19.92 56.44
N ARG C 255 37.28 -20.12 55.33
CA ARG C 255 36.59 -19.07 54.62
C ARG C 255 35.10 -19.34 54.72
N THR C 256 34.30 -18.27 54.59
CA THR C 256 32.87 -18.41 54.47
C THR C 256 32.48 -18.13 53.02
N GLY C 257 31.52 -18.90 52.52
CA GLY C 257 31.11 -18.74 51.14
C GLY C 257 30.16 -19.84 50.74
N LYS C 258 30.07 -20.07 49.44
CA LYS C 258 29.08 -20.96 48.87
C LYS C 258 29.74 -22.14 48.17
N SER C 259 30.81 -22.65 48.77
CA SER C 259 31.38 -23.92 48.35
C SER C 259 30.63 -25.07 49.01
N SER C 260 30.81 -26.27 48.48
CA SER C 260 30.14 -27.44 49.04
C SER C 260 30.83 -28.70 48.51
N ILE C 261 30.19 -29.84 48.76
CA ILE C 261 30.69 -31.15 48.35
C ILE C 261 29.51 -31.95 47.80
N MET C 262 29.80 -32.85 46.87
CA MET C 262 28.78 -33.67 46.24
C MET C 262 29.33 -35.05 45.93
N ARG C 263 28.53 -36.08 46.17
CA ARG C 263 28.91 -37.45 45.84
C ARG C 263 28.39 -37.79 44.45
N SER C 264 29.30 -38.12 43.54
CA SER C 264 28.93 -38.38 42.16
C SER C 264 30.03 -39.16 41.47
N ASP C 265 29.64 -40.07 40.58
CA ASP C 265 30.56 -40.78 39.70
C ASP C 265 30.52 -40.25 38.28
N ALA C 266 29.93 -39.08 38.06
CA ALA C 266 29.80 -38.55 36.71
C ALA C 266 31.14 -38.02 36.22
N PRO C 267 31.50 -38.29 34.95
CA PRO C 267 32.75 -37.76 34.42
C PRO C 267 32.68 -36.26 34.26
N ILE C 268 33.86 -35.64 34.30
CA ILE C 268 33.99 -34.19 34.29
C ILE C 268 34.31 -33.76 32.86
N GLY C 269 33.42 -32.96 32.27
CA GLY C 269 33.57 -32.56 30.89
C GLY C 269 33.91 -31.08 30.77
N THR C 270 34.41 -30.68 29.61
CA THR C 270 34.73 -29.29 29.35
C THR C 270 33.51 -28.63 28.71
N CYS C 271 32.77 -27.87 29.51
CA CYS C 271 31.56 -27.19 29.09
C CYS C 271 31.15 -26.23 30.19
N SER C 272 29.98 -25.60 30.03
CA SER C 272 29.49 -24.59 30.95
C SER C 272 28.02 -24.85 31.25
N SER C 273 27.68 -24.90 32.54
CA SER C 273 26.30 -25.11 32.97
C SER C 273 26.12 -24.71 34.44
N GLU C 274 25.16 -23.83 34.72
CA GLU C 274 24.99 -23.31 36.07
C GLU C 274 24.64 -24.41 37.07
N CYS C 275 23.92 -25.44 36.63
CA CYS C 275 23.32 -26.41 37.53
C CYS C 275 24.08 -27.73 37.48
N ILE C 276 24.36 -28.30 38.65
CA ILE C 276 25.09 -29.55 38.76
C ILE C 276 24.27 -30.53 39.58
N THR C 277 24.08 -31.74 39.05
CA THR C 277 23.45 -32.84 39.76
C THR C 277 24.41 -34.02 39.81
N PRO C 278 24.26 -34.93 40.79
CA PRO C 278 25.10 -36.14 40.80
C PRO C 278 25.02 -36.93 39.49
N ASN C 279 23.95 -36.73 38.72
CA ASN C 279 23.79 -37.34 37.41
C ASN C 279 24.50 -36.57 36.33
N GLY C 280 25.05 -35.40 36.65
CA GLY C 280 25.65 -34.51 35.68
C GLY C 280 24.97 -33.15 35.69
N SER C 281 25.56 -32.24 34.91
CA SER C 281 24.99 -30.91 34.79
C SER C 281 23.69 -30.95 33.99
N ILE C 282 22.77 -30.05 34.33
CA ILE C 282 21.49 -29.96 33.63
C ILE C 282 21.21 -28.51 33.27
N PRO C 283 20.47 -28.23 32.20
CA PRO C 283 20.07 -26.85 31.93
C PRO C 283 19.13 -26.36 33.01
N ASN C 284 19.08 -25.04 33.17
CA ASN C 284 18.19 -24.41 34.14
C ASN C 284 17.21 -23.47 33.45
N ASP C 285 16.87 -23.77 32.20
CA ASP C 285 15.89 -22.94 31.50
C ASP C 285 14.48 -23.22 32.00
N LYS C 286 14.22 -24.42 32.46
CA LYS C 286 12.92 -24.82 32.99
C LYS C 286 12.86 -24.53 34.50
N PRO C 287 11.66 -24.28 35.03
CA PRO C 287 11.56 -23.95 36.47
C PRO C 287 11.62 -25.15 37.39
N PHE C 288 11.38 -26.37 36.90
CA PHE C 288 11.38 -27.56 37.74
C PHE C 288 12.25 -28.64 37.11
N GLN C 289 12.62 -29.62 37.93
CA GLN C 289 13.44 -30.72 37.45
C GLN C 289 13.12 -31.99 38.23
N ASN C 290 13.38 -33.13 37.59
CA ASN C 290 13.13 -34.45 38.15
C ASN C 290 14.40 -35.29 38.17
N VAL C 291 15.55 -34.66 37.99
CA VAL C 291 16.80 -35.40 37.85
C VAL C 291 17.29 -35.92 39.21
N ASN C 292 17.40 -35.03 40.19
CA ASN C 292 17.97 -35.41 41.47
C ASN C 292 17.58 -34.39 42.53
N ARG C 293 17.26 -34.87 43.74
CA ARG C 293 17.03 -33.95 44.86
C ARG C 293 18.29 -33.17 45.20
N ILE C 294 19.46 -33.73 44.90
CA ILE C 294 20.75 -33.09 45.19
C ILE C 294 21.13 -32.22 44.00
N THR C 295 21.29 -30.92 44.23
CA THR C 295 21.72 -30.00 43.19
C THR C 295 22.73 -29.02 43.78
N TYR C 296 23.41 -28.30 42.88
CA TYR C 296 24.34 -27.25 43.26
C TYR C 296 24.30 -26.17 42.19
N GLY C 297 24.21 -24.92 42.61
CA GLY C 297 24.17 -23.80 41.69
C GLY C 297 22.77 -23.29 41.45
N ALA C 298 22.64 -22.53 40.36
CA ALA C 298 21.35 -21.97 39.94
C ALA C 298 20.57 -23.07 39.24
N CYS C 299 19.64 -23.69 39.95
CA CYS C 299 19.02 -24.92 39.50
C CYS C 299 17.51 -24.82 39.50
N PRO C 300 16.85 -25.56 38.61
CA PRO C 300 15.40 -25.76 38.76
C PRO C 300 15.09 -26.49 40.05
N ARG C 301 13.88 -26.26 40.56
CA ARG C 301 13.48 -26.87 41.82
C ARG C 301 13.02 -28.30 41.60
N TYR C 302 13.44 -29.19 42.50
CA TYR C 302 13.12 -30.60 42.32
C TYR C 302 11.66 -30.87 42.67
N VAL C 303 11.00 -31.63 41.80
CA VAL C 303 9.63 -32.08 42.00
C VAL C 303 9.57 -33.56 41.65
N LYS C 304 8.50 -34.23 42.08
CA LYS C 304 8.39 -35.66 41.79
C LYS C 304 7.90 -35.92 40.37
N GLN C 305 7.09 -35.02 39.83
CA GLN C 305 6.58 -35.19 38.48
C GLN C 305 7.74 -35.21 37.50
N ASN C 306 7.67 -36.11 36.51
CA ASN C 306 8.64 -36.12 35.44
C ASN C 306 8.20 -35.29 34.24
N THR C 307 6.95 -34.82 34.24
CA THR C 307 6.49 -33.96 33.16
C THR C 307 5.35 -33.09 33.68
N LEU C 308 5.40 -31.80 33.33
CA LEU C 308 4.31 -30.87 33.57
C LEU C 308 4.27 -29.93 32.37
N LYS C 309 3.22 -30.06 31.56
CA LYS C 309 3.13 -29.34 30.31
C LYS C 309 2.34 -28.05 30.51
N LEU C 310 2.95 -26.92 30.17
CA LEU C 310 2.31 -25.62 30.24
C LEU C 310 1.76 -25.26 28.86
N ALA C 311 0.44 -25.09 28.77
CA ALA C 311 -0.18 -24.73 27.49
C ALA C 311 0.33 -23.37 27.01
N THR C 312 0.73 -23.32 25.74
CA THR C 312 1.19 -22.08 25.12
C THR C 312 0.34 -21.74 23.90
N GLY C 313 -0.89 -22.23 23.86
CA GLY C 313 -1.80 -21.95 22.76
C GLY C 313 -3.22 -22.23 23.21
N MET C 314 -4.16 -21.85 22.36
CA MET C 314 -5.57 -22.03 22.65
C MET C 314 -5.92 -23.51 22.60
N ARG C 315 -7.19 -23.81 22.91
CA ARG C 315 -7.68 -25.17 22.72
C ARG C 315 -7.63 -25.53 21.25
N ASN C 316 -7.34 -26.80 20.98
CA ASN C 316 -7.25 -27.30 19.61
C ASN C 316 -8.56 -27.98 19.23
N VAL C 317 -9.26 -27.43 18.24
CA VAL C 317 -10.52 -27.99 17.75
C VAL C 317 -10.34 -28.34 16.29
N PRO C 318 -9.84 -29.54 15.98
CA PRO C 318 -9.45 -29.85 14.59
C PRO C 318 -10.64 -29.99 13.67
N GLU C 319 -10.31 -30.05 12.38
CA GLU C 319 -11.27 -30.15 11.28
C GLU C 319 -12.22 -28.95 11.20
N GLY D 1 -13.50 -22.30 26.34
CA GLY D 1 -13.83 -22.41 27.74
C GLY D 1 -14.93 -21.48 28.23
N ILE D 2 -14.56 -20.48 29.02
CA ILE D 2 -15.53 -19.75 29.82
C ILE D 2 -16.38 -18.79 29.02
N PHE D 3 -15.96 -18.40 27.81
CA PHE D 3 -16.73 -17.44 27.02
C PHE D 3 -17.62 -18.11 25.98
N GLY D 4 -17.43 -19.39 25.71
CA GLY D 4 -18.30 -20.10 24.79
C GLY D 4 -18.00 -19.88 23.33
N ALA D 5 -16.90 -19.21 23.00
CA ALA D 5 -16.55 -18.99 21.61
C ALA D 5 -15.79 -20.20 21.07
N ILE D 6 -14.52 -20.34 21.46
CA ILE D 6 -13.72 -21.48 21.01
C ILE D 6 -14.27 -22.75 21.63
N ALA D 7 -14.38 -23.80 20.81
CA ALA D 7 -14.98 -25.07 21.19
C ALA D 7 -16.42 -24.90 21.68
N GLY D 8 -17.00 -23.74 21.38
CA GLY D 8 -18.37 -23.43 21.75
C GLY D 8 -19.20 -23.08 20.53
N PHE D 9 -19.67 -21.83 20.45
CA PHE D 9 -20.55 -21.50 19.34
C PHE D 9 -19.79 -21.47 18.01
N ILE D 10 -18.46 -21.39 18.05
CA ILE D 10 -17.66 -21.66 16.87
C ILE D 10 -17.47 -23.16 16.76
N GLU D 11 -17.67 -23.70 15.56
CA GLU D 11 -17.69 -25.15 15.39
C GLU D 11 -16.30 -25.75 15.58
N ASN D 12 -15.30 -25.20 14.90
CA ASN D 12 -13.95 -25.74 15.00
C ASN D 12 -12.95 -24.69 14.51
N GLY D 13 -11.67 -25.00 14.66
CA GLY D 13 -10.62 -24.14 14.17
C GLY D 13 -10.34 -24.32 12.68
N TRP D 14 -9.52 -23.42 12.16
CA TRP D 14 -9.11 -23.43 10.76
C TRP D 14 -7.66 -23.90 10.71
N GLU D 15 -7.45 -25.13 10.24
CA GLU D 15 -6.09 -25.64 10.12
C GLU D 15 -5.31 -24.92 9.03
N GLY D 16 -6.01 -24.35 8.05
CA GLY D 16 -5.33 -23.65 6.98
C GLY D 16 -4.82 -22.27 7.34
N MET D 17 -5.23 -21.71 8.48
CA MET D 17 -4.76 -20.41 8.93
C MET D 17 -3.42 -20.61 9.64
N VAL D 18 -2.32 -20.31 8.95
CA VAL D 18 -0.98 -20.50 9.49
C VAL D 18 -0.23 -19.19 9.65
N ASP D 19 -0.91 -18.06 9.52
CA ASP D 19 -0.29 -16.75 9.69
C ASP D 19 -0.92 -15.95 10.82
N GLY D 20 -1.79 -16.58 11.61
CA GLY D 20 -2.40 -15.88 12.73
C GLY D 20 -3.20 -16.86 13.56
N TRP D 21 -3.60 -16.40 14.75
CA TRP D 21 -4.38 -17.23 15.64
C TRP D 21 -5.88 -16.99 15.49
N TYR D 22 -6.26 -15.77 15.12
CA TYR D 22 -7.65 -15.43 14.87
C TYR D 22 -7.72 -14.76 13.50
N GLY D 23 -8.89 -14.79 12.90
CA GLY D 23 -9.01 -14.20 11.58
C GLY D 23 -10.42 -14.21 11.07
N PHE D 24 -10.53 -13.93 9.77
CA PHE D 24 -11.80 -13.75 9.09
C PHE D 24 -11.85 -14.69 7.88
N ARG D 25 -13.03 -15.22 7.61
CA ARG D 25 -13.33 -15.88 6.36
C ARG D 25 -14.61 -15.28 5.80
N HIS D 26 -14.63 -15.05 4.49
CA HIS D 26 -15.74 -14.33 3.87
C HIS D 26 -16.13 -15.00 2.56
N GLN D 27 -17.36 -14.73 2.15
CA GLN D 27 -17.84 -15.06 0.82
C GLN D 27 -18.63 -13.86 0.31
N ASN D 28 -18.30 -13.39 -0.89
CA ASN D 28 -18.95 -12.22 -1.44
C ASN D 28 -19.09 -12.40 -2.95
N SER D 29 -19.46 -11.31 -3.64
CA SER D 29 -19.63 -11.30 -5.08
C SER D 29 -18.31 -11.53 -5.84
N GLU D 30 -17.16 -11.39 -5.18
CA GLU D 30 -15.88 -11.56 -5.83
C GLU D 30 -15.18 -12.87 -5.49
N GLY D 31 -15.74 -13.66 -4.58
CA GLY D 31 -15.11 -14.92 -4.20
C GLY D 31 -15.12 -15.22 -2.71
N THR D 32 -14.13 -15.97 -2.25
CA THR D 32 -14.00 -16.33 -0.85
C THR D 32 -12.56 -16.10 -0.40
N GLY D 33 -12.37 -15.81 0.88
CA GLY D 33 -11.04 -15.50 1.35
C GLY D 33 -10.84 -15.80 2.82
N GLN D 34 -9.58 -15.74 3.22
CA GLN D 34 -9.17 -15.94 4.61
C GLN D 34 -8.06 -14.98 4.95
N ALA D 35 -8.20 -14.27 6.07
CA ALA D 35 -7.23 -13.27 6.49
C ALA D 35 -7.08 -13.32 8.00
N ALA D 36 -5.84 -13.31 8.48
CA ALA D 36 -5.60 -13.34 9.92
C ALA D 36 -5.72 -11.94 10.52
N ASP D 37 -6.21 -11.89 11.77
CA ASP D 37 -6.28 -10.65 12.52
C ASP D 37 -5.03 -10.55 13.40
N LEU D 38 -4.16 -9.58 13.08
CA LEU D 38 -2.88 -9.48 13.78
C LEU D 38 -3.07 -8.98 15.21
N LYS D 39 -3.97 -8.02 15.41
CA LYS D 39 -4.12 -7.41 16.74
C LYS D 39 -4.58 -8.44 17.77
N SER D 40 -5.63 -9.20 17.47
CA SER D 40 -6.12 -10.18 18.43
C SER D 40 -5.10 -11.29 18.65
N THR D 41 -4.41 -11.71 17.58
CA THR D 41 -3.36 -12.71 17.74
C THR D 41 -2.25 -12.19 18.64
N GLN D 42 -1.80 -10.94 18.42
CA GLN D 42 -0.76 -10.36 19.25
C GLN D 42 -1.21 -10.23 20.71
N ALA D 43 -2.48 -9.93 20.94
CA ALA D 43 -2.97 -9.78 22.31
C ALA D 43 -2.88 -11.11 23.07
N ALA D 44 -3.21 -12.21 22.42
CA ALA D 44 -3.11 -13.52 23.06
C ALA D 44 -1.66 -13.92 23.25
N ILE D 45 -0.84 -13.72 22.22
CA ILE D 45 0.56 -14.15 22.28
C ILE D 45 1.32 -13.36 23.34
N ASP D 46 1.00 -12.06 23.47
CA ASP D 46 1.65 -11.23 24.49
C ASP D 46 1.35 -11.75 25.89
N GLN D 47 0.10 -12.14 26.14
CA GLN D 47 -0.27 -12.62 27.47
C GLN D 47 0.41 -13.93 27.81
N ILE D 48 0.50 -14.84 26.83
CA ILE D 48 1.17 -16.12 27.08
C ILE D 48 2.67 -15.91 27.24
N ASN D 49 3.28 -15.07 26.39
CA ASN D 49 4.67 -14.70 26.61
C ASN D 49 4.87 -14.06 27.97
N GLY D 50 3.84 -13.39 28.49
CA GLY D 50 3.93 -12.83 29.83
C GLY D 50 4.05 -13.89 30.90
N LYS D 51 3.19 -14.91 30.86
CA LYS D 51 3.32 -16.03 31.79
C LYS D 51 4.68 -16.69 31.67
N LEU D 52 5.15 -16.89 30.45
CA LEU D 52 6.40 -17.61 30.23
C LEU D 52 7.56 -16.91 30.93
N ASN D 53 7.73 -15.61 30.67
CA ASN D 53 8.82 -14.86 31.29
C ASN D 53 8.71 -14.88 32.81
N ARG D 54 7.49 -14.69 33.34
CA ARG D 54 7.29 -14.73 34.78
C ARG D 54 7.69 -16.08 35.36
N LEU D 55 7.52 -17.16 34.60
CA LEU D 55 7.88 -18.49 35.08
C LEU D 55 9.37 -18.74 35.01
N ILE D 56 10.10 -17.92 34.26
CA ILE D 56 11.54 -18.07 34.12
C ILE D 56 12.30 -17.04 34.95
N GLU D 57 11.59 -16.16 35.67
CA GLU D 57 12.20 -15.24 36.62
C GLU D 57 13.09 -16.02 37.58
N LYS D 58 14.33 -16.31 37.17
CA LYS D 58 15.13 -17.31 37.85
C LYS D 58 15.38 -16.95 39.31
N THR D 59 15.19 -17.92 40.18
CA THR D 59 15.52 -17.82 41.59
C THR D 59 16.20 -19.13 41.98
N ASN D 60 16.22 -19.43 43.28
CA ASN D 60 16.68 -20.71 43.80
C ASN D 60 18.12 -21.00 43.34
N GLU D 61 19.03 -20.19 43.86
CA GLU D 61 20.46 -20.43 43.72
C GLU D 61 20.96 -20.97 45.05
N LYS D 62 21.26 -22.26 45.09
CA LYS D 62 21.56 -22.94 46.34
C LYS D 62 22.89 -23.67 46.23
N PHE D 63 23.61 -23.72 47.35
CA PHE D 63 24.98 -24.21 47.35
C PHE D 63 25.15 -25.32 48.39
N HIS D 64 25.82 -25.05 49.50
CA HIS D 64 25.90 -26.05 50.56
C HIS D 64 24.56 -26.15 51.29
N GLN D 65 24.02 -27.36 51.35
CA GLN D 65 22.71 -27.59 51.97
C GLN D 65 22.82 -28.66 53.04
N ILE D 66 21.91 -29.63 53.01
CA ILE D 66 21.99 -30.80 53.87
C ILE D 66 22.22 -32.02 52.99
N GLU D 67 22.79 -33.06 53.60
CA GLU D 67 22.93 -34.32 52.90
C GLU D 67 21.57 -34.99 52.73
N LYS D 68 21.41 -35.71 51.62
CA LYS D 68 20.14 -36.32 51.27
C LYS D 68 20.24 -37.79 50.92
N GLU D 69 21.43 -38.37 50.97
CA GLU D 69 21.63 -39.81 50.87
C GLU D 69 22.53 -40.26 52.01
N PHE D 70 22.27 -41.46 52.53
CA PHE D 70 22.97 -41.95 53.70
C PHE D 70 23.27 -43.43 53.54
N SER D 71 24.50 -43.82 53.83
CA SER D 71 24.94 -45.21 53.71
C SER D 71 24.85 -45.97 55.03
N GLU D 72 24.59 -45.30 56.14
CA GLU D 72 24.55 -45.91 57.46
C GLU D 72 23.23 -45.57 58.14
N VAL D 73 22.76 -46.49 58.99
CA VAL D 73 21.56 -46.25 59.79
C VAL D 73 21.96 -45.45 61.02
N GLU D 74 21.27 -44.33 61.25
CA GLU D 74 21.62 -43.43 62.34
C GLU D 74 20.44 -43.03 63.23
N GLY D 75 19.21 -43.16 62.77
CA GLY D 75 18.05 -42.95 63.63
C GLY D 75 17.56 -41.49 63.60
N ARG D 76 17.51 -40.86 64.78
CA ARG D 76 16.72 -39.65 64.99
C ARG D 76 17.12 -38.54 64.03
N ILE D 77 18.41 -38.19 63.98
CA ILE D 77 18.84 -37.08 63.14
C ILE D 77 18.62 -37.38 61.67
N GLN D 78 18.93 -38.60 61.23
CA GLN D 78 18.68 -38.97 59.84
C GLN D 78 17.18 -38.95 59.55
N ASP D 79 16.36 -39.43 60.49
CA ASP D 79 14.91 -39.35 60.33
C ASP D 79 14.47 -37.92 60.07
N LEU D 80 15.04 -36.95 60.81
CA LEU D 80 14.65 -35.55 60.65
C LEU D 80 15.12 -35.00 59.31
N GLU D 81 16.37 -35.30 58.93
CA GLU D 81 16.89 -34.82 57.65
C GLU D 81 16.06 -35.36 56.49
N LYS D 82 15.67 -36.63 56.55
CA LYS D 82 14.88 -37.21 55.48
C LYS D 82 13.45 -36.65 55.49
N TYR D 83 12.90 -36.41 56.68
CA TYR D 83 11.55 -35.83 56.76
C TYR D 83 11.53 -34.40 56.23
N VAL D 84 12.55 -33.61 56.56
CA VAL D 84 12.60 -32.23 56.09
C VAL D 84 12.66 -32.18 54.56
N GLU D 85 13.50 -33.03 53.97
CA GLU D 85 13.60 -33.03 52.51
C GLU D 85 12.34 -33.57 51.85
N ASP D 86 11.77 -34.64 52.40
CA ASP D 86 10.52 -35.16 51.87
C ASP D 86 9.40 -34.12 51.98
N THR D 87 9.36 -33.39 53.10
CA THR D 87 8.36 -32.35 53.26
C THR D 87 8.52 -31.27 52.20
N LYS D 88 9.75 -30.82 51.99
CA LYS D 88 10.01 -29.75 51.02
C LYS D 88 9.60 -30.16 49.61
N ILE D 89 9.89 -31.39 49.22
CA ILE D 89 9.59 -31.84 47.86
C ILE D 89 8.08 -32.00 47.68
N ASP D 90 7.38 -32.49 48.69
CA ASP D 90 5.92 -32.56 48.63
C ASP D 90 5.33 -31.19 48.32
N LEU D 91 5.80 -30.17 49.04
CA LEU D 91 5.20 -28.85 48.93
C LEU D 91 5.54 -28.19 47.59
N TRP D 92 6.75 -28.41 47.09
CA TRP D 92 7.10 -27.85 45.79
C TRP D 92 6.41 -28.61 44.66
N SER D 93 6.29 -29.93 44.79
CA SER D 93 5.54 -30.70 43.80
C SER D 93 4.10 -30.23 43.74
N TYR D 94 3.51 -29.90 44.89
CA TYR D 94 2.15 -29.36 44.90
C TYR D 94 2.10 -28.00 44.22
N ASN D 95 3.08 -27.13 44.51
CA ASN D 95 3.14 -25.83 43.89
C ASN D 95 3.20 -25.96 42.37
N ALA D 96 3.97 -26.91 41.87
CA ALA D 96 4.09 -27.10 40.43
C ALA D 96 2.80 -27.64 39.83
N GLU D 97 2.16 -28.59 40.52
CA GLU D 97 0.92 -29.15 40.00
C GLU D 97 -0.19 -28.10 39.94
N LEU D 98 -0.36 -27.35 41.03
CA LEU D 98 -1.37 -26.29 41.05
C LEU D 98 -1.06 -25.21 40.02
N LEU D 99 0.21 -24.79 39.95
CA LEU D 99 0.58 -23.71 39.03
C LEU D 99 0.19 -24.05 37.61
N VAL D 100 0.53 -25.26 37.15
CA VAL D 100 0.21 -25.65 35.77
C VAL D 100 -1.29 -25.70 35.57
N ALA D 101 -2.03 -26.24 36.55
CA ALA D 101 -3.48 -26.32 36.44
C ALA D 101 -4.11 -24.94 36.32
N LEU D 102 -3.65 -23.99 37.14
CA LEU D 102 -4.16 -22.63 37.09
C LEU D 102 -3.79 -21.95 35.78
N GLU D 103 -2.51 -22.02 35.41
CA GLU D 103 -2.05 -21.34 34.21
C GLU D 103 -2.78 -21.86 32.97
N ASN D 104 -2.94 -23.19 32.86
CA ASN D 104 -3.58 -23.75 31.68
C ASN D 104 -5.06 -23.42 31.65
N GLN D 105 -5.73 -23.45 32.80
CA GLN D 105 -7.11 -22.99 32.87
C GLN D 105 -7.22 -21.55 32.40
N HIS D 106 -6.31 -20.70 32.85
CA HIS D 106 -6.33 -19.30 32.46
C HIS D 106 -5.96 -19.11 30.99
N THR D 107 -5.01 -19.91 30.49
CA THR D 107 -4.60 -19.79 29.10
C THR D 107 -5.75 -20.11 28.16
N ILE D 108 -6.50 -21.18 28.45
CA ILE D 108 -7.63 -21.53 27.61
C ILE D 108 -8.69 -20.42 27.65
N ASP D 109 -8.97 -19.89 28.85
CA ASP D 109 -10.00 -18.88 28.97
C ASP D 109 -9.60 -17.57 28.30
N LEU D 110 -8.32 -17.18 28.41
CA LEU D 110 -7.90 -15.91 27.81
C LEU D 110 -7.87 -16.00 26.29
N THR D 111 -7.53 -17.15 25.73
CA THR D 111 -7.60 -17.30 24.27
C THR D 111 -9.04 -17.35 23.79
N ASP D 112 -9.93 -17.98 24.58
CA ASP D 112 -11.35 -17.85 24.32
C ASP D 112 -11.78 -16.39 24.35
N SER D 113 -11.34 -15.64 25.36
CA SER D 113 -11.72 -14.24 25.50
C SER D 113 -11.33 -13.42 24.27
N GLU D 114 -10.09 -13.58 23.80
CA GLU D 114 -9.64 -12.82 22.64
C GLU D 114 -10.53 -13.09 21.42
N MET D 115 -10.98 -14.34 21.27
CA MET D 115 -11.87 -14.68 20.16
C MET D 115 -13.19 -13.94 20.29
N ASN D 116 -13.76 -13.91 21.49
CA ASN D 116 -15.03 -13.20 21.69
C ASN D 116 -14.86 -11.70 21.54
N LYS D 117 -13.70 -11.16 21.93
CA LYS D 117 -13.45 -9.74 21.80
C LYS D 117 -13.39 -9.32 20.33
N LEU D 118 -12.77 -10.15 19.50
CA LEU D 118 -12.73 -9.86 18.07
C LEU D 118 -14.12 -9.99 17.46
N PHE D 119 -14.89 -10.97 17.92
CA PHE D 119 -16.26 -11.11 17.45
C PHE D 119 -17.08 -9.90 17.81
N GLU D 120 -17.05 -9.50 19.09
CA GLU D 120 -17.87 -8.37 19.52
C GLU D 120 -17.42 -7.07 18.85
N LYS D 121 -16.11 -6.86 18.70
CA LYS D 121 -15.62 -5.72 17.94
C LYS D 121 -16.24 -5.70 16.56
N THR D 122 -16.31 -6.86 15.90
CA THR D 122 -16.86 -6.92 14.56
C THR D 122 -18.37 -6.72 14.56
N ARG D 123 -19.07 -7.31 15.53
CA ARG D 123 -20.53 -7.19 15.54
C ARG D 123 -20.99 -5.75 15.73
N LYS D 124 -20.42 -5.06 16.72
CA LYS D 124 -20.77 -3.65 16.91
C LYS D 124 -20.46 -2.83 15.66
N GLN D 125 -19.33 -3.13 15.01
CA GLN D 125 -18.91 -2.39 13.82
C GLN D 125 -19.97 -2.42 12.74
N LEU D 126 -20.60 -3.58 12.53
CA LEU D 126 -21.53 -3.73 11.42
C LEU D 126 -22.87 -3.04 11.69
N ARG D 127 -23.19 -2.74 12.94
CA ARG D 127 -24.39 -1.97 13.32
C ARG D 127 -25.62 -2.71 12.78
N GLU D 128 -26.48 -2.06 12.00
CA GLU D 128 -27.71 -2.67 11.50
C GLU D 128 -27.56 -3.28 10.11
N ASN D 129 -26.34 -3.48 9.65
CA ASN D 129 -26.08 -3.96 8.30
C ASN D 129 -25.86 -5.47 8.24
N ALA D 130 -25.87 -6.16 9.37
CA ALA D 130 -25.58 -7.58 9.38
C ALA D 130 -26.32 -8.22 10.55
N GLU D 131 -26.37 -9.56 10.54
CA GLU D 131 -26.98 -10.33 11.60
C GLU D 131 -26.08 -11.51 11.95
N ASP D 132 -25.96 -11.77 13.26
CA ASP D 132 -25.19 -12.90 13.76
C ASP D 132 -25.98 -14.19 13.50
N MET D 133 -25.42 -15.08 12.68
CA MET D 133 -26.06 -16.36 12.42
C MET D 133 -25.93 -17.33 13.60
N GLY D 134 -25.13 -17.00 14.61
CA GLY D 134 -24.97 -17.86 15.76
C GLY D 134 -23.89 -18.91 15.65
N ASN D 135 -23.23 -19.02 14.50
CA ASN D 135 -22.15 -19.97 14.29
C ASN D 135 -20.81 -19.27 14.10
N GLY D 136 -20.66 -18.05 14.62
CA GLY D 136 -19.46 -17.27 14.38
C GLY D 136 -19.44 -16.52 13.07
N CYS D 137 -20.56 -16.49 12.35
CA CYS D 137 -20.61 -15.87 11.04
C CYS D 137 -21.70 -14.81 11.01
N PHE D 138 -21.47 -13.79 10.19
CA PHE D 138 -22.44 -12.73 9.96
C PHE D 138 -22.97 -12.85 8.54
N LYS D 139 -24.28 -12.63 8.39
CA LYS D 139 -24.86 -12.40 7.08
C LYS D 139 -24.91 -10.90 6.84
N ILE D 140 -24.17 -10.43 5.85
CA ILE D 140 -24.13 -9.01 5.52
C ILE D 140 -25.17 -8.76 4.44
N TYR D 141 -26.12 -7.86 4.73
CA TYR D 141 -27.31 -7.68 3.92
C TYR D 141 -27.12 -6.63 2.82
N HIS D 142 -25.91 -6.51 2.28
CA HIS D 142 -25.66 -5.59 1.19
C HIS D 142 -24.46 -6.09 0.39
N LYS D 143 -24.33 -5.59 -0.83
CA LYS D 143 -23.17 -5.88 -1.65
C LYS D 143 -21.91 -5.37 -0.93
N CYS D 144 -20.96 -6.27 -0.69
CA CYS D 144 -19.77 -5.95 0.10
C CYS D 144 -18.56 -6.59 -0.58
N ASP D 145 -17.93 -5.85 -1.49
CA ASP D 145 -16.81 -6.36 -2.28
C ASP D 145 -15.58 -6.52 -1.40
N ASN D 146 -14.43 -6.79 -2.04
CA ASN D 146 -13.21 -7.08 -1.30
C ASN D 146 -12.72 -5.87 -0.51
N ALA D 147 -12.89 -4.67 -1.07
CA ALA D 147 -12.55 -3.46 -0.32
C ALA D 147 -13.46 -3.31 0.90
N CYS D 148 -14.75 -3.56 0.71
CA CYS D 148 -15.70 -3.51 1.83
C CYS D 148 -15.34 -4.53 2.90
N ILE D 149 -15.00 -5.76 2.49
CA ILE D 149 -14.57 -6.77 3.45
C ILE D 149 -13.27 -6.33 4.12
N GLY D 150 -12.33 -5.82 3.34
CA GLY D 150 -11.09 -5.31 3.91
C GLY D 150 -11.32 -4.17 4.88
N SER D 151 -12.30 -3.31 4.59
CA SER D 151 -12.59 -2.21 5.50
C SER D 151 -13.11 -2.71 6.83
N ILE D 152 -13.83 -3.84 6.85
CA ILE D 152 -14.30 -4.40 8.11
C ILE D 152 -13.13 -4.95 8.91
N ARG D 153 -12.21 -5.64 8.24
CA ARG D 153 -11.08 -6.26 8.93
C ARG D 153 -10.15 -5.21 9.53
N ASN D 154 -9.93 -4.09 8.83
CA ASN D 154 -9.05 -3.05 9.33
C ASN D 154 -9.75 -2.07 10.25
N GLY D 155 -11.08 -2.14 10.35
CA GLY D 155 -11.81 -1.22 11.21
C GLY D 155 -12.11 0.14 10.62
N THR D 156 -12.08 0.28 9.29
CA THR D 156 -12.43 1.53 8.64
C THR D 156 -13.78 1.46 7.93
N TYR D 157 -14.60 0.46 8.24
CA TYR D 157 -15.89 0.27 7.59
C TYR D 157 -16.88 1.33 8.06
N ASP D 158 -17.51 2.01 7.10
CA ASP D 158 -18.50 3.06 7.37
C ASP D 158 -19.88 2.48 7.11
N HIS D 159 -20.62 2.18 8.20
CA HIS D 159 -21.91 1.51 8.07
C HIS D 159 -22.98 2.40 7.44
N ASP D 160 -22.85 3.72 7.55
CA ASP D 160 -23.84 4.61 6.94
C ASP D 160 -23.83 4.52 5.42
N VAL D 161 -22.69 4.18 4.83
CA VAL D 161 -22.61 4.05 3.37
C VAL D 161 -23.58 2.97 2.88
N TYR D 162 -23.76 1.90 3.64
CA TYR D 162 -24.55 0.76 3.23
C TYR D 162 -25.88 0.64 3.97
N ARG D 163 -26.15 1.52 4.95
CA ARG D 163 -27.27 1.29 5.86
C ARG D 163 -28.60 1.20 5.14
N ASP D 164 -28.86 2.10 4.19
CA ASP D 164 -30.14 2.09 3.48
C ASP D 164 -30.33 0.80 2.70
N GLU D 165 -29.29 0.34 2.00
CA GLU D 165 -29.38 -0.91 1.25
C GLU D 165 -29.60 -2.09 2.19
N ALA D 166 -28.86 -2.16 3.30
CA ALA D 166 -28.96 -3.30 4.20
C ALA D 166 -30.31 -3.34 4.90
N LEU D 167 -30.79 -2.19 5.40
CA LEU D 167 -32.09 -2.16 6.07
C LEU D 167 -33.19 -2.65 5.14
N ASN D 168 -33.17 -2.22 3.88
CA ASN D 168 -34.19 -2.64 2.93
C ASN D 168 -34.14 -4.15 2.71
N ASN D 169 -32.93 -4.73 2.67
CA ASN D 169 -32.81 -6.16 2.47
C ASN D 169 -33.23 -6.95 3.72
N ARG D 170 -32.97 -6.40 4.91
CA ARG D 170 -33.31 -7.10 6.14
C ARG D 170 -34.81 -7.14 6.36
N PHE D 171 -35.50 -6.02 6.12
CA PHE D 171 -36.87 -5.83 6.56
C PHE D 171 -37.81 -5.80 5.36
N GLN D 172 -38.04 -6.98 4.78
CA GLN D 172 -39.05 -7.18 3.74
C GLN D 172 -38.90 -6.22 2.57
N PRO E 3 3.08 -27.09 -2.84
CA PRO E 3 1.82 -26.34 -2.98
C PRO E 3 2.00 -25.05 -3.78
N GLY E 4 0.94 -24.59 -4.44
CA GLY E 4 1.02 -23.39 -5.24
C GLY E 4 -0.32 -22.71 -5.41
N ALA E 5 -0.77 -22.56 -6.65
CA ALA E 5 -2.01 -21.85 -6.94
C ALA E 5 -2.56 -22.31 -8.28
N THR E 6 -3.83 -22.00 -8.49
CA THR E 6 -4.50 -22.28 -9.75
C THR E 6 -5.11 -20.99 -10.27
N LEU E 7 -4.86 -20.67 -11.54
CA LEU E 7 -5.41 -19.49 -12.18
C LEU E 7 -6.16 -19.92 -13.43
N CYS E 8 -7.46 -19.67 -13.46
CA CYS E 8 -8.32 -20.08 -14.57
C CYS E 8 -8.75 -18.87 -15.39
N LEU E 9 -8.64 -18.99 -16.71
CA LEU E 9 -9.09 -17.99 -17.65
C LEU E 9 -10.50 -18.33 -18.12
N GLY E 10 -11.33 -17.30 -18.27
CA GLY E 10 -12.70 -17.58 -18.66
C GLY E 10 -13.38 -16.39 -19.29
N HIS E 11 -14.63 -16.61 -19.70
CA HIS E 11 -15.48 -15.62 -20.32
C HIS E 11 -16.85 -15.64 -19.64
N HIS E 12 -17.65 -14.62 -19.89
CA HIS E 12 -18.93 -14.56 -19.21
C HIS E 12 -19.97 -15.43 -19.94
N ALA E 13 -21.15 -15.53 -19.31
CA ALA E 13 -22.28 -16.23 -19.91
C ALA E 13 -23.55 -15.70 -19.25
N VAL E 14 -24.66 -15.82 -19.95
CA VAL E 14 -25.95 -15.36 -19.44
C VAL E 14 -26.92 -16.53 -19.44
N PRO E 15 -27.92 -16.53 -18.56
CA PRO E 15 -28.91 -17.61 -18.59
C PRO E 15 -29.94 -17.48 -19.71
N ASN E 16 -30.10 -16.31 -20.32
CA ASN E 16 -31.13 -16.07 -21.32
C ASN E 16 -30.47 -15.63 -22.63
N GLY E 17 -29.78 -16.55 -23.28
CA GLY E 17 -29.16 -16.25 -24.56
C GLY E 17 -30.18 -16.12 -25.68
N THR E 18 -29.68 -15.78 -26.86
CA THR E 18 -30.52 -15.55 -28.02
C THR E 18 -29.90 -16.20 -29.26
N LEU E 19 -30.75 -16.77 -30.11
CA LEU E 19 -30.30 -17.51 -31.29
C LEU E 19 -30.12 -16.59 -32.49
N VAL E 20 -29.04 -16.82 -33.25
CA VAL E 20 -28.72 -16.05 -34.45
C VAL E 20 -28.26 -17.03 -35.53
N LYS E 21 -28.18 -16.51 -36.76
CA LYS E 21 -27.69 -17.27 -37.90
C LYS E 21 -26.24 -16.90 -38.22
N THR E 22 -25.50 -17.87 -38.73
CA THR E 22 -24.14 -17.61 -39.20
C THR E 22 -23.95 -18.21 -40.58
N ILE E 23 -22.71 -18.20 -41.07
CA ILE E 23 -22.37 -18.90 -42.30
C ILE E 23 -22.65 -20.39 -42.15
N THR E 24 -22.38 -20.93 -40.96
CA THR E 24 -22.43 -22.37 -40.73
C THR E 24 -23.69 -22.85 -40.03
N ASN E 25 -24.35 -22.02 -39.25
CA ASN E 25 -25.44 -22.50 -38.40
C ASN E 25 -26.67 -21.62 -38.60
N ASP E 26 -27.84 -22.26 -38.73
CA ASP E 26 -29.09 -21.51 -38.78
C ASP E 26 -29.58 -21.11 -37.40
N GLN E 27 -29.10 -21.76 -36.35
CA GLN E 27 -29.48 -21.40 -34.97
C GLN E 27 -28.28 -21.67 -34.06
N ILE E 28 -27.69 -20.59 -33.53
CA ILE E 28 -26.59 -20.69 -32.59
C ILE E 28 -26.77 -19.62 -31.53
N GLU E 29 -26.65 -20.01 -30.26
CA GLU E 29 -26.97 -19.12 -29.15
C GLU E 29 -25.79 -18.20 -28.86
N VAL E 30 -26.06 -16.90 -28.83
CA VAL E 30 -25.10 -15.89 -28.41
C VAL E 30 -25.65 -15.19 -27.17
N THR E 31 -24.78 -14.43 -26.50
CA THR E 31 -25.16 -13.82 -25.23
C THR E 31 -26.15 -12.68 -25.42
N ASN E 32 -26.16 -12.04 -26.59
CA ASN E 32 -27.00 -10.87 -26.81
C ASN E 32 -27.04 -10.59 -28.31
N ALA E 33 -28.14 -10.00 -28.76
CA ALA E 33 -28.30 -9.64 -30.16
C ALA E 33 -29.21 -8.44 -30.27
N THR E 34 -29.20 -7.81 -31.44
CA THR E 34 -30.08 -6.68 -31.72
C THR E 34 -30.81 -6.90 -33.04
N GLU E 35 -32.01 -6.33 -33.12
CA GLU E 35 -32.88 -6.53 -34.28
C GLU E 35 -32.53 -5.55 -35.38
N LEU E 36 -32.42 -6.05 -36.61
CA LEU E 36 -32.12 -5.21 -37.76
C LEU E 36 -33.31 -4.96 -38.67
N VAL E 37 -34.45 -5.61 -38.45
CA VAL E 37 -35.63 -5.46 -39.29
C VAL E 37 -36.68 -4.70 -38.49
N GLN E 38 -36.99 -3.48 -38.93
CA GLN E 38 -38.12 -2.73 -38.38
C GLN E 38 -39.41 -3.37 -38.88
N SER E 39 -40.27 -3.80 -37.95
CA SER E 39 -41.47 -4.54 -38.32
C SER E 39 -42.75 -3.98 -37.71
N SER E 40 -42.69 -2.83 -37.05
CA SER E 40 -43.85 -2.25 -36.41
C SER E 40 -43.94 -0.77 -36.74
N SER E 41 -45.16 -0.24 -36.64
CA SER E 41 -45.41 1.18 -36.87
C SER E 41 -46.37 1.69 -35.80
N THR E 42 -46.27 2.99 -35.52
CA THR E 42 -47.20 3.61 -34.58
C THR E 42 -48.63 3.66 -35.14
N GLY E 43 -48.79 3.58 -36.45
CA GLY E 43 -50.08 3.67 -37.09
C GLY E 43 -50.49 5.07 -37.49
N ARG E 44 -49.66 6.07 -37.23
CA ARG E 44 -49.95 7.46 -37.56
C ARG E 44 -48.81 8.02 -38.39
N ILE E 45 -49.15 8.93 -39.30
CA ILE E 45 -48.15 9.62 -40.10
C ILE E 45 -47.79 10.92 -39.41
N CYS E 46 -46.52 11.07 -39.04
CA CYS E 46 -46.06 12.27 -38.35
C CYS E 46 -46.01 13.45 -39.32
N ASP E 47 -46.56 14.58 -38.89
CA ASP E 47 -46.61 15.76 -39.74
C ASP E 47 -45.28 16.52 -39.78
N SER E 48 -44.25 16.02 -39.12
CA SER E 48 -42.90 16.55 -39.19
C SER E 48 -41.93 15.43 -39.54
N PRO E 49 -40.83 15.73 -40.24
CA PRO E 49 -40.42 17.06 -40.70
C PRO E 49 -40.91 17.41 -42.09
N HIS E 50 -41.69 16.52 -42.71
CA HIS E 50 -42.17 16.74 -44.07
C HIS E 50 -43.51 17.46 -44.07
N ARG E 51 -43.69 18.35 -45.04
CA ARG E 51 -44.97 19.05 -45.21
C ARG E 51 -46.00 18.07 -45.76
N ILE E 52 -46.94 17.65 -44.93
CA ILE E 52 -47.95 16.66 -45.30
C ILE E 52 -49.23 17.37 -45.67
N LEU E 53 -49.83 16.98 -46.78
CA LEU E 53 -51.12 17.50 -47.22
C LEU E 53 -52.11 16.34 -47.29
N ASP E 54 -53.08 16.33 -46.38
CA ASP E 54 -54.11 15.30 -46.36
C ASP E 54 -55.13 15.59 -47.46
N GLY E 55 -55.19 14.71 -48.47
CA GLY E 55 -56.17 14.85 -49.51
C GLY E 55 -57.60 14.71 -49.04
N LYS E 56 -57.81 13.99 -47.94
CA LYS E 56 -59.14 13.77 -47.37
C LYS E 56 -60.11 13.22 -48.41
N ASN E 57 -61.10 14.01 -48.79
CA ASN E 57 -62.08 13.56 -49.77
C ASN E 57 -61.63 13.75 -51.21
N CYS E 58 -60.39 14.18 -51.44
CA CYS E 58 -59.97 14.64 -52.75
C CYS E 58 -58.74 13.87 -53.21
N THR E 59 -58.79 13.40 -54.45
CA THR E 59 -57.58 12.97 -55.13
C THR E 59 -56.79 14.19 -55.59
N LEU E 60 -55.54 13.96 -55.98
CA LEU E 60 -54.72 15.07 -56.45
C LEU E 60 -55.28 15.68 -57.73
N ILE E 61 -55.80 14.83 -58.62
CA ILE E 61 -56.30 15.31 -59.91
C ILE E 61 -57.54 16.19 -59.73
N ASP E 62 -58.44 15.78 -58.83
CA ASP E 62 -59.64 16.57 -58.59
C ASP E 62 -59.29 17.90 -57.92
N ALA E 63 -58.26 17.92 -57.08
CA ALA E 63 -57.79 19.19 -56.54
C ALA E 63 -57.18 20.07 -57.63
N LEU E 64 -56.43 19.45 -58.54
CA LEU E 64 -55.83 20.18 -59.65
C LEU E 64 -56.89 20.80 -60.55
N LEU E 65 -57.82 19.97 -61.05
CA LEU E 65 -58.85 20.48 -61.95
C LEU E 65 -59.76 21.49 -61.26
N GLY E 66 -60.12 21.22 -60.01
CA GLY E 66 -60.94 22.15 -59.27
C GLY E 66 -62.33 21.64 -58.98
N ASP E 67 -62.43 20.35 -58.64
CA ASP E 67 -63.68 19.78 -58.17
C ASP E 67 -64.19 20.60 -56.98
N PRO E 68 -65.44 21.06 -56.99
CA PRO E 68 -65.90 22.00 -55.94
C PRO E 68 -65.61 21.57 -54.51
N HIS E 69 -65.77 20.29 -54.17
CA HIS E 69 -65.45 19.88 -52.80
C HIS E 69 -63.94 19.83 -52.56
N CYS E 70 -63.14 20.17 -53.55
CA CYS E 70 -61.68 20.25 -53.42
C CYS E 70 -61.18 21.68 -53.46
N ASP E 71 -62.07 22.67 -53.32
CA ASP E 71 -61.67 24.07 -53.37
C ASP E 71 -60.72 24.44 -52.23
N GLY E 72 -60.73 23.69 -51.14
CA GLY E 72 -59.79 23.98 -50.06
C GLY E 72 -58.34 23.78 -50.43
N PHE E 73 -58.07 23.13 -51.56
CA PHE E 73 -56.72 22.73 -51.93
C PHE E 73 -56.06 23.68 -52.93
N GLN E 74 -56.70 24.81 -53.26
CA GLN E 74 -56.14 25.72 -54.23
C GLN E 74 -54.81 26.28 -53.77
N ASN E 75 -53.83 26.31 -54.67
CA ASN E 75 -52.52 26.91 -54.47
C ASN E 75 -51.73 26.26 -53.34
N LYS E 76 -52.09 25.03 -52.96
CA LYS E 76 -51.38 24.38 -51.87
C LYS E 76 -50.06 23.79 -52.36
N GLU E 77 -49.14 23.64 -51.42
CA GLU E 77 -47.87 22.96 -51.65
C GLU E 77 -47.75 21.80 -50.69
N TRP E 78 -46.86 20.87 -51.01
CA TRP E 78 -46.69 19.69 -50.17
C TRP E 78 -45.33 19.08 -50.44
N ASP E 79 -44.84 18.35 -49.43
CA ASP E 79 -43.78 17.38 -49.64
C ASP E 79 -44.36 16.00 -49.93
N LEU E 80 -45.44 15.65 -49.25
CA LEU E 80 -46.13 14.39 -49.48
C LEU E 80 -47.64 14.64 -49.51
N PHE E 81 -48.27 14.36 -50.65
CA PHE E 81 -49.72 14.38 -50.78
C PHE E 81 -50.27 13.00 -50.40
N VAL E 82 -51.21 12.97 -49.48
CA VAL E 82 -51.76 11.72 -48.96
C VAL E 82 -53.16 11.54 -49.54
N GLU E 83 -53.32 10.55 -50.42
CA GLU E 83 -54.60 10.26 -51.04
C GLU E 83 -55.35 9.20 -50.24
N ARG E 84 -56.59 9.51 -49.88
CA ARG E 84 -57.42 8.61 -49.08
C ARG E 84 -58.30 7.75 -49.98
N SER E 85 -58.56 6.52 -49.53
CA SER E 85 -59.41 5.62 -50.30
C SER E 85 -60.86 6.08 -50.35
N LYS E 86 -61.28 6.93 -49.42
CA LYS E 86 -62.63 7.47 -49.44
C LYS E 86 -62.80 8.61 -50.43
N ALA E 87 -61.73 9.03 -51.10
CA ALA E 87 -61.80 10.15 -52.02
C ALA E 87 -62.76 9.85 -53.16
N TYR E 88 -63.38 10.90 -53.69
CA TYR E 88 -64.39 10.74 -54.73
C TYR E 88 -64.41 11.98 -55.61
N SER E 89 -64.95 11.82 -56.81
CA SER E 89 -65.22 12.92 -57.72
C SER E 89 -66.68 13.31 -57.61
N ASN E 90 -66.95 14.61 -57.68
CA ASN E 90 -68.31 15.12 -57.64
C ASN E 90 -68.47 16.29 -58.61
N CYS E 91 -67.88 16.17 -59.79
CA CYS E 91 -68.06 17.17 -60.82
C CYS E 91 -68.46 16.52 -62.13
N TYR E 92 -68.06 17.10 -63.25
CA TYR E 92 -68.37 16.52 -64.55
C TYR E 92 -67.63 15.19 -64.71
N PRO E 93 -68.29 14.14 -65.19
CA PRO E 93 -67.57 12.88 -65.44
C PRO E 93 -66.46 13.09 -66.46
N TYR E 94 -65.29 12.50 -66.18
CA TYR E 94 -64.11 12.75 -66.97
C TYR E 94 -63.22 11.52 -66.98
N ASP E 95 -62.34 11.45 -67.98
CA ASP E 95 -61.23 10.52 -67.95
C ASP E 95 -59.96 11.28 -68.31
N VAL E 96 -58.84 10.74 -67.88
CA VAL E 96 -57.54 11.32 -68.24
C VAL E 96 -56.71 10.24 -68.93
N PRO E 97 -56.53 10.29 -70.25
CA PRO E 97 -55.56 9.40 -70.88
C PRO E 97 -54.19 9.59 -70.25
N ASP E 98 -53.55 8.47 -69.89
CA ASP E 98 -52.31 8.49 -69.13
C ASP E 98 -52.51 9.26 -67.82
N TYR E 99 -53.58 8.90 -67.10
CA TYR E 99 -53.87 9.47 -65.78
C TYR E 99 -52.68 9.34 -64.85
N ALA E 100 -52.05 8.16 -64.84
CA ALA E 100 -50.96 7.91 -63.89
C ALA E 100 -49.80 8.89 -64.09
N SER E 101 -49.47 9.20 -65.35
CA SER E 101 -48.36 10.11 -65.62
C SER E 101 -48.69 11.52 -65.14
N LEU E 102 -49.90 12.00 -65.40
CA LEU E 102 -50.30 13.31 -64.93
C LEU E 102 -50.24 13.38 -63.41
N ARG E 103 -50.81 12.38 -62.74
CA ARG E 103 -50.76 12.32 -61.29
C ARG E 103 -49.32 12.34 -60.78
N SER E 104 -48.42 11.59 -61.44
CA SER E 104 -47.04 11.53 -61.00
C SER E 104 -46.34 12.88 -61.17
N LEU E 105 -46.46 13.50 -62.34
CA LEU E 105 -45.68 14.71 -62.61
C LEU E 105 -46.14 15.88 -61.75
N VAL E 106 -47.43 15.99 -61.48
CA VAL E 106 -47.91 17.03 -60.57
C VAL E 106 -47.47 16.72 -59.14
N ALA E 107 -47.54 15.45 -58.73
CA ALA E 107 -47.10 15.08 -57.38
C ALA E 107 -45.60 15.32 -57.22
N SER E 108 -44.82 14.99 -58.24
CA SER E 108 -43.38 15.24 -58.17
C SER E 108 -43.06 16.72 -58.17
N SER E 109 -43.90 17.55 -58.81
CA SER E 109 -43.68 18.98 -58.80
C SER E 109 -43.97 19.58 -57.43
N GLY E 110 -45.00 19.07 -56.75
CA GLY E 110 -45.22 19.41 -55.36
C GLY E 110 -45.93 20.71 -55.10
N THR E 111 -46.69 21.23 -56.06
CA THR E 111 -47.39 22.50 -55.88
C THR E 111 -48.64 22.51 -56.75
N LEU E 112 -49.67 23.20 -56.25
CA LEU E 112 -50.86 23.49 -57.03
C LEU E 112 -50.96 24.98 -57.36
N GLU E 113 -49.82 25.67 -57.37
CA GLU E 113 -49.80 27.10 -57.68
C GLU E 113 -50.37 27.33 -59.07
N PHE E 114 -51.47 28.08 -59.13
CA PHE E 114 -52.15 28.39 -60.37
C PHE E 114 -52.06 29.90 -60.61
N ILE E 115 -51.65 30.28 -61.80
CA ILE E 115 -51.51 31.69 -62.19
C ILE E 115 -52.55 31.96 -63.27
N ASN E 116 -53.53 32.81 -62.95
CA ASN E 116 -54.55 33.16 -63.93
C ASN E 116 -53.96 33.97 -65.07
N GLU E 117 -54.45 33.70 -66.28
CA GLU E 117 -53.99 34.41 -67.46
C GLU E 117 -55.19 34.73 -68.34
N ASP E 118 -55.17 35.91 -68.96
CA ASP E 118 -56.32 36.42 -69.70
C ASP E 118 -56.21 35.98 -71.15
N PHE E 119 -56.68 34.77 -71.44
CA PHE E 119 -56.82 34.33 -72.82
C PHE E 119 -57.87 35.17 -73.53
N ASN E 120 -57.72 35.31 -74.84
CA ASN E 120 -58.56 36.19 -75.66
C ASN E 120 -59.66 35.34 -76.30
N TRP E 121 -60.79 35.22 -75.62
CA TRP E 121 -61.87 34.34 -76.06
C TRP E 121 -62.99 35.09 -76.77
N THR E 122 -62.67 36.03 -77.67
CA THR E 122 -63.73 36.72 -78.41
C THR E 122 -64.49 35.74 -79.29
N GLY E 123 -65.82 35.82 -79.24
CA GLY E 123 -66.69 35.04 -80.10
C GLY E 123 -67.46 33.94 -79.41
N VAL E 124 -67.10 33.57 -78.17
CA VAL E 124 -67.76 32.47 -77.48
C VAL E 124 -68.09 32.90 -76.06
N ALA E 125 -69.02 32.16 -75.45
CA ALA E 125 -69.45 32.41 -74.08
C ALA E 125 -68.60 31.60 -73.12
N GLN E 126 -68.03 32.26 -72.12
CA GLN E 126 -67.13 31.63 -71.17
C GLN E 126 -67.90 31.06 -69.98
N SER E 127 -67.21 30.25 -69.19
CA SER E 127 -67.68 29.77 -67.89
C SER E 127 -68.95 28.94 -68.02
N GLY E 128 -69.00 28.06 -69.01
CA GLY E 128 -70.07 27.10 -69.10
C GLY E 128 -70.09 26.20 -67.88
N GLU E 129 -71.26 26.00 -67.29
CA GLU E 129 -71.40 25.29 -66.02
C GLU E 129 -72.21 24.02 -66.23
N SER E 130 -72.32 23.22 -65.16
CA SER E 130 -73.04 21.97 -65.21
C SER E 130 -73.72 21.74 -63.86
N TYR E 131 -74.51 20.67 -63.78
CA TYR E 131 -75.24 20.33 -62.56
C TYR E 131 -74.59 19.23 -61.76
N ALA E 132 -73.91 18.28 -62.41
CA ALA E 132 -73.06 17.34 -61.68
C ALA E 132 -72.00 18.08 -60.87
N CYS E 133 -71.68 19.31 -61.26
CA CYS E 133 -70.66 20.11 -60.59
C CYS E 133 -71.35 21.26 -59.84
N LYS E 134 -72.10 20.90 -58.80
CA LYS E 134 -72.71 21.90 -57.94
C LYS E 134 -71.66 22.51 -57.03
N ARG E 135 -71.65 23.83 -56.95
CA ARG E 135 -70.86 24.57 -55.97
C ARG E 135 -71.88 25.20 -55.02
N GLY E 136 -72.10 24.55 -53.88
CA GLY E 136 -73.23 24.89 -53.04
C GLY E 136 -74.50 24.25 -53.58
N SER E 137 -75.40 25.08 -54.12
CA SER E 137 -76.60 24.59 -54.78
C SER E 137 -76.76 25.12 -56.20
N VAL E 138 -75.79 25.89 -56.69
CA VAL E 138 -75.85 26.50 -58.00
C VAL E 138 -75.04 25.65 -58.96
N LYS E 139 -75.35 25.77 -60.26
CA LYS E 139 -74.47 25.22 -61.29
C LYS E 139 -73.05 25.68 -61.04
N SER E 140 -72.09 24.89 -61.54
CA SER E 140 -70.70 25.33 -61.59
C SER E 140 -69.89 24.43 -62.52
N PHE E 141 -68.57 24.48 -62.36
CA PHE E 141 -67.65 23.74 -63.21
C PHE E 141 -66.34 23.61 -62.45
N PHE E 142 -65.42 22.83 -63.03
CA PHE E 142 -64.06 22.80 -62.50
C PHE E 142 -63.50 24.21 -62.45
N SER E 143 -63.00 24.62 -61.29
CA SER E 143 -62.60 26.02 -61.10
C SER E 143 -61.45 26.41 -62.02
N ARG E 144 -60.61 25.47 -62.44
CA ARG E 144 -59.44 25.79 -63.25
C ARG E 144 -59.68 25.60 -64.74
N LEU E 145 -60.90 25.26 -65.15
CA LEU E 145 -61.21 25.00 -66.54
C LEU E 145 -62.35 25.90 -67.00
N ASN E 146 -62.34 26.22 -68.30
CA ASN E 146 -63.26 27.18 -68.88
C ASN E 146 -64.02 26.52 -70.02
N TRP E 147 -65.30 26.24 -69.80
CA TRP E 147 -66.15 25.57 -70.79
C TRP E 147 -66.67 26.61 -71.78
N LEU E 148 -66.09 26.61 -72.97
CA LEU E 148 -66.46 27.59 -74.01
C LEU E 148 -67.57 27.02 -74.89
N HIS E 149 -68.61 27.82 -75.12
CA HIS E 149 -69.72 27.44 -75.97
C HIS E 149 -70.15 28.66 -76.78
N GLU E 150 -71.22 28.48 -77.56
CA GLU E 150 -71.65 29.51 -78.51
C GLU E 150 -72.02 30.81 -77.82
N SER E 151 -71.91 31.91 -78.57
CA SER E 151 -72.49 33.19 -78.22
C SER E 151 -73.22 33.74 -79.43
N GLU E 152 -74.55 33.84 -79.32
CA GLU E 152 -75.40 34.31 -80.41
C GLU E 152 -75.23 33.45 -81.67
N TYR E 153 -75.30 32.13 -81.46
CA TYR E 153 -75.35 31.13 -82.53
C TYR E 153 -74.16 31.24 -83.47
N LYS E 154 -72.96 31.42 -82.91
CA LYS E 154 -71.72 31.41 -83.69
C LYS E 154 -70.57 30.98 -82.78
N TYR E 155 -69.80 29.99 -83.23
CA TYR E 155 -68.57 29.54 -82.58
C TYR E 155 -67.45 29.74 -83.60
N PRO E 156 -66.78 30.88 -83.60
CA PRO E 156 -65.77 31.15 -84.62
C PRO E 156 -64.46 30.42 -84.35
N ALA E 157 -63.67 30.27 -85.41
CA ALA E 157 -62.40 29.57 -85.35
C ALA E 157 -61.46 30.22 -84.35
N LEU E 158 -61.40 29.67 -83.13
CA LEU E 158 -60.51 30.22 -82.13
C LEU E 158 -59.06 29.98 -82.51
N ASN E 159 -58.23 31.01 -82.33
CA ASN E 159 -56.80 30.94 -82.61
C ASN E 159 -56.10 31.83 -81.59
N VAL E 160 -55.79 31.26 -80.43
CA VAL E 160 -55.32 32.01 -79.28
C VAL E 160 -53.90 31.57 -78.95
N THR E 161 -53.11 32.51 -78.44
CA THR E 161 -51.70 32.28 -78.20
C THR E 161 -51.28 32.89 -76.87
N MET E 162 -50.24 32.31 -76.27
CA MET E 162 -49.77 32.72 -74.95
C MET E 162 -48.28 32.41 -74.82
N PRO E 163 -47.42 33.42 -74.99
CA PRO E 163 -45.98 33.19 -74.86
C PRO E 163 -45.56 32.89 -73.44
N ASN E 164 -44.52 32.06 -73.32
CA ASN E 164 -43.81 31.83 -72.06
C ASN E 164 -42.58 32.73 -72.07
N ASN E 165 -42.68 33.90 -71.44
CA ASN E 165 -41.55 34.80 -71.29
C ASN E 165 -40.96 34.77 -69.89
N GLY E 166 -41.52 33.97 -68.99
CA GLY E 166 -40.95 33.80 -67.67
C GLY E 166 -39.75 32.88 -67.68
N LYS E 167 -39.09 32.78 -66.53
CA LYS E 167 -37.90 31.96 -66.37
C LYS E 167 -38.22 30.62 -65.71
N PHE E 168 -39.37 30.04 -66.04
CA PHE E 168 -39.77 28.75 -65.48
C PHE E 168 -40.73 28.08 -66.47
N ASP E 169 -41.01 26.80 -66.23
CA ASP E 169 -41.93 26.04 -67.06
C ASP E 169 -43.37 26.26 -66.61
N LYS E 170 -44.28 26.30 -67.58
CA LYS E 170 -45.71 26.39 -67.32
C LYS E 170 -46.37 25.03 -67.58
N LEU E 171 -47.26 24.63 -66.70
CA LEU E 171 -48.08 23.44 -66.90
C LEU E 171 -49.51 23.88 -67.18
N TYR E 172 -49.99 23.62 -68.39
CA TYR E 172 -51.34 23.99 -68.81
C TYR E 172 -52.23 22.76 -68.81
N ILE E 173 -53.41 22.87 -68.20
CA ILE E 173 -54.39 21.80 -68.16
C ILE E 173 -55.60 22.22 -68.97
N TRP E 174 -56.01 21.37 -69.91
CA TRP E 174 -57.14 21.67 -70.78
C TRP E 174 -57.89 20.37 -71.06
N GLY E 175 -59.00 20.48 -71.77
CA GLY E 175 -59.83 19.32 -72.01
C GLY E 175 -60.66 19.45 -73.28
N VAL E 176 -61.36 18.37 -73.60
CA VAL E 176 -62.26 18.30 -74.75
C VAL E 176 -63.58 17.72 -74.28
N HIS E 177 -64.68 18.34 -74.68
CA HIS E 177 -66.01 17.86 -74.28
C HIS E 177 -66.52 16.82 -75.28
N HIS E 178 -67.14 15.79 -74.74
CA HIS E 178 -67.70 14.69 -75.53
C HIS E 178 -69.21 14.66 -75.30
N PRO E 179 -70.02 15.26 -76.16
CA PRO E 179 -71.47 15.29 -75.92
C PRO E 179 -72.09 13.91 -76.09
N SER E 180 -73.27 13.77 -75.49
CA SER E 180 -73.98 12.49 -75.56
C SER E 180 -74.69 12.32 -76.91
N THR E 181 -75.25 13.40 -77.45
CA THR E 181 -76.06 13.33 -78.67
C THR E 181 -75.57 14.35 -79.69
N ASP E 182 -76.00 14.15 -80.93
CA ASP E 182 -75.65 15.08 -82.00
C ASP E 182 -76.29 16.45 -81.78
N ARG E 183 -77.52 16.47 -81.25
CA ARG E 183 -78.20 17.75 -81.03
C ARG E 183 -77.50 18.53 -79.94
N GLU E 184 -77.11 17.86 -78.86
CA GLU E 184 -76.29 18.48 -77.83
C GLU E 184 -75.07 19.14 -78.46
N GLN E 185 -74.44 18.47 -79.43
CA GLN E 185 -73.25 19.02 -80.08
C GLN E 185 -73.54 20.36 -80.75
N THR E 186 -74.60 20.44 -81.55
CA THR E 186 -74.92 21.69 -82.24
C THR E 186 -75.52 22.73 -81.29
N ASN E 187 -76.21 22.29 -80.24
CA ASN E 187 -76.76 23.24 -79.29
C ASN E 187 -75.66 24.00 -78.57
N LEU E 188 -74.54 23.34 -78.29
CA LEU E 188 -73.43 23.98 -77.58
C LEU E 188 -72.40 24.59 -78.53
N TYR E 189 -72.09 23.93 -79.65
CA TYR E 189 -70.99 24.36 -80.51
C TYR E 189 -71.40 24.67 -81.95
N VAL E 190 -72.69 24.58 -82.28
CA VAL E 190 -73.28 24.95 -83.57
C VAL E 190 -72.53 24.33 -84.76
N ARG E 191 -71.95 23.15 -84.55
CA ARG E 191 -71.27 22.45 -85.64
C ARG E 191 -71.46 20.95 -85.45
N ALA E 192 -71.36 20.21 -86.55
CA ALA E 192 -71.55 18.77 -86.50
C ALA E 192 -70.33 18.01 -86.01
N SER E 193 -69.15 18.64 -86.02
CA SER E 193 -67.92 18.00 -85.55
C SER E 193 -66.96 19.06 -85.05
N GLY E 194 -66.56 18.96 -83.77
CA GLY E 194 -65.57 19.86 -83.22
C GLY E 194 -64.17 19.29 -83.32
N ARG E 195 -63.19 20.14 -83.03
CA ARG E 195 -61.77 19.77 -83.10
C ARG E 195 -61.00 20.67 -82.15
N VAL E 196 -59.95 20.13 -81.52
CA VAL E 196 -59.08 20.90 -80.63
C VAL E 196 -57.62 20.58 -80.96
N THR E 197 -56.84 21.62 -81.27
CA THR E 197 -55.40 21.49 -81.50
C THR E 197 -54.66 22.39 -80.51
N VAL E 198 -53.78 21.81 -79.72
CA VAL E 198 -52.92 22.57 -78.81
C VAL E 198 -51.46 22.26 -79.15
N SER E 199 -50.68 23.30 -79.39
CA SER E 199 -49.35 23.10 -79.96
C SER E 199 -48.31 23.99 -79.28
N THR E 200 -47.06 23.54 -79.37
CA THR E 200 -45.87 24.32 -79.08
C THR E 200 -45.00 24.31 -80.33
N LYS E 201 -43.78 24.84 -80.20
CA LYS E 201 -42.80 24.64 -81.26
C LYS E 201 -42.35 23.19 -81.35
N ARG E 202 -42.48 22.42 -80.26
CA ARG E 202 -42.07 21.03 -80.19
C ARG E 202 -43.18 20.07 -80.61
N SER E 203 -44.43 20.37 -80.23
CA SER E 203 -45.43 19.32 -80.10
C SER E 203 -46.77 19.78 -80.67
N GLN E 204 -47.69 18.82 -80.73
CA GLN E 204 -48.99 18.99 -81.36
C GLN E 204 -49.91 17.84 -80.96
N GLN E 205 -50.64 18.01 -79.85
CA GLN E 205 -51.65 17.03 -79.46
C GLN E 205 -53.01 17.56 -79.92
N THR E 206 -53.60 16.87 -80.88
CA THR E 206 -54.90 17.21 -81.46
C THR E 206 -55.93 16.17 -81.05
N VAL E 207 -57.08 16.64 -80.58
CA VAL E 207 -58.15 15.76 -80.12
C VAL E 207 -59.39 15.98 -80.97
N ILE E 208 -60.00 14.90 -81.41
CA ILE E 208 -61.32 14.91 -82.05
C ILE E 208 -62.32 14.37 -81.03
N PRO E 209 -63.39 15.11 -80.73
CA PRO E 209 -64.40 14.58 -79.79
C PRO E 209 -65.23 13.51 -80.47
N ASN E 210 -65.74 12.59 -79.64
CA ASN E 210 -66.53 11.46 -80.11
C ASN E 210 -67.90 11.51 -79.45
N ILE E 211 -68.88 12.02 -80.18
CA ILE E 211 -70.25 12.08 -79.67
C ILE E 211 -70.81 10.67 -79.58
N GLY E 212 -71.45 10.36 -78.45
CA GLY E 212 -72.05 9.05 -78.31
C GLY E 212 -72.44 8.78 -76.87
N SER E 213 -72.96 7.56 -76.68
CA SER E 213 -73.53 7.17 -75.40
C SER E 213 -72.48 6.55 -74.49
N ARG E 214 -72.54 6.94 -73.21
CA ARG E 214 -71.71 6.47 -72.11
C ARG E 214 -72.60 6.36 -70.88
N PRO E 215 -72.28 5.44 -69.96
CA PRO E 215 -73.21 5.18 -68.85
C PRO E 215 -73.41 6.38 -67.94
N TRP E 216 -74.54 6.35 -67.23
CA TRP E 216 -74.96 7.43 -66.36
C TRP E 216 -74.01 7.59 -65.19
N VAL E 217 -73.43 8.79 -65.04
CA VAL E 217 -72.55 9.12 -63.91
C VAL E 217 -72.91 10.53 -63.46
N ARG E 218 -73.42 10.63 -62.22
CA ARG E 218 -73.75 11.94 -61.61
C ARG E 218 -74.68 12.76 -62.50
N GLY E 219 -75.61 12.07 -63.16
CA GLY E 219 -76.66 12.73 -63.91
C GLY E 219 -76.45 12.81 -65.40
N LEU E 220 -75.26 12.51 -65.90
CA LEU E 220 -74.91 12.76 -67.29
C LEU E 220 -74.39 11.50 -67.97
N SER E 221 -74.63 11.42 -69.27
CA SER E 221 -74.01 10.43 -70.14
C SER E 221 -72.87 11.01 -70.96
N SER E 222 -72.58 12.30 -70.80
CA SER E 222 -71.50 12.97 -71.51
C SER E 222 -70.20 12.88 -70.71
N ARG E 223 -69.09 13.13 -71.39
CA ARG E 223 -67.76 12.94 -70.80
C ARG E 223 -66.85 14.12 -71.14
N ILE E 224 -65.68 14.11 -70.51
CA ILE E 224 -64.61 15.07 -70.77
C ILE E 224 -63.30 14.30 -70.73
N SER E 225 -62.41 14.59 -71.68
CA SER E 225 -61.06 14.03 -71.70
C SER E 225 -60.07 15.11 -71.33
N ILE E 226 -59.17 14.80 -70.40
CA ILE E 226 -58.24 15.77 -69.83
C ILE E 226 -56.87 15.57 -70.44
N TYR E 227 -56.24 16.67 -70.86
CA TYR E 227 -54.93 16.66 -71.48
C TYR E 227 -54.06 17.74 -70.86
N TRP E 228 -52.75 17.64 -71.07
CA TRP E 228 -51.81 18.63 -70.54
C TRP E 228 -50.74 18.93 -71.57
N THR E 229 -50.18 20.14 -71.47
CA THR E 229 -49.11 20.60 -72.35
C THR E 229 -48.15 21.43 -71.53
N ILE E 230 -46.85 21.17 -71.70
CA ILE E 230 -45.80 21.89 -70.98
C ILE E 230 -45.10 22.83 -71.96
N VAL E 231 -44.94 24.09 -71.55
CA VAL E 231 -44.40 25.14 -72.41
C VAL E 231 -43.07 25.61 -71.83
N LYS E 232 -42.01 25.49 -72.61
CA LYS E 232 -40.68 25.94 -72.22
C LYS E 232 -40.62 27.46 -72.17
N PRO E 233 -39.66 28.01 -71.43
CA PRO E 233 -39.34 29.44 -71.61
C PRO E 233 -38.88 29.70 -73.03
N GLY E 234 -39.38 30.79 -73.61
CA GLY E 234 -39.13 31.08 -75.01
C GLY E 234 -40.05 30.35 -75.96
N ASP E 235 -40.74 29.31 -75.50
CA ASP E 235 -41.77 28.64 -76.28
C ASP E 235 -43.09 29.40 -76.12
N ILE E 236 -44.13 28.89 -76.77
CA ILE E 236 -45.41 29.60 -76.80
C ILE E 236 -46.53 28.60 -76.99
N LEU E 237 -47.66 28.85 -76.34
CA LEU E 237 -48.83 28.00 -76.43
C LEU E 237 -49.79 28.55 -77.47
N LEU E 238 -50.23 27.70 -78.40
CA LEU E 238 -51.19 28.09 -79.42
C LEU E 238 -52.34 27.10 -79.43
N ILE E 239 -53.56 27.61 -79.29
CA ILE E 239 -54.76 26.80 -79.26
C ILE E 239 -55.63 27.19 -80.45
N ASN E 240 -55.92 26.22 -81.32
CA ASN E 240 -56.87 26.38 -82.41
C ASN E 240 -57.95 25.34 -82.23
N SER E 241 -59.21 25.79 -82.14
CA SER E 241 -60.31 24.87 -81.90
C SER E 241 -61.55 25.35 -82.62
N THR E 242 -62.24 24.42 -83.28
CA THR E 242 -63.52 24.70 -83.89
C THR E 242 -64.62 23.96 -83.13
N GLY E 243 -64.70 24.21 -81.83
CA GLY E 243 -65.73 23.65 -80.99
C GLY E 243 -65.17 22.60 -80.03
N ASN E 244 -65.91 22.38 -78.95
CA ASN E 244 -65.70 21.33 -77.95
C ASN E 244 -64.48 21.56 -77.06
N LEU E 245 -63.88 22.74 -77.12
CA LEU E 245 -62.68 23.01 -76.33
C LEU E 245 -63.06 23.31 -74.88
N ILE E 246 -62.41 22.62 -73.94
CA ILE E 246 -62.46 22.96 -72.53
C ILE E 246 -61.17 23.71 -72.24
N ALA E 247 -61.28 25.02 -72.20
CA ALA E 247 -60.12 25.89 -72.23
C ALA E 247 -59.45 25.98 -70.87
N PRO E 248 -58.13 26.21 -70.83
CA PRO E 248 -57.46 26.51 -69.57
C PRO E 248 -57.73 27.94 -69.13
N ARG E 249 -57.70 28.14 -67.82
CA ARG E 249 -57.82 29.47 -67.25
C ARG E 249 -56.47 30.09 -66.91
N GLY E 250 -55.40 29.34 -67.12
CA GLY E 250 -54.07 29.77 -66.74
C GLY E 250 -53.14 28.57 -66.73
N TYR E 251 -52.05 28.69 -65.98
CA TYR E 251 -51.07 27.62 -65.90
C TYR E 251 -50.81 27.24 -64.45
N PHE E 252 -50.32 26.01 -64.28
CA PHE E 252 -49.73 25.58 -63.02
C PHE E 252 -48.22 25.70 -63.14
N LYS E 253 -47.59 26.11 -62.05
CA LYS E 253 -46.14 26.27 -62.01
C LYS E 253 -45.49 24.94 -61.68
N ILE E 254 -44.52 24.53 -62.49
CA ILE E 254 -43.86 23.23 -62.33
C ILE E 254 -42.56 23.42 -61.55
N ARG E 255 -42.37 22.59 -60.53
CA ARG E 255 -41.15 22.59 -59.75
C ARG E 255 -40.48 21.24 -59.84
N THR E 256 -39.21 21.21 -59.46
CA THR E 256 -38.46 19.99 -59.23
C THR E 256 -38.07 19.94 -57.76
N GLY E 257 -38.19 18.77 -57.16
CA GLY E 257 -37.83 18.63 -55.76
C GLY E 257 -38.09 17.24 -55.24
N LYS E 258 -38.29 17.16 -53.93
CA LYS E 258 -38.45 15.89 -53.22
C LYS E 258 -39.90 15.45 -53.07
N SER E 259 -40.85 16.19 -53.66
CA SER E 259 -42.25 15.92 -53.41
C SER E 259 -42.68 14.61 -54.08
N SER E 260 -43.75 14.02 -53.54
CA SER E 260 -44.33 12.80 -54.08
C SER E 260 -45.77 12.69 -53.59
N ILE E 261 -46.36 11.52 -53.82
CA ILE E 261 -47.74 11.22 -53.42
C ILE E 261 -47.78 9.80 -52.88
N MET E 262 -48.73 9.55 -51.99
CA MET E 262 -48.85 8.24 -51.34
C MET E 262 -50.31 7.93 -51.07
N ARG E 263 -50.69 6.68 -51.33
CA ARG E 263 -52.02 6.20 -50.97
C ARG E 263 -51.97 5.62 -49.57
N SER E 264 -52.76 6.17 -48.66
CA SER E 264 -52.75 5.73 -47.28
C SER E 264 -54.01 6.19 -46.58
N ASP E 265 -54.58 5.32 -45.76
CA ASP E 265 -55.67 5.67 -44.86
C ASP E 265 -55.20 5.94 -43.44
N ALA E 266 -53.88 6.07 -43.24
CA ALA E 266 -53.35 6.29 -41.90
C ALA E 266 -53.63 7.71 -41.45
N PRO E 267 -54.05 7.91 -40.20
CA PRO E 267 -54.32 9.27 -39.72
C PRO E 267 -53.04 10.08 -39.55
N ILE E 268 -53.21 11.39 -39.58
CA ILE E 268 -52.10 12.34 -39.47
C ILE E 268 -51.97 12.73 -38.00
N GLY E 269 -50.88 12.32 -37.37
CA GLY E 269 -50.58 12.71 -36.01
C GLY E 269 -49.56 13.83 -35.96
N THR E 270 -49.48 14.47 -34.79
CA THR E 270 -48.51 15.54 -34.57
C THR E 270 -47.28 14.93 -33.90
N CYS E 271 -46.22 14.73 -34.68
CA CYS E 271 -44.97 14.14 -34.22
C CYS E 271 -43.93 14.35 -35.31
N SER E 272 -42.74 13.81 -35.09
CA SER E 272 -41.63 13.95 -36.02
C SER E 272 -41.02 12.58 -36.31
N SER E 273 -40.85 12.29 -37.59
CA SER E 273 -40.20 11.06 -38.03
C SER E 273 -39.81 11.21 -39.49
N GLU E 274 -38.59 10.78 -39.81
CA GLU E 274 -38.07 10.95 -41.17
C GLU E 274 -38.76 10.04 -42.17
N CYS E 275 -39.23 8.88 -41.74
CA CYS E 275 -39.68 7.82 -42.64
C CYS E 275 -41.20 7.67 -42.56
N ILE E 276 -41.84 7.63 -43.72
CA ILE E 276 -43.29 7.49 -43.83
C ILE E 276 -43.61 6.25 -44.67
N THR E 277 -44.57 5.46 -44.22
CA THR E 277 -45.15 4.36 -44.98
C THR E 277 -46.66 4.52 -44.98
N PRO E 278 -47.36 3.85 -45.90
CA PRO E 278 -48.83 3.84 -45.84
C PRO E 278 -49.38 3.27 -44.54
N ASN E 279 -48.63 2.39 -43.87
CA ASN E 279 -49.00 1.92 -42.54
C ASN E 279 -48.83 2.99 -41.47
N GLY E 280 -48.12 4.06 -41.78
CA GLY E 280 -47.76 5.08 -40.83
C GLY E 280 -46.26 5.31 -40.80
N SER E 281 -45.86 6.25 -39.95
CA SER E 281 -44.45 6.57 -39.80
C SER E 281 -43.72 5.47 -39.02
N ILE E 282 -42.44 5.29 -39.33
CA ILE E 282 -41.63 4.28 -38.65
C ILE E 282 -40.27 4.85 -38.33
N PRO E 283 -39.67 4.41 -37.21
CA PRO E 283 -38.29 4.80 -36.92
C PRO E 283 -37.34 4.27 -37.98
N ASN E 284 -36.23 4.97 -38.16
CA ASN E 284 -35.24 4.57 -39.15
C ASN E 284 -33.89 4.26 -38.49
N ASP E 285 -33.93 3.83 -37.24
CA ASP E 285 -32.69 3.48 -36.54
C ASP E 285 -32.13 2.16 -37.05
N LYS E 286 -32.98 1.28 -37.56
CA LYS E 286 -32.55 -0.01 -38.08
C LYS E 286 -32.30 0.08 -39.58
N PRO E 287 -31.39 -0.74 -40.10
CA PRO E 287 -31.06 -0.65 -41.54
C PRO E 287 -32.10 -1.26 -42.45
N PHE E 288 -32.97 -2.14 -41.95
CA PHE E 288 -33.95 -2.80 -42.80
C PHE E 288 -35.35 -2.69 -42.20
N GLN E 289 -36.35 -2.96 -43.02
CA GLN E 289 -37.73 -2.87 -42.56
C GLN E 289 -38.60 -3.81 -43.37
N ASN E 290 -39.65 -4.33 -42.71
CA ASN E 290 -40.59 -5.26 -43.31
C ASN E 290 -42.01 -4.69 -43.31
N VAL E 291 -42.12 -3.38 -43.07
CA VAL E 291 -43.44 -2.76 -42.92
C VAL E 291 -44.14 -2.62 -44.27
N ASN E 292 -43.45 -2.03 -45.26
CA ASN E 292 -44.08 -1.73 -46.53
C ASN E 292 -43.01 -1.47 -47.58
N ARG E 293 -43.22 -2.00 -48.78
CA ARG E 293 -42.35 -1.69 -49.91
C ARG E 293 -42.46 -0.23 -50.32
N ILE E 294 -43.52 0.45 -49.91
CA ILE E 294 -43.75 1.86 -50.22
C ILE E 294 -43.24 2.69 -49.05
N THR E 295 -42.26 3.56 -49.31
CA THR E 295 -41.71 4.43 -48.28
C THR E 295 -41.48 5.82 -48.87
N TYR E 296 -41.28 6.78 -47.98
CA TYR E 296 -40.96 8.16 -48.35
C TYR E 296 -40.06 8.75 -47.28
N GLY E 297 -38.95 9.34 -47.70
CA GLY E 297 -37.99 9.92 -46.77
C GLY E 297 -36.80 9.03 -46.50
N ALA E 298 -36.10 9.35 -45.42
CA ALA E 298 -34.94 8.57 -44.97
C ALA E 298 -35.45 7.30 -44.30
N CYS E 299 -35.39 6.19 -45.02
CA CYS E 299 -36.09 4.99 -44.60
C CYS E 299 -35.16 3.78 -44.60
N PRO E 300 -35.41 2.82 -43.71
CA PRO E 300 -34.77 1.52 -43.85
C PRO E 300 -35.17 0.86 -45.16
N ARG E 301 -34.28 0.01 -45.66
CA ARG E 301 -34.54 -0.65 -46.94
C ARG E 301 -35.49 -1.82 -46.73
N TYR E 302 -36.47 -1.95 -47.62
CA TYR E 302 -37.47 -3.00 -47.48
C TYR E 302 -36.89 -4.36 -47.84
N VAL E 303 -37.03 -5.31 -46.92
CA VAL E 303 -36.68 -6.70 -47.13
C VAL E 303 -37.88 -7.54 -46.74
N LYS E 304 -37.83 -8.82 -47.11
CA LYS E 304 -38.96 -9.73 -46.89
C LYS E 304 -38.81 -10.55 -45.62
N GLN E 305 -37.62 -10.59 -45.03
CA GLN E 305 -37.48 -11.12 -43.69
C GLN E 305 -38.18 -10.19 -42.70
N ASN E 306 -38.88 -10.78 -41.73
CA ASN E 306 -39.48 -9.97 -40.68
C ASN E 306 -38.59 -9.84 -39.46
N THR E 307 -37.47 -10.58 -39.42
CA THR E 307 -36.53 -10.48 -38.33
C THR E 307 -35.15 -10.90 -38.81
N LEU E 308 -34.14 -10.14 -38.41
CA LEU E 308 -32.74 -10.49 -38.64
C LEU E 308 -31.98 -10.09 -37.40
N LYS E 309 -31.49 -11.08 -36.65
CA LYS E 309 -30.83 -10.83 -35.37
C LYS E 309 -29.33 -10.69 -35.60
N LEU E 310 -28.79 -9.53 -35.24
CA LEU E 310 -27.37 -9.28 -35.30
C LEU E 310 -26.75 -9.56 -33.94
N ALA E 311 -25.85 -10.55 -33.88
CA ALA E 311 -25.19 -10.88 -32.63
C ALA E 311 -24.40 -9.68 -32.11
N THR E 312 -24.60 -9.35 -30.83
CA THR E 312 -23.86 -8.28 -30.17
C THR E 312 -23.07 -8.79 -28.98
N GLY E 313 -22.78 -10.09 -28.95
CA GLY E 313 -22.06 -10.69 -27.85
C GLY E 313 -21.48 -12.01 -28.31
N MET E 314 -20.67 -12.61 -27.44
CA MET E 314 -20.00 -13.87 -27.78
C MET E 314 -21.00 -15.02 -27.77
N ARG E 315 -20.51 -16.19 -28.15
CA ARG E 315 -21.29 -17.42 -27.98
C ARG E 315 -21.62 -17.62 -26.51
N ASN E 316 -22.87 -18.02 -26.24
CA ASN E 316 -23.32 -18.27 -24.89
C ASN E 316 -23.15 -19.74 -24.55
N VAL E 317 -22.29 -20.04 -23.59
CA VAL E 317 -22.08 -21.40 -23.13
C VAL E 317 -22.47 -21.47 -21.65
N PRO E 318 -23.75 -21.64 -21.34
CA PRO E 318 -24.17 -21.57 -19.93
C PRO E 318 -23.72 -22.75 -19.08
N GLU E 319 -23.55 -23.92 -19.69
CA GLU E 319 -23.30 -25.14 -18.92
C GLU E 319 -22.48 -26.14 -19.72
N GLY F 1 -15.54 -20.53 -31.48
CA GLY F 1 -15.49 -20.87 -32.89
C GLY F 1 -14.10 -21.21 -33.40
N ILE F 2 -13.53 -20.33 -34.23
CA ILE F 2 -12.37 -20.69 -35.03
C ILE F 2 -11.09 -20.84 -34.20
N PHE F 3 -11.06 -20.32 -32.98
CA PHE F 3 -9.86 -20.45 -32.15
C PHE F 3 -9.97 -21.56 -31.11
N GLY F 4 -11.14 -22.14 -30.92
CA GLY F 4 -11.27 -23.26 -29.99
C GLY F 4 -11.29 -22.90 -28.53
N ALA F 5 -11.26 -21.62 -28.17
CA ALA F 5 -11.32 -21.25 -26.77
C ALA F 5 -12.76 -21.31 -26.27
N ILE F 6 -13.56 -20.30 -26.59
CA ILE F 6 -14.97 -20.29 -26.18
C ILE F 6 -15.69 -21.46 -26.84
N ALA F 7 -16.54 -22.13 -26.06
CA ALA F 7 -17.24 -23.35 -26.48
C ALA F 7 -16.28 -24.44 -26.93
N GLY F 8 -15.00 -24.27 -26.60
CA GLY F 8 -13.97 -25.21 -26.96
C GLY F 8 -13.21 -25.73 -25.75
N PHE F 9 -11.93 -25.42 -25.64
CA PHE F 9 -11.14 -25.99 -24.55
C PHE F 9 -11.48 -25.37 -23.21
N ILE F 10 -12.18 -24.24 -23.19
CA ILE F 10 -12.86 -23.75 -21.99
C ILE F 10 -14.26 -24.34 -21.99
N GLU F 11 -14.64 -24.99 -20.89
CA GLU F 11 -15.83 -25.82 -20.93
C GLU F 11 -17.13 -25.01 -20.88
N ASN F 12 -17.13 -23.83 -20.25
CA ASN F 12 -18.33 -23.00 -20.23
C ASN F 12 -17.99 -21.63 -19.68
N GLY F 13 -18.97 -20.72 -19.76
CA GLY F 13 -18.82 -19.38 -19.25
C GLY F 13 -19.13 -19.26 -17.77
N TRP F 14 -18.87 -18.08 -17.23
CA TRP F 14 -19.12 -17.75 -15.84
C TRP F 14 -20.32 -16.81 -15.82
N GLU F 15 -21.47 -17.35 -15.42
CA GLU F 15 -22.68 -16.52 -15.31
C GLU F 15 -22.57 -15.50 -14.20
N GLY F 16 -21.72 -15.73 -13.21
CA GLY F 16 -21.53 -14.78 -12.14
C GLY F 16 -20.60 -13.64 -12.43
N MET F 17 -19.94 -13.63 -13.59
CA MET F 17 -19.11 -12.50 -13.99
C MET F 17 -20.00 -11.51 -14.71
N VAL F 18 -20.38 -10.43 -14.02
CA VAL F 18 -21.31 -9.44 -14.54
C VAL F 18 -20.66 -8.09 -14.76
N ASP F 19 -19.35 -7.97 -14.56
CA ASP F 19 -18.64 -6.71 -14.73
C ASP F 19 -17.64 -6.77 -15.88
N GLY F 20 -17.63 -7.85 -16.66
CA GLY F 20 -16.73 -7.95 -17.78
C GLY F 20 -17.07 -9.17 -18.62
N TRP F 21 -16.43 -9.24 -19.78
CA TRP F 21 -16.66 -10.34 -20.70
C TRP F 21 -15.62 -11.44 -20.55
N TYR F 22 -14.41 -11.09 -20.12
CA TYR F 22 -13.34 -12.04 -19.90
C TYR F 22 -12.73 -11.74 -18.54
N GLY F 23 -12.15 -12.76 -17.92
CA GLY F 23 -11.60 -12.52 -16.60
C GLY F 23 -10.82 -13.69 -16.07
N PHE F 24 -10.48 -13.60 -14.79
CA PHE F 24 -9.63 -14.55 -14.10
C PHE F 24 -10.37 -15.12 -12.90
N ARG F 25 -10.21 -16.43 -12.69
CA ARG F 25 -10.60 -17.06 -11.45
C ARG F 25 -9.40 -17.80 -10.88
N HIS F 26 -9.18 -17.67 -9.58
CA HIS F 26 -7.98 -18.20 -8.95
C HIS F 26 -8.34 -18.93 -7.65
N GLN F 27 -7.44 -19.83 -7.25
CA GLN F 27 -7.44 -20.44 -5.93
C GLN F 27 -6.01 -20.40 -5.41
N ASN F 28 -5.83 -19.91 -4.18
CA ASN F 28 -4.50 -19.79 -3.62
C ASN F 28 -4.58 -20.00 -2.10
N SER F 29 -3.47 -19.75 -1.42
CA SER F 29 -3.37 -19.91 0.02
C SER F 29 -4.27 -18.95 0.79
N GLU F 30 -4.84 -17.93 0.13
CA GLU F 30 -5.68 -16.96 0.80
C GLU F 30 -7.15 -17.12 0.47
N GLY F 31 -7.52 -17.99 -0.46
CA GLY F 31 -8.90 -18.16 -0.85
C GLY F 31 -9.11 -18.32 -2.34
N THR F 32 -10.28 -17.89 -2.82
CA THR F 32 -10.62 -17.94 -4.23
C THR F 32 -11.23 -16.62 -4.65
N GLY F 33 -11.10 -16.29 -5.94
CA GLY F 33 -11.62 -15.02 -6.39
C GLY F 33 -11.95 -15.01 -7.87
N GLN F 34 -12.60 -13.92 -8.28
CA GLN F 34 -12.98 -13.70 -9.66
C GLN F 34 -12.79 -12.22 -9.98
N ALA F 35 -12.14 -11.93 -11.10
CA ALA F 35 -11.87 -10.56 -11.49
C ALA F 35 -11.96 -10.44 -13.01
N ALA F 36 -12.63 -9.40 -13.48
CA ALA F 36 -12.75 -9.20 -14.92
C ALA F 36 -11.50 -8.53 -15.48
N ASP F 37 -11.23 -8.80 -16.76
CA ASP F 37 -10.16 -8.13 -17.50
C ASP F 37 -10.79 -7.09 -18.40
N LEU F 38 -10.55 -5.80 -18.08
CA LEU F 38 -11.18 -4.73 -18.84
C LEU F 38 -10.59 -4.58 -20.24
N LYS F 39 -9.29 -4.82 -20.41
CA LYS F 39 -8.66 -4.64 -21.71
C LYS F 39 -9.27 -5.57 -22.75
N SER F 40 -9.33 -6.86 -22.45
CA SER F 40 -9.90 -7.80 -23.41
C SER F 40 -11.38 -7.54 -23.63
N THR F 41 -12.08 -7.14 -22.57
CA THR F 41 -13.50 -6.79 -22.70
C THR F 41 -13.69 -5.59 -23.62
N GLN F 42 -12.84 -4.56 -23.48
CA GLN F 42 -12.96 -3.38 -24.31
C GLN F 42 -12.63 -3.68 -25.77
N ALA F 43 -11.66 -4.55 -26.02
CA ALA F 43 -11.30 -4.89 -27.40
C ALA F 43 -12.48 -5.53 -28.13
N ALA F 44 -13.18 -6.44 -27.47
CA ALA F 44 -14.32 -7.10 -28.09
C ALA F 44 -15.47 -6.11 -28.29
N ILE F 45 -15.79 -5.33 -27.24
CA ILE F 45 -16.91 -4.41 -27.30
C ILE F 45 -16.67 -3.32 -28.34
N ASP F 46 -15.44 -2.85 -28.46
CA ASP F 46 -15.13 -1.83 -29.46
C ASP F 46 -15.35 -2.36 -30.87
N GLN F 47 -14.98 -3.61 -31.13
CA GLN F 47 -15.15 -4.16 -32.47
C GLN F 47 -16.63 -4.33 -32.80
N ILE F 48 -17.44 -4.74 -31.83
CA ILE F 48 -18.87 -4.92 -32.07
C ILE F 48 -19.54 -3.56 -32.22
N ASN F 49 -19.19 -2.59 -31.36
CA ASN F 49 -19.64 -1.23 -31.57
C ASN F 49 -19.23 -0.72 -32.95
N GLY F 50 -18.06 -1.15 -33.43
CA GLY F 50 -17.63 -0.74 -34.76
C GLY F 50 -18.58 -1.21 -35.85
N LYS F 51 -18.93 -2.51 -35.82
CA LYS F 51 -19.93 -3.01 -36.76
C LYS F 51 -21.25 -2.26 -36.64
N LEU F 52 -21.71 -2.06 -35.40
CA LEU F 52 -22.98 -1.38 -35.18
C LEU F 52 -22.98 0.01 -35.83
N ASN F 53 -21.92 0.79 -35.64
CA ASN F 53 -21.82 2.08 -36.31
C ASN F 53 -21.77 1.93 -37.81
N ARG F 54 -21.09 0.89 -38.32
CA ARG F 54 -21.03 0.66 -39.76
C ARG F 54 -22.40 0.37 -40.35
N LEU F 55 -23.34 -0.15 -39.56
CA LEU F 55 -24.66 -0.49 -40.05
C LEU F 55 -25.67 0.64 -39.90
N ILE F 56 -25.44 1.57 -38.96
CA ILE F 56 -26.36 2.69 -38.80
C ILE F 56 -25.98 3.89 -39.64
N GLU F 57 -24.86 3.82 -40.37
CA GLU F 57 -24.51 4.88 -41.32
C GLU F 57 -25.35 4.81 -42.60
N LYS F 58 -26.63 4.50 -42.44
CA LYS F 58 -27.56 4.30 -43.54
C LYS F 58 -27.66 5.52 -44.44
N THR F 59 -27.98 5.27 -45.71
CA THR F 59 -28.09 6.31 -46.74
C THR F 59 -29.16 5.93 -47.75
N ASN F 60 -30.40 5.73 -47.30
CA ASN F 60 -31.51 5.40 -48.19
C ASN F 60 -32.62 6.44 -48.01
N GLU F 61 -32.37 7.65 -48.51
CA GLU F 61 -33.38 8.70 -48.55
C GLU F 61 -33.97 8.74 -49.95
N LYS F 62 -35.21 8.27 -50.09
CA LYS F 62 -35.90 8.21 -51.37
C LYS F 62 -37.21 8.99 -51.28
N PHE F 63 -37.58 9.60 -52.40
CA PHE F 63 -38.77 10.43 -52.42
C PHE F 63 -39.77 9.93 -53.46
N HIS F 64 -39.92 10.63 -54.59
CA HIS F 64 -40.80 10.14 -55.63
C HIS F 64 -40.13 8.97 -56.35
N GLN F 65 -40.83 7.83 -56.40
CA GLN F 65 -40.29 6.63 -57.02
C GLN F 65 -41.27 6.12 -58.06
N ILE F 66 -41.54 4.82 -58.06
CA ILE F 66 -42.56 4.25 -58.93
C ILE F 66 -43.71 3.75 -58.06
N GLU F 67 -44.87 3.62 -58.69
CA GLU F 67 -46.00 3.01 -58.00
C GLU F 67 -45.75 1.52 -57.81
N LYS F 68 -46.28 0.98 -56.72
CA LYS F 68 -46.05 -0.40 -56.35
C LYS F 68 -47.33 -1.14 -55.99
N GLU F 69 -48.48 -0.47 -56.04
CA GLU F 69 -49.79 -1.09 -55.92
C GLU F 69 -50.66 -0.64 -57.08
N PHE F 70 -51.51 -1.54 -57.57
CA PHE F 70 -52.30 -1.26 -58.76
C PHE F 70 -53.71 -1.81 -58.60
N SER F 71 -54.70 -1.01 -58.98
CA SER F 71 -56.10 -1.40 -58.90
C SER F 71 -56.65 -1.94 -60.20
N GLU F 72 -55.92 -1.81 -61.31
CA GLU F 72 -56.40 -2.25 -62.61
C GLU F 72 -55.36 -3.10 -63.31
N VAL F 73 -55.84 -4.02 -64.14
CA VAL F 73 -54.98 -4.82 -65.01
C VAL F 73 -54.56 -3.94 -66.18
N GLU F 74 -53.26 -3.87 -66.44
CA GLU F 74 -52.72 -3.02 -67.49
C GLU F 74 -51.81 -3.73 -68.47
N GLY F 75 -51.21 -4.86 -68.08
CA GLY F 75 -50.39 -5.62 -69.01
C GLY F 75 -48.92 -5.24 -68.93
N ARG F 76 -48.33 -4.91 -70.07
CA ARG F 76 -46.88 -4.89 -70.23
C ARG F 76 -46.20 -3.96 -69.23
N ILE F 77 -46.65 -2.71 -69.16
CA ILE F 77 -45.96 -1.73 -68.30
C ILE F 77 -46.05 -2.14 -66.84
N GLN F 78 -47.21 -2.63 -66.40
CA GLN F 78 -47.35 -3.03 -65.00
C GLN F 78 -46.53 -4.28 -64.71
N ASP F 79 -46.44 -5.19 -65.68
CA ASP F 79 -45.56 -6.35 -65.52
C ASP F 79 -44.13 -5.91 -65.24
N LEU F 80 -43.65 -4.88 -65.95
CA LEU F 80 -42.28 -4.42 -65.78
C LEU F 80 -42.09 -3.73 -64.44
N GLU F 81 -43.02 -2.84 -64.07
CA GLU F 81 -42.93 -2.17 -62.78
C GLU F 81 -42.94 -3.18 -61.63
N LYS F 82 -43.81 -4.18 -61.72
CA LYS F 82 -43.84 -5.21 -60.69
C LYS F 82 -42.54 -6.02 -60.67
N TYR F 83 -42.05 -6.39 -61.85
CA TYR F 83 -40.81 -7.17 -61.92
C TYR F 83 -39.64 -6.38 -61.35
N VAL F 84 -39.58 -5.09 -61.65
CA VAL F 84 -38.46 -4.27 -61.20
C VAL F 84 -38.43 -4.22 -59.67
N GLU F 85 -39.58 -3.98 -59.05
CA GLU F 85 -39.62 -3.92 -57.60
C GLU F 85 -39.35 -5.28 -56.99
N ASP F 86 -39.94 -6.34 -57.55
CA ASP F 86 -39.67 -7.68 -57.05
C ASP F 86 -38.19 -8.02 -57.15
N THR F 87 -37.56 -7.66 -58.27
CA THR F 87 -36.12 -7.87 -58.41
C THR F 87 -35.36 -7.11 -57.33
N LYS F 88 -35.74 -5.85 -57.09
CA LYS F 88 -35.00 -5.03 -56.13
C LYS F 88 -35.08 -5.61 -54.72
N ILE F 89 -36.28 -5.99 -54.29
CA ILE F 89 -36.44 -6.48 -52.91
C ILE F 89 -35.74 -7.82 -52.73
N ASP F 90 -35.78 -8.69 -53.74
CA ASP F 90 -35.07 -9.96 -53.62
C ASP F 90 -33.57 -9.73 -53.44
N LEU F 91 -32.99 -8.79 -54.18
CA LEU F 91 -31.57 -8.54 -54.08
C LEU F 91 -31.20 -7.90 -52.75
N TRP F 92 -32.07 -7.03 -52.21
CA TRP F 92 -31.78 -6.43 -50.91
C TRP F 92 -32.02 -7.43 -49.78
N SER F 93 -33.06 -8.24 -49.88
CA SER F 93 -33.26 -9.30 -48.90
C SER F 93 -32.06 -10.23 -48.84
N TYR F 94 -31.46 -10.54 -50.00
CA TYR F 94 -30.27 -11.37 -50.01
C TYR F 94 -29.10 -10.66 -49.34
N ASN F 95 -28.93 -9.37 -49.65
CA ASN F 95 -27.88 -8.60 -49.00
C ASN F 95 -28.02 -8.65 -47.48
N ALA F 96 -29.25 -8.49 -46.99
CA ALA F 96 -29.47 -8.50 -45.55
C ALA F 96 -29.21 -9.89 -44.96
N GLU F 97 -29.58 -10.95 -45.68
CA GLU F 97 -29.37 -12.30 -45.17
C GLU F 97 -27.89 -12.66 -45.13
N LEU F 98 -27.15 -12.30 -46.17
CA LEU F 98 -25.71 -12.55 -46.18
C LEU F 98 -25.00 -11.66 -45.16
N LEU F 99 -25.44 -10.41 -45.04
CA LEU F 99 -24.75 -9.49 -44.14
C LEU F 99 -24.76 -10.01 -42.70
N VAL F 100 -25.92 -10.51 -42.23
CA VAL F 100 -25.99 -10.96 -40.84
C VAL F 100 -25.19 -12.25 -40.66
N ALA F 101 -25.21 -13.12 -41.68
CA ALA F 101 -24.48 -14.37 -41.58
C ALA F 101 -22.98 -14.13 -41.48
N LEU F 102 -22.46 -13.24 -42.34
CA LEU F 102 -21.05 -12.86 -42.26
C LEU F 102 -20.74 -12.19 -40.93
N GLU F 103 -21.57 -11.22 -40.52
CA GLU F 103 -21.29 -10.47 -39.31
C GLU F 103 -21.29 -11.36 -38.08
N ASN F 104 -22.28 -12.26 -37.99
CA ASN F 104 -22.39 -13.11 -36.81
C ASN F 104 -21.27 -14.14 -36.77
N GLN F 105 -20.96 -14.75 -37.90
CA GLN F 105 -19.80 -15.62 -37.99
C GLN F 105 -18.55 -14.91 -37.51
N HIS F 106 -18.35 -13.67 -37.97
CA HIS F 106 -17.17 -12.91 -37.58
C HIS F 106 -17.22 -12.48 -36.12
N THR F 107 -18.42 -12.12 -35.63
CA THR F 107 -18.55 -11.73 -34.23
C THR F 107 -18.15 -12.88 -33.31
N ILE F 108 -18.67 -14.07 -33.58
CA ILE F 108 -18.35 -15.24 -32.75
C ILE F 108 -16.84 -15.50 -32.76
N ASP F 109 -16.21 -15.39 -33.93
CA ASP F 109 -14.78 -15.71 -34.01
C ASP F 109 -13.91 -14.61 -33.40
N LEU F 110 -14.34 -13.35 -33.45
CA LEU F 110 -13.56 -12.28 -32.83
C LEU F 110 -13.61 -12.39 -31.30
N THR F 111 -14.77 -12.74 -30.75
CA THR F 111 -14.87 -12.94 -29.31
C THR F 111 -14.05 -14.13 -28.87
N ASP F 112 -14.08 -15.21 -29.66
CA ASP F 112 -13.15 -16.32 -29.45
C ASP F 112 -11.71 -15.85 -29.47
N SER F 113 -11.37 -14.99 -30.43
CA SER F 113 -9.99 -14.52 -30.56
C SER F 113 -9.55 -13.73 -29.33
N GLU F 114 -10.41 -12.85 -28.83
CA GLU F 114 -10.05 -12.06 -27.64
C GLU F 114 -9.81 -12.95 -26.44
N MET F 115 -10.61 -14.01 -26.30
CA MET F 115 -10.37 -15.00 -25.24
C MET F 115 -8.98 -15.60 -25.36
N ASN F 116 -8.64 -16.10 -26.55
CA ASN F 116 -7.34 -16.73 -26.76
C ASN F 116 -6.20 -15.74 -26.56
N LYS F 117 -6.41 -14.48 -26.95
CA LYS F 117 -5.37 -13.47 -26.78
C LYS F 117 -5.06 -13.25 -25.32
N LEU F 118 -6.11 -13.18 -24.48
CA LEU F 118 -5.88 -13.03 -23.05
C LEU F 118 -5.19 -14.25 -22.47
N PHE F 119 -5.59 -15.45 -22.91
CA PHE F 119 -4.93 -16.66 -22.46
C PHE F 119 -3.45 -16.66 -22.83
N GLU F 120 -3.14 -16.33 -24.08
CA GLU F 120 -1.75 -16.37 -24.53
C GLU F 120 -0.91 -15.30 -23.83
N LYS F 121 -1.47 -14.10 -23.66
CA LYS F 121 -0.75 -13.08 -22.91
C LYS F 121 -0.38 -13.60 -21.53
N THR F 122 -1.31 -14.26 -20.84
CA THR F 122 -1.05 -14.78 -19.52
C THR F 122 -0.05 -15.93 -19.56
N ARG F 123 -0.16 -16.81 -20.55
CA ARG F 123 0.74 -17.95 -20.64
C ARG F 123 2.20 -17.50 -20.76
N LYS F 124 2.48 -16.60 -21.71
CA LYS F 124 3.84 -16.10 -21.86
C LYS F 124 4.32 -15.40 -20.60
N GLN F 125 3.41 -14.72 -19.89
CA GLN F 125 3.79 -13.96 -18.70
C GLN F 125 4.34 -14.87 -17.61
N LEU F 126 3.73 -16.04 -17.43
CA LEU F 126 4.12 -16.92 -16.34
C LEU F 126 5.44 -17.62 -16.60
N ARG F 127 5.89 -17.67 -17.86
CA ARG F 127 7.20 -18.23 -18.25
C ARG F 127 7.28 -19.67 -17.73
N GLU F 128 8.30 -20.03 -16.96
CA GLU F 128 8.48 -21.39 -16.49
C GLU F 128 7.89 -21.63 -15.11
N ASN F 129 7.01 -20.74 -14.63
CA ASN F 129 6.47 -20.84 -13.28
C ASN F 129 5.11 -21.52 -13.23
N ALA F 130 4.56 -21.92 -14.37
CA ALA F 130 3.23 -22.51 -14.40
C ALA F 130 3.12 -23.42 -15.61
N GLU F 131 2.07 -24.25 -15.60
CA GLU F 131 1.79 -25.18 -16.68
C GLU F 131 0.32 -25.08 -17.05
N ASP F 132 0.04 -25.21 -18.35
CA ASP F 132 -1.32 -25.18 -18.87
C ASP F 132 -1.99 -26.53 -18.66
N MET F 133 -3.07 -26.54 -17.87
CA MET F 133 -3.80 -27.79 -17.64
C MET F 133 -4.69 -28.17 -18.82
N GLY F 134 -4.80 -27.32 -19.84
CA GLY F 134 -5.60 -27.63 -21.01
C GLY F 134 -7.08 -27.32 -20.90
N ASN F 135 -7.55 -26.90 -19.72
CA ASN F 135 -8.94 -26.52 -19.53
C ASN F 135 -9.10 -25.01 -19.34
N GLY F 136 -8.12 -24.23 -19.78
CA GLY F 136 -8.13 -22.80 -19.52
C GLY F 136 -7.52 -22.40 -18.20
N CYS F 137 -6.88 -23.32 -17.49
CA CYS F 137 -6.36 -23.06 -16.16
C CYS F 137 -4.87 -23.37 -16.08
N PHE F 138 -4.16 -22.58 -15.29
CA PHE F 138 -2.73 -22.77 -15.05
C PHE F 138 -2.54 -23.29 -13.63
N LYS F 139 -1.69 -24.30 -13.47
CA LYS F 139 -1.17 -24.64 -12.15
C LYS F 139 0.09 -23.83 -11.93
N ILE F 140 0.05 -22.91 -10.97
CA ILE F 140 1.19 -22.09 -10.63
C ILE F 140 2.00 -22.83 -9.58
N TYR F 141 3.26 -23.12 -9.90
CA TYR F 141 4.09 -24.01 -9.09
C TYR F 141 4.84 -23.29 -7.98
N HIS F 142 4.26 -22.21 -7.46
CA HIS F 142 4.83 -21.50 -6.33
C HIS F 142 3.70 -20.84 -5.56
N LYS F 143 4.01 -20.44 -4.33
CA LYS F 143 3.04 -19.70 -3.53
C LYS F 143 2.80 -18.34 -4.18
N CYS F 144 1.52 -18.00 -4.38
CA CYS F 144 1.13 -16.82 -5.15
C CYS F 144 -0.09 -16.22 -4.47
N ASP F 145 0.15 -15.29 -3.54
CA ASP F 145 -0.92 -14.68 -2.76
C ASP F 145 -1.74 -13.73 -3.64
N ASN F 146 -2.66 -12.99 -3.00
CA ASN F 146 -3.56 -12.13 -3.77
C ASN F 146 -2.81 -11.03 -4.50
N ALA F 147 -1.76 -10.47 -3.86
CA ALA F 147 -0.93 -9.50 -4.56
C ALA F 147 -0.24 -10.15 -5.76
N CYS F 148 0.21 -11.39 -5.60
CA CYS F 148 0.83 -12.12 -6.69
C CYS F 148 -0.19 -12.40 -7.81
N ILE F 149 -1.39 -12.84 -7.43
CA ILE F 149 -2.44 -13.02 -8.43
C ILE F 149 -2.79 -11.68 -9.07
N GLY F 150 -2.86 -10.63 -8.26
CA GLY F 150 -3.12 -9.30 -8.79
C GLY F 150 -2.06 -8.83 -9.76
N SER F 151 -0.80 -9.20 -9.52
CA SER F 151 0.27 -8.80 -10.43
C SER F 151 0.13 -9.46 -11.80
N ILE F 152 -0.42 -10.67 -11.85
CA ILE F 152 -0.62 -11.33 -13.14
C ILE F 152 -1.72 -10.65 -13.93
N ARG F 153 -2.85 -10.36 -13.27
CA ARG F 153 -3.96 -9.69 -13.93
C ARG F 153 -3.55 -8.30 -14.40
N ASN F 154 -2.71 -7.62 -13.63
CA ASN F 154 -2.35 -6.23 -13.86
C ASN F 154 -1.11 -6.07 -14.73
N GLY F 155 -0.43 -7.17 -15.06
CA GLY F 155 0.68 -7.15 -16.00
C GLY F 155 2.04 -6.82 -15.42
N THR F 156 2.18 -6.80 -14.09
CA THR F 156 3.45 -6.47 -13.45
C THR F 156 4.09 -7.66 -12.75
N TYR F 157 3.66 -8.87 -13.10
CA TYR F 157 4.21 -10.08 -12.48
C TYR F 157 5.65 -10.29 -12.93
N ASP F 158 6.57 -10.41 -11.97
CA ASP F 158 7.99 -10.62 -12.24
C ASP F 158 8.29 -12.09 -12.02
N HIS F 159 8.42 -12.85 -13.12
CA HIS F 159 8.60 -14.29 -13.03
C HIS F 159 9.94 -14.68 -12.41
N ASP F 160 10.95 -13.79 -12.48
CA ASP F 160 12.25 -14.12 -11.89
C ASP F 160 12.18 -14.22 -10.37
N VAL F 161 11.24 -13.51 -9.75
CA VAL F 161 11.10 -13.54 -8.30
C VAL F 161 10.73 -14.94 -7.81
N TYR F 162 9.96 -15.68 -8.60
CA TYR F 162 9.45 -16.99 -8.21
C TYR F 162 10.09 -18.15 -8.97
N ARG F 163 10.98 -17.87 -9.91
CA ARG F 163 11.42 -18.90 -10.85
C ARG F 163 12.06 -20.09 -10.14
N ASP F 164 12.97 -19.82 -9.20
CA ASP F 164 13.67 -20.90 -8.50
C ASP F 164 12.70 -21.77 -7.73
N GLU F 165 11.77 -21.17 -6.99
CA GLU F 165 10.78 -21.96 -6.25
C GLU F 165 9.93 -22.79 -7.21
N ALA F 166 9.46 -22.19 -8.30
CA ALA F 166 8.57 -22.91 -9.21
C ALA F 166 9.31 -24.02 -9.94
N LEU F 167 10.53 -23.75 -10.42
CA LEU F 167 11.29 -24.79 -11.11
C LEU F 167 11.54 -25.98 -10.20
N ASN F 168 11.86 -25.72 -8.93
CA ASN F 168 12.10 -26.81 -7.98
C ASN F 168 10.83 -27.62 -7.75
N ASN F 169 9.67 -26.96 -7.72
CA ASN F 169 8.42 -27.69 -7.54
C ASN F 169 8.02 -28.45 -8.79
N ARG F 170 8.33 -27.90 -9.98
CA ARG F 170 7.96 -28.57 -11.22
C ARG F 170 8.78 -29.83 -11.45
N PHE F 171 10.09 -29.77 -11.23
CA PHE F 171 11.02 -30.79 -11.68
C PHE F 171 11.59 -31.55 -10.48
N GLN F 172 10.72 -32.34 -9.84
CA GLN F 172 11.10 -33.23 -8.75
C GLN F 172 11.93 -32.55 -7.67
N GLY G 4 101.13 -35.38 75.44
CA GLY G 4 99.93 -34.59 75.28
C GLY G 4 99.09 -34.96 74.08
N ALA G 5 98.25 -34.02 73.64
CA ALA G 5 97.34 -34.26 72.53
C ALA G 5 97.13 -32.95 71.77
N THR G 6 96.45 -33.06 70.63
CA THR G 6 96.18 -31.91 69.76
C THR G 6 94.71 -31.92 69.39
N LEU G 7 94.06 -30.76 69.51
CA LEU G 7 92.63 -30.62 69.21
C LEU G 7 92.44 -29.44 68.27
N CYS G 8 91.94 -29.72 67.06
CA CYS G 8 91.77 -28.71 66.03
C CYS G 8 90.30 -28.41 65.80
N LEU G 9 89.98 -27.13 65.68
CA LEU G 9 88.64 -26.65 65.37
C LEU G 9 88.57 -26.34 63.89
N GLY G 10 87.41 -26.59 63.28
CA GLY G 10 87.31 -26.37 61.87
C GLY G 10 85.88 -26.32 61.38
N HIS G 11 85.75 -26.16 60.07
CA HIS G 11 84.46 -26.00 59.40
C HIS G 11 84.46 -26.89 58.16
N HIS G 12 83.27 -27.14 57.64
CA HIS G 12 83.17 -28.04 56.50
C HIS G 12 83.48 -27.29 55.19
N ALA G 13 83.67 -28.08 54.14
CA ALA G 13 83.88 -27.54 52.80
C ALA G 13 83.36 -28.58 51.80
N VAL G 14 83.10 -28.10 50.58
CA VAL G 14 82.62 -28.98 49.53
C VAL G 14 83.52 -28.79 48.30
N PRO G 15 83.64 -29.79 47.42
CA PRO G 15 84.46 -29.61 46.22
C PRO G 15 83.77 -28.80 45.12
N ASN G 16 82.45 -28.68 45.15
CA ASN G 16 81.70 -27.99 44.09
C ASN G 16 81.01 -26.76 44.67
N GLY G 17 81.79 -25.77 45.06
CA GLY G 17 81.25 -24.52 45.55
C GLY G 17 80.56 -23.72 44.45
N THR G 18 79.91 -22.63 44.87
CA THR G 18 79.14 -21.78 43.98
C THR G 18 79.46 -20.31 44.26
N LEU G 19 79.41 -19.50 43.22
CA LEU G 19 79.80 -18.10 43.29
C LEU G 19 78.58 -17.21 43.54
N VAL G 20 78.73 -16.27 44.48
CA VAL G 20 77.67 -15.32 44.82
C VAL G 20 78.29 -13.92 44.90
N LYS G 21 77.41 -12.93 44.98
CA LYS G 21 77.78 -11.54 45.13
C LYS G 21 77.58 -11.09 46.57
N THR G 22 78.40 -10.13 47.00
CA THR G 22 78.28 -9.53 48.33
C THR G 22 78.44 -8.03 48.20
N ILE G 23 78.44 -7.35 49.34
CA ILE G 23 78.73 -5.92 49.36
C ILE G 23 80.12 -5.67 48.79
N THR G 24 81.07 -6.54 49.12
CA THR G 24 82.47 -6.31 48.81
C THR G 24 82.94 -7.04 47.56
N ASN G 25 82.27 -8.12 47.17
CA ASN G 25 82.90 -9.03 46.22
C ASN G 25 82.03 -9.31 45.01
N ASP G 26 82.65 -9.19 43.83
CA ASP G 26 82.04 -9.61 42.58
C ASP G 26 81.98 -11.12 42.45
N GLN G 27 82.89 -11.84 43.10
CA GLN G 27 83.11 -13.27 42.85
C GLN G 27 83.58 -13.93 44.14
N ILE G 28 82.65 -14.48 44.92
CA ILE G 28 83.03 -15.18 46.15
C ILE G 28 82.34 -16.53 46.20
N GLU G 29 83.12 -17.57 46.49
CA GLU G 29 82.62 -18.95 46.52
C GLU G 29 82.06 -19.27 47.90
N VAL G 30 80.84 -19.80 47.93
CA VAL G 30 80.22 -20.29 49.15
C VAL G 30 79.93 -21.78 48.97
N THR G 31 79.63 -22.45 50.08
CA THR G 31 79.42 -23.89 50.03
C THR G 31 78.12 -24.26 49.32
N ASN G 32 77.15 -23.34 49.27
CA ASN G 32 75.84 -23.66 48.71
C ASN G 32 75.06 -22.37 48.53
N ALA G 33 74.15 -22.37 47.55
CA ALA G 33 73.33 -21.20 47.26
C ALA G 33 72.02 -21.66 46.64
N THR G 34 71.07 -20.73 46.57
CA THR G 34 69.76 -20.98 45.97
C THR G 34 69.40 -19.83 45.05
N GLU G 35 68.64 -20.15 44.01
CA GLU G 35 68.24 -19.17 43.00
C GLU G 35 67.01 -18.41 43.48
N LEU G 36 67.03 -17.09 43.29
CA LEU G 36 65.91 -16.23 43.67
C LEU G 36 65.15 -15.67 42.49
N VAL G 37 65.59 -15.93 41.26
CA VAL G 37 64.92 -15.43 40.06
C VAL G 37 64.33 -16.61 39.32
N GLN G 38 63.01 -16.58 39.14
CA GLN G 38 62.34 -17.54 38.26
C GLN G 38 62.54 -17.06 36.82
N SER G 39 63.13 -17.92 35.99
CA SER G 39 63.40 -17.56 34.60
C SER G 39 62.83 -18.55 33.60
N SER G 40 62.14 -19.59 34.05
CA SER G 40 61.55 -20.58 33.16
C SER G 40 60.11 -20.84 33.54
N SER G 41 59.33 -21.26 32.55
CA SER G 41 57.95 -21.66 32.75
C SER G 41 57.72 -22.98 32.04
N THR G 42 56.65 -23.66 32.43
CA THR G 42 56.25 -24.88 31.72
C THR G 42 55.86 -24.59 30.28
N GLY G 43 55.38 -23.37 30.00
CA GLY G 43 54.94 -23.01 28.68
C GLY G 43 53.45 -23.10 28.45
N ARG G 44 52.69 -23.56 29.43
CA ARG G 44 51.23 -23.62 29.35
C ARG G 44 50.62 -22.80 30.47
N ILE G 45 49.41 -22.31 30.24
CA ILE G 45 48.65 -21.60 31.28
C ILE G 45 47.78 -22.61 32.00
N CYS G 46 47.98 -22.74 33.30
CA CYS G 46 47.18 -23.66 34.10
C CYS G 46 45.76 -23.12 34.25
N ASP G 47 44.77 -23.99 34.02
CA ASP G 47 43.38 -23.57 34.15
C ASP G 47 42.89 -23.57 35.59
N SER G 48 43.76 -23.87 36.55
CA SER G 48 43.45 -23.69 37.96
C SER G 48 44.62 -22.96 38.61
N PRO G 49 44.35 -22.18 39.67
CA PRO G 49 43.06 -22.02 40.34
C PRO G 49 42.19 -20.87 39.82
N HIS G 50 42.60 -20.21 38.73
CA HIS G 50 41.80 -19.16 38.12
C HIS G 50 41.08 -19.71 36.89
N ARG G 51 39.82 -19.30 36.71
CA ARG G 51 39.09 -19.67 35.51
C ARG G 51 39.68 -18.97 34.31
N ILE G 52 40.22 -19.74 33.38
CA ILE G 52 40.75 -19.19 32.14
C ILE G 52 39.66 -19.28 31.07
N LEU G 53 39.35 -18.14 30.46
CA LEU G 53 38.44 -18.08 29.32
C LEU G 53 39.28 -17.87 28.08
N ASP G 54 39.45 -18.93 27.29
CA ASP G 54 40.19 -18.82 26.03
C ASP G 54 39.35 -18.04 25.03
N GLY G 55 39.78 -16.82 24.72
CA GLY G 55 39.09 -16.04 23.72
C GLY G 55 39.05 -16.70 22.35
N LYS G 56 40.00 -17.59 22.08
CA LYS G 56 40.11 -18.28 20.80
C LYS G 56 40.05 -17.29 19.64
N ASN G 57 39.04 -17.41 18.79
CA ASN G 57 38.90 -16.56 17.61
C ASN G 57 38.29 -15.20 17.92
N CYS G 58 38.15 -14.85 19.20
CA CYS G 58 37.38 -13.69 19.60
C CYS G 58 38.18 -12.83 20.56
N THR G 59 38.26 -11.54 20.25
CA THR G 59 38.65 -10.54 21.22
C THR G 59 37.51 -10.33 22.21
N LEU G 60 37.82 -9.68 23.33
CA LEU G 60 36.79 -9.45 24.35
C LEU G 60 35.67 -8.57 23.83
N ILE G 61 36.01 -7.57 23.01
CA ILE G 61 34.98 -6.64 22.54
C ILE G 61 34.03 -7.31 21.54
N ASP G 62 34.54 -8.26 20.74
CA ASP G 62 33.68 -8.96 19.81
C ASP G 62 32.72 -9.90 20.53
N ALA G 63 33.16 -10.50 21.64
CA ALA G 63 32.25 -11.26 22.48
C ALA G 63 31.21 -10.35 23.12
N LEU G 64 31.61 -9.13 23.49
CA LEU G 64 30.70 -8.15 24.07
C LEU G 64 29.58 -7.81 23.09
N LEU G 65 29.96 -7.34 21.89
CA LEU G 65 28.98 -6.85 20.93
C LEU G 65 28.13 -7.97 20.37
N GLY G 66 28.72 -9.14 20.13
CA GLY G 66 27.96 -10.26 19.61
C GLY G 66 28.34 -10.64 18.19
N ASP G 67 29.63 -10.50 17.88
CA ASP G 67 30.17 -10.97 16.61
C ASP G 67 29.78 -12.43 16.40
N PRO G 68 29.24 -12.81 15.23
CA PRO G 68 28.62 -14.15 15.08
C PRO G 68 29.51 -15.30 15.52
N HIS G 69 30.78 -15.30 15.17
CA HIS G 69 31.66 -16.40 15.60
C HIS G 69 32.05 -16.29 17.06
N CYS G 70 31.49 -15.33 17.80
CA CYS G 70 31.73 -15.16 19.22
C CYS G 70 30.51 -15.49 20.06
N ASP G 71 29.48 -16.10 19.46
CA ASP G 71 28.24 -16.38 20.18
C ASP G 71 28.48 -17.32 21.35
N GLY G 72 29.51 -18.17 21.29
CA GLY G 72 29.79 -19.08 22.37
C GLY G 72 30.20 -18.42 23.67
N PHE G 73 30.45 -17.10 23.65
CA PHE G 73 30.90 -16.36 24.82
C PHE G 73 29.76 -15.60 25.50
N GLN G 74 28.51 -15.83 25.10
CA GLN G 74 27.40 -15.12 25.68
C GLN G 74 27.26 -15.46 27.16
N ASN G 75 27.16 -14.42 27.99
CA ASN G 75 26.92 -14.55 29.44
C ASN G 75 28.05 -15.26 30.17
N LYS G 76 29.27 -15.26 29.61
CA LYS G 76 30.37 -15.93 30.29
C LYS G 76 30.98 -15.03 31.36
N GLU G 77 31.64 -15.67 32.31
CA GLU G 77 32.43 -14.99 33.34
C GLU G 77 33.86 -15.52 33.29
N TRP G 78 34.77 -14.79 33.92
CA TRP G 78 36.17 -15.20 33.91
C TRP G 78 36.92 -14.49 35.02
N ASP G 79 38.03 -15.10 35.43
CA ASP G 79 39.06 -14.42 36.19
C ASP G 79 40.13 -13.86 35.27
N LEU G 80 40.45 -14.57 34.19
CA LEU G 80 41.44 -14.10 33.23
C LEU G 80 40.92 -14.41 31.83
N PHE G 81 40.71 -13.35 31.03
CA PHE G 81 40.36 -13.49 29.63
C PHE G 81 41.65 -13.50 28.81
N VAL G 82 41.87 -14.57 28.05
CA VAL G 82 43.07 -14.73 27.24
C VAL G 82 42.70 -14.39 25.80
N GLU G 83 43.33 -13.35 25.27
CA GLU G 83 43.11 -12.90 23.89
C GLU G 83 44.22 -13.47 23.01
N ARG G 84 43.82 -14.13 21.91
CA ARG G 84 44.77 -14.73 20.99
C ARG G 84 45.10 -13.75 19.88
N SER G 85 46.35 -13.77 19.44
CA SER G 85 46.80 -12.84 18.40
C SER G 85 46.16 -13.13 17.05
N LYS G 86 45.67 -14.34 16.82
CA LYS G 86 45.01 -14.68 15.58
C LYS G 86 43.50 -14.43 15.63
N ALA G 87 43.00 -13.80 16.69
CA ALA G 87 41.59 -13.44 16.75
C ALA G 87 41.26 -12.42 15.67
N TYR G 88 39.97 -12.35 15.32
CA TYR G 88 39.56 -11.49 14.21
C TYR G 88 38.12 -11.05 14.42
N SER G 89 37.74 -10.01 13.70
CA SER G 89 36.36 -9.56 13.62
C SER G 89 35.77 -10.04 12.29
N ASN G 90 34.48 -10.41 12.32
CA ASN G 90 33.78 -10.87 11.13
C ASN G 90 32.35 -10.35 11.13
N CYS G 91 32.17 -9.09 11.55
CA CYS G 91 30.85 -8.48 11.52
C CYS G 91 30.90 -7.14 10.79
N TYR G 92 30.05 -6.21 11.19
CA TYR G 92 30.13 -4.87 10.64
C TYR G 92 31.44 -4.21 11.05
N PRO G 93 32.14 -3.56 10.13
CA PRO G 93 33.37 -2.85 10.50
C PRO G 93 33.05 -1.70 11.45
N TYR G 94 33.91 -1.52 12.46
CA TYR G 94 33.60 -0.56 13.51
C TYR G 94 34.89 -0.08 14.17
N ASP G 95 34.80 1.09 14.81
CA ASP G 95 35.87 1.67 15.60
C ASP G 95 35.30 2.11 16.94
N VAL G 96 36.05 1.87 18.01
CA VAL G 96 35.67 2.33 19.34
C VAL G 96 36.61 3.48 19.73
N PRO G 97 36.11 4.71 19.82
CA PRO G 97 36.90 5.75 20.50
C PRO G 97 37.16 5.35 21.94
N ASP G 98 38.42 5.44 22.34
CA ASP G 98 38.87 4.96 23.65
C ASP G 98 38.55 3.47 23.81
N TYR G 99 38.93 2.70 22.79
CA TYR G 99 38.82 1.24 22.84
C TYR G 99 39.47 0.68 24.10
N ALA G 100 40.70 1.12 24.39
CA ALA G 100 41.47 0.53 25.49
C ALA G 100 40.72 0.63 26.81
N SER G 101 40.04 1.74 27.06
CA SER G 101 39.31 1.91 28.31
C SER G 101 38.15 0.93 28.39
N LEU G 102 37.34 0.84 27.32
CA LEU G 102 36.21 -0.09 27.32
C LEU G 102 36.67 -1.52 27.48
N ARG G 103 37.78 -1.88 26.83
CA ARG G 103 38.34 -3.22 27.00
C ARG G 103 38.79 -3.44 28.44
N SER G 104 39.31 -2.40 29.09
CA SER G 104 39.80 -2.53 30.46
C SER G 104 38.66 -2.71 31.45
N LEU G 105 37.58 -1.93 31.30
CA LEU G 105 36.55 -1.94 32.33
C LEU G 105 35.65 -3.17 32.23
N VAL G 106 35.51 -3.76 31.04
CA VAL G 106 34.78 -5.03 30.95
C VAL G 106 35.64 -6.17 31.47
N ALA G 107 36.94 -6.15 31.13
CA ALA G 107 37.84 -7.17 31.65
C ALA G 107 37.95 -7.08 33.17
N SER G 108 37.97 -5.86 33.71
CA SER G 108 38.00 -5.71 35.15
C SER G 108 36.71 -6.15 35.80
N SER G 109 35.58 -6.01 35.09
CA SER G 109 34.30 -6.44 35.64
C SER G 109 34.22 -7.97 35.69
N GLY G 110 34.76 -8.63 34.68
CA GLY G 110 34.88 -10.08 34.71
C GLY G 110 33.60 -10.86 34.40
N THR G 111 32.67 -10.26 33.66
CA THR G 111 31.44 -10.96 33.31
C THR G 111 30.89 -10.41 32.02
N LEU G 112 30.21 -11.27 31.26
CA LEU G 112 29.50 -10.90 30.04
C LEU G 112 28.00 -11.03 30.21
N GLU G 113 27.50 -11.06 31.44
CA GLU G 113 26.08 -11.23 31.68
C GLU G 113 25.29 -10.08 31.07
N PHE G 114 24.37 -10.42 30.18
CA PHE G 114 23.53 -9.45 29.49
C PHE G 114 22.08 -9.73 29.87
N ILE G 115 21.37 -8.68 30.27
CA ILE G 115 19.98 -8.77 30.67
C ILE G 115 19.15 -8.04 29.64
N ASN G 116 18.22 -8.74 29.00
CA ASN G 116 17.44 -8.15 27.92
C ASN G 116 16.48 -7.09 28.47
N GLU G 117 16.39 -5.97 27.74
CA GLU G 117 15.59 -4.82 28.12
C GLU G 117 14.58 -4.56 27.02
N ASP G 118 13.34 -4.24 27.38
CA ASP G 118 12.30 -3.97 26.37
C ASP G 118 12.18 -2.46 26.15
N PHE G 119 13.11 -1.92 25.37
CA PHE G 119 13.01 -0.53 24.94
C PHE G 119 11.81 -0.37 24.00
N ASN G 120 11.16 0.78 24.10
CA ASN G 120 9.94 1.07 23.36
C ASN G 120 10.32 1.83 22.09
N TRP G 121 10.61 1.08 21.02
CA TRP G 121 11.04 1.68 19.76
C TRP G 121 9.83 1.93 18.86
N THR G 122 9.02 2.88 19.28
CA THR G 122 7.82 3.25 18.53
C THR G 122 8.21 3.93 17.23
N GLY G 123 7.83 3.33 16.11
CA GLY G 123 7.90 3.99 14.82
C GLY G 123 9.04 3.58 13.90
N VAL G 124 9.88 2.63 14.32
CA VAL G 124 11.03 2.25 13.52
C VAL G 124 11.13 0.73 13.43
N ALA G 125 11.83 0.26 12.40
CA ALA G 125 12.02 -1.17 12.15
C ALA G 125 13.25 -1.65 12.91
N GLN G 126 13.07 -2.66 13.74
CA GLN G 126 14.14 -3.19 14.58
C GLN G 126 14.93 -4.27 13.85
N SER G 127 16.10 -4.59 14.39
CA SER G 127 16.90 -5.75 13.99
C SER G 127 17.40 -5.63 12.54
N GLY G 128 17.97 -4.48 12.21
CA GLY G 128 18.62 -4.33 10.92
C GLY G 128 19.88 -5.18 10.83
N GLU G 129 20.10 -5.77 9.66
CA GLU G 129 21.14 -6.78 9.46
C GLU G 129 22.02 -6.38 8.26
N SER G 130 23.01 -7.21 7.94
CA SER G 130 23.97 -6.85 6.90
C SER G 130 24.75 -8.07 6.41
N TYR G 131 25.26 -7.98 5.17
CA TYR G 131 26.18 -8.98 4.63
C TYR G 131 27.37 -9.15 5.56
N ALA G 132 28.03 -8.05 5.92
CA ALA G 132 29.31 -8.10 6.62
C ALA G 132 29.28 -8.95 7.88
N CYS G 133 28.10 -9.43 8.30
CA CYS G 133 27.92 -10.07 9.59
C CYS G 133 27.03 -11.32 9.42
N LYS G 134 27.54 -12.30 8.68
CA LYS G 134 26.78 -13.54 8.47
C LYS G 134 26.69 -14.33 9.76
N ARG G 135 25.49 -14.81 10.07
CA ARG G 135 25.26 -15.80 11.11
C ARG G 135 24.81 -17.08 10.40
N GLY G 136 25.71 -18.05 10.30
CA GLY G 136 25.49 -19.19 9.43
C GLY G 136 25.71 -18.79 7.99
N SER G 137 24.64 -18.71 7.20
CA SER G 137 24.71 -18.18 5.84
C SER G 137 23.70 -17.06 5.61
N VAL G 138 23.02 -16.61 6.67
CA VAL G 138 21.98 -15.61 6.55
C VAL G 138 22.53 -14.25 6.94
N LYS G 139 21.84 -13.21 6.47
CA LYS G 139 22.13 -11.85 6.89
C LYS G 139 21.89 -11.71 8.38
N SER G 140 22.71 -10.92 9.07
CA SER G 140 22.63 -10.84 10.53
C SER G 140 23.34 -9.59 11.02
N PHE G 141 23.61 -9.53 12.33
CA PHE G 141 24.14 -8.34 12.99
C PHE G 141 24.66 -8.73 14.37
N PHE G 142 25.27 -7.76 15.06
CA PHE G 142 25.71 -7.96 16.45
C PHE G 142 24.53 -8.37 17.31
N SER G 143 24.71 -9.44 18.09
CA SER G 143 23.60 -10.00 18.86
C SER G 143 23.13 -9.04 19.95
N ARG G 144 24.02 -8.23 20.50
CA ARG G 144 23.67 -7.33 21.60
C ARG G 144 23.29 -5.93 21.13
N LEU G 145 23.24 -5.69 19.83
CA LEU G 145 22.91 -4.37 19.29
C LEU G 145 21.69 -4.46 18.39
N ASN G 146 20.96 -3.35 18.29
CA ASN G 146 19.71 -3.30 17.55
C ASN G 146 19.78 -2.18 16.53
N TRP G 147 19.92 -2.54 15.25
CA TRP G 147 20.03 -1.56 14.16
C TRP G 147 18.64 -1.11 13.76
N LEU G 148 18.25 0.09 14.19
CA LEU G 148 16.94 0.65 13.87
C LEU G 148 17.01 1.43 12.56
N HIS G 149 16.03 1.20 11.69
CA HIS G 149 15.92 1.92 10.44
C HIS G 149 14.46 2.27 10.18
N GLU G 150 14.20 2.88 9.02
CA GLU G 150 12.88 3.44 8.74
C GLU G 150 11.83 2.35 8.65
N SER G 151 10.62 2.70 9.08
CA SER G 151 9.43 1.89 8.86
C SER G 151 8.40 2.75 8.16
N GLU G 152 8.04 2.35 6.93
CA GLU G 152 7.08 3.06 6.10
C GLU G 152 7.49 4.51 5.87
N TYR G 153 8.80 4.70 5.68
CA TYR G 153 9.37 5.98 5.28
C TYR G 153 9.12 7.05 6.34
N LYS G 154 9.26 6.67 7.60
CA LYS G 154 9.22 7.62 8.72
C LYS G 154 10.24 7.20 9.76
N TYR G 155 11.01 8.18 10.25
CA TYR G 155 11.88 8.03 11.41
C TYR G 155 11.47 9.09 12.42
N PRO G 156 10.57 8.76 13.34
CA PRO G 156 10.11 9.76 14.31
C PRO G 156 11.14 10.01 15.40
N ALA G 157 11.02 11.19 16.01
CA ALA G 157 11.96 11.60 17.06
C ALA G 157 11.92 10.62 18.22
N LEU G 158 12.87 9.70 18.27
CA LEU G 158 12.93 8.72 19.35
C LEU G 158 13.24 9.41 20.68
N ASN G 159 12.53 8.98 21.72
CA ASN G 159 12.71 9.51 23.08
C ASN G 159 12.31 8.41 24.05
N VAL G 160 13.28 7.58 24.42
CA VAL G 160 13.02 6.38 25.21
C VAL G 160 13.82 6.45 26.50
N THR G 161 13.29 5.80 27.54
CA THR G 161 13.87 5.85 28.87
C THR G 161 13.84 4.48 29.53
N MET G 162 14.82 4.24 30.41
CA MET G 162 14.79 3.03 31.23
C MET G 162 15.43 3.32 32.60
N PRO G 163 14.65 3.21 33.68
CA PRO G 163 15.22 3.43 35.01
C PRO G 163 16.07 2.26 35.46
N ASN G 164 17.14 2.58 36.18
CA ASN G 164 17.90 1.58 36.92
C ASN G 164 17.38 1.60 38.35
N ASN G 165 16.36 0.78 38.60
CA ASN G 165 15.81 0.64 39.94
C ASN G 165 16.42 -0.53 40.70
N GLY G 166 17.38 -1.23 40.10
CA GLY G 166 18.11 -2.26 40.81
C GLY G 166 19.19 -1.68 41.70
N LYS G 167 19.81 -2.58 42.46
CA LYS G 167 20.86 -2.21 43.42
C LYS G 167 22.25 -2.35 42.84
N PHE G 168 22.44 -2.06 41.56
CA PHE G 168 23.73 -2.23 40.92
C PHE G 168 23.78 -1.38 39.66
N ASP G 169 25.00 -1.23 39.12
CA ASP G 169 25.19 -0.44 37.92
C ASP G 169 24.93 -1.29 36.67
N LYS G 170 24.35 -0.66 35.65
CA LYS G 170 24.19 -1.25 34.33
C LYS G 170 25.21 -0.67 33.37
N LEU G 171 25.80 -1.54 32.55
CA LEU G 171 26.68 -1.11 31.47
C LEU G 171 25.93 -1.25 30.17
N TYR G 172 25.63 -0.11 29.53
CA TYR G 172 24.91 -0.09 28.27
C TYR G 172 25.89 0.12 27.12
N ILE G 173 25.76 -0.68 26.08
CA ILE G 173 26.59 -0.57 24.88
C ILE G 173 25.70 -0.14 23.72
N TRP G 174 26.12 0.89 23.00
CA TRP G 174 25.35 1.41 21.88
C TRP G 174 26.31 1.94 20.81
N GLY G 175 25.73 2.32 19.67
CA GLY G 175 26.54 2.74 18.54
C GLY G 175 25.84 3.76 17.66
N VAL G 176 26.59 4.25 16.67
CA VAL G 176 26.11 5.26 15.73
C VAL G 176 26.56 4.87 14.33
N HIS G 177 25.60 4.78 13.40
CA HIS G 177 25.92 4.38 12.03
C HIS G 177 26.44 5.56 11.22
N HIS G 178 27.55 5.35 10.53
CA HIS G 178 28.15 6.36 9.66
C HIS G 178 28.03 5.90 8.22
N PRO G 179 27.02 6.33 7.47
CA PRO G 179 26.87 5.86 6.09
C PRO G 179 28.01 6.35 5.20
N SER G 180 28.25 5.59 4.12
CA SER G 180 29.28 5.98 3.18
C SER G 180 28.81 7.08 2.24
N THR G 181 27.54 7.04 1.84
CA THR G 181 27.00 7.96 0.84
C THR G 181 25.68 8.55 1.32
N ASP G 182 25.24 9.58 0.59
CA ASP G 182 23.98 10.24 0.90
C ASP G 182 22.79 9.34 0.61
N ARG G 183 22.94 8.39 -0.32
CA ARG G 183 21.90 7.41 -0.56
C ARG G 183 21.58 6.64 0.72
N GLU G 184 22.61 6.06 1.35
CA GLU G 184 22.40 5.18 2.50
C GLU G 184 21.64 5.87 3.61
N GLN G 185 21.96 7.13 3.90
CA GLN G 185 21.31 7.85 4.99
C GLN G 185 19.81 7.91 4.78
N THR G 186 19.37 8.41 3.62
CA THR G 186 17.95 8.58 3.37
C THR G 186 17.23 7.26 3.17
N ASN G 187 17.93 6.25 2.62
CA ASN G 187 17.28 4.96 2.43
C ASN G 187 16.94 4.30 3.76
N LEU G 188 17.80 4.46 4.76
CA LEU G 188 17.60 3.83 6.06
C LEU G 188 16.93 4.74 7.07
N TYR G 189 17.26 6.03 7.09
CA TYR G 189 16.78 6.94 8.12
C TYR G 189 15.98 8.11 7.58
N VAL G 190 15.73 8.15 6.26
CA VAL G 190 14.87 9.11 5.56
C VAL G 190 15.19 10.56 5.94
N ARG G 191 16.46 10.85 6.19
CA ARG G 191 16.89 12.19 6.58
C ARG G 191 18.28 12.43 5.99
N ALA G 192 18.66 13.71 5.92
CA ALA G 192 19.99 14.08 5.45
C ALA G 192 21.04 14.10 6.55
N SER G 193 20.64 14.16 7.81
CA SER G 193 21.59 14.18 8.92
C SER G 193 20.94 13.61 10.17
N GLY G 194 21.53 12.55 10.72
CA GLY G 194 21.10 12.00 11.99
C GLY G 194 21.77 12.67 13.17
N ARG G 195 21.43 12.19 14.36
CA ARG G 195 21.95 12.74 15.61
C ARG G 195 21.57 11.79 16.73
N VAL G 196 22.52 11.51 17.61
CA VAL G 196 22.32 10.56 18.72
C VAL G 196 22.75 11.24 20.02
N THR G 197 21.82 11.37 20.96
CA THR G 197 22.12 11.81 22.32
C THR G 197 21.72 10.70 23.28
N VAL G 198 22.69 10.22 24.06
CA VAL G 198 22.46 9.22 25.11
C VAL G 198 22.88 9.84 26.44
N SER G 199 21.97 9.81 27.41
CA SER G 199 22.06 10.71 28.56
C SER G 199 21.85 9.98 29.88
N THR G 200 22.43 10.57 30.92
CA THR G 200 22.12 10.27 32.31
C THR G 200 21.90 11.60 33.02
N LYS G 201 21.61 11.52 34.33
CA LYS G 201 21.52 12.74 35.12
C LYS G 201 22.88 13.41 35.25
N ARG G 202 23.97 12.64 35.14
CA ARG G 202 25.32 13.14 35.27
C ARG G 202 25.93 13.63 33.96
N SER G 203 25.52 13.04 32.85
CA SER G 203 26.35 13.12 31.64
C SER G 203 25.47 13.22 30.40
N GLN G 204 26.12 13.57 29.30
CA GLN G 204 25.49 13.65 27.99
C GLN G 204 26.57 13.40 26.95
N GLN G 205 26.41 12.35 26.17
CA GLN G 205 27.31 12.06 25.05
C GLN G 205 26.49 12.12 23.77
N THR G 206 26.76 13.13 22.95
CA THR G 206 26.07 13.32 21.68
C THR G 206 27.04 13.04 20.54
N VAL G 207 26.60 12.21 19.60
CA VAL G 207 27.42 11.79 18.47
C VAL G 207 26.77 12.30 17.19
N ILE G 208 27.58 12.85 16.30
CA ILE G 208 27.14 13.26 14.97
C ILE G 208 27.60 12.20 13.98
N PRO G 209 26.70 11.61 13.19
CA PRO G 209 27.14 10.68 12.15
C PRO G 209 27.80 11.43 11.00
N ASN G 210 28.83 10.83 10.45
CA ASN G 210 29.70 11.51 9.47
C ASN G 210 29.67 10.69 8.18
N ILE G 211 28.81 11.09 7.25
CA ILE G 211 28.73 10.41 5.96
C ILE G 211 30.00 10.66 5.17
N GLY G 212 30.65 9.57 4.76
CA GLY G 212 31.92 9.69 4.06
C GLY G 212 32.49 8.33 3.76
N SER G 213 33.64 8.35 3.10
CA SER G 213 34.22 7.14 2.54
C SER G 213 35.22 6.47 3.49
N ARG G 214 35.15 5.15 3.53
CA ARG G 214 36.01 4.21 4.24
C ARG G 214 36.68 3.28 3.25
N PRO G 215 37.88 2.77 3.56
CA PRO G 215 38.43 1.66 2.78
C PRO G 215 37.54 0.43 2.91
N TRP G 216 37.63 -0.43 1.89
CA TRP G 216 36.84 -1.64 1.82
C TRP G 216 37.22 -2.60 2.95
N VAL G 217 36.23 -2.96 3.77
CA VAL G 217 36.44 -3.96 4.83
C VAL G 217 35.24 -4.88 4.85
N ARG G 218 35.48 -6.16 4.62
CA ARG G 218 34.44 -7.20 4.66
C ARG G 218 33.22 -6.80 3.84
N GLY G 219 33.47 -6.17 2.69
CA GLY G 219 32.42 -5.85 1.74
C GLY G 219 31.85 -4.45 1.85
N LEU G 220 32.22 -3.68 2.87
CA LEU G 220 31.55 -2.42 3.15
C LEU G 220 32.54 -1.26 3.28
N SER G 221 32.09 -0.08 2.86
CA SER G 221 32.79 1.17 3.08
C SER G 221 32.09 2.04 4.12
N SER G 222 31.30 1.44 4.99
CA SER G 222 30.60 2.14 6.06
C SER G 222 31.11 1.64 7.40
N ARG G 223 30.87 2.44 8.44
CA ARG G 223 31.35 2.13 9.77
C ARG G 223 30.27 2.40 10.81
N ILE G 224 30.54 1.95 12.03
CA ILE G 224 29.75 2.27 13.21
C ILE G 224 30.72 2.55 14.35
N SER G 225 30.42 3.59 15.13
CA SER G 225 31.21 3.94 16.31
C SER G 225 30.47 3.51 17.56
N ILE G 226 31.19 2.90 18.51
CA ILE G 226 30.61 2.26 19.68
C ILE G 226 30.93 3.11 20.90
N TYR G 227 29.90 3.40 21.69
CA TYR G 227 30.04 4.19 22.90
C TYR G 227 29.37 3.43 24.05
N TRP G 228 29.68 3.83 25.28
CA TRP G 228 29.13 3.17 26.44
C TRP G 228 28.67 4.21 27.45
N THR G 229 27.73 3.80 28.31
CA THR G 229 27.16 4.66 29.32
C THR G 229 26.84 3.83 30.55
N ILE G 230 27.22 4.33 31.72
CA ILE G 230 26.95 3.66 32.99
C ILE G 230 25.90 4.46 33.74
N VAL G 231 24.91 3.77 34.30
CA VAL G 231 23.73 4.38 34.90
C VAL G 231 23.67 4.00 36.37
N LYS G 232 23.68 4.99 37.26
CA LYS G 232 23.78 4.66 38.70
C LYS G 232 22.42 4.29 39.26
N PRO G 233 22.31 3.28 40.14
CA PRO G 233 21.03 2.98 40.77
C PRO G 233 20.40 4.32 41.15
N GLY G 234 19.13 4.52 40.78
CA GLY G 234 18.44 5.79 41.05
C GLY G 234 18.43 6.67 39.82
N ASP G 235 19.39 6.47 38.92
CA ASP G 235 19.47 7.25 37.69
C ASP G 235 18.53 6.64 36.65
N ILE G 236 18.57 7.22 35.45
CA ILE G 236 17.70 6.78 34.36
C ILE G 236 18.44 7.00 33.05
N LEU G 237 18.28 6.07 32.12
CA LEU G 237 18.87 6.20 30.80
C LEU G 237 17.86 6.83 29.86
N LEU G 238 18.28 7.87 29.14
CA LEU G 238 17.42 8.56 28.19
C LEU G 238 18.15 8.66 26.86
N ILE G 239 17.50 8.19 25.80
CA ILE G 239 18.07 8.20 24.46
C ILE G 239 17.16 9.04 23.57
N ASN G 240 17.72 10.09 22.97
CA ASN G 240 17.03 10.89 21.97
C ASN G 240 17.88 10.83 20.70
N SER G 241 17.27 10.38 19.60
CA SER G 241 17.96 10.29 18.33
C SER G 241 16.99 10.67 17.21
N THR G 242 17.54 11.25 16.14
CA THR G 242 16.81 11.42 14.89
C THR G 242 17.59 10.80 13.74
N GLY G 243 17.83 9.50 13.83
CA GLY G 243 18.55 8.79 12.80
C GLY G 243 19.87 8.22 13.24
N ASN G 244 20.29 7.13 12.61
CA ASN G 244 21.63 6.54 12.71
C ASN G 244 21.91 5.89 14.05
N LEU G 245 20.91 5.69 14.90
CA LEU G 245 21.13 5.09 16.21
C LEU G 245 21.27 3.58 16.08
N ILE G 246 22.36 3.04 16.60
CA ILE G 246 22.52 1.61 16.79
C ILE G 246 22.18 1.34 18.26
N ALA G 247 20.93 0.93 18.49
CA ALA G 247 20.36 0.90 19.82
C ALA G 247 20.85 -0.30 20.63
N PRO G 248 20.89 -0.17 21.96
CA PRO G 248 21.19 -1.33 22.80
C PRO G 248 19.98 -2.23 22.95
N ARG G 249 20.25 -3.53 23.09
CA ARG G 249 19.21 -4.50 23.39
C ARG G 249 19.06 -4.73 24.89
N GLY G 250 19.85 -4.05 25.70
CA GLY G 250 19.86 -4.28 27.13
C GLY G 250 21.15 -3.73 27.73
N TYR G 251 21.50 -4.26 28.90
CA TYR G 251 22.67 -3.80 29.62
C TYR G 251 23.58 -4.97 29.95
N PHE G 252 24.85 -4.64 30.14
CA PHE G 252 25.82 -5.60 30.65
C PHE G 252 26.01 -5.34 32.15
N LYS G 253 26.15 -6.43 32.90
CA LYS G 253 26.29 -6.34 34.34
C LYS G 253 27.72 -5.98 34.72
N ILE G 254 27.88 -4.95 35.53
CA ILE G 254 29.19 -4.55 36.04
C ILE G 254 29.38 -5.18 37.40
N ARG G 255 30.44 -5.99 37.52
CA ARG G 255 30.90 -6.51 38.80
C ARG G 255 32.22 -5.85 39.15
N THR G 256 32.56 -5.86 40.43
CA THR G 256 33.87 -5.44 40.90
C THR G 256 34.61 -6.64 41.45
N GLY G 257 35.91 -6.72 41.15
CA GLY G 257 36.70 -7.85 41.58
C GLY G 257 38.05 -7.82 40.92
N LYS G 258 38.69 -8.98 40.90
CA LYS G 258 40.06 -9.09 40.44
C LYS G 258 40.17 -9.95 39.19
N SER G 259 39.20 -9.82 38.31
CA SER G 259 39.33 -10.33 36.96
C SER G 259 40.16 -9.37 36.13
N SER G 260 40.72 -9.86 35.03
CA SER G 260 41.53 -9.03 34.18
C SER G 260 41.62 -9.67 32.79
N ILE G 261 42.60 -9.23 32.01
CA ILE G 261 42.76 -9.69 30.64
C ILE G 261 44.25 -9.73 30.31
N MET G 262 44.62 -10.69 29.47
CA MET G 262 46.01 -10.86 29.07
C MET G 262 46.08 -11.26 27.61
N ARG G 263 47.12 -10.78 26.93
CA ARG G 263 47.41 -11.18 25.56
C ARG G 263 48.46 -12.29 25.61
N SER G 264 48.09 -13.46 25.08
CA SER G 264 48.98 -14.61 25.14
C SER G 264 48.56 -15.64 24.09
N ASP G 265 49.55 -16.28 23.47
CA ASP G 265 49.32 -17.39 22.56
C ASP G 265 49.64 -18.74 23.18
N ALA G 266 49.83 -18.79 24.49
CA ALA G 266 50.28 -20.05 25.07
C ALA G 266 49.08 -20.96 25.30
N PRO G 267 49.27 -22.27 25.19
CA PRO G 267 48.13 -23.20 25.29
C PRO G 267 47.69 -23.38 26.73
N ILE G 268 46.38 -23.60 26.89
CA ILE G 268 45.81 -23.82 28.22
C ILE G 268 45.95 -25.30 28.56
N GLY G 269 46.73 -25.60 29.59
CA GLY G 269 46.88 -26.95 30.08
C GLY G 269 46.10 -27.18 31.36
N THR G 270 45.99 -28.45 31.73
CA THR G 270 45.26 -28.85 32.93
C THR G 270 46.25 -28.99 34.08
N CYS G 271 46.26 -28.00 34.97
CA CYS G 271 47.19 -27.96 36.09
C CYS G 271 46.80 -26.83 37.04
N SER G 272 47.64 -26.59 38.04
CA SER G 272 47.41 -25.61 39.08
C SER G 272 48.66 -24.77 39.30
N SER G 273 48.51 -23.44 39.23
CA SER G 273 49.59 -22.52 39.53
C SER G 273 48.99 -21.13 39.76
N GLU G 274 49.42 -20.46 40.83
CA GLU G 274 48.86 -19.16 41.17
C GLU G 274 49.25 -18.09 40.15
N CYS G 275 50.42 -18.20 39.55
CA CYS G 275 50.99 -17.14 38.74
C CYS G 275 50.85 -17.47 37.26
N ILE G 276 50.39 -16.50 36.47
CA ILE G 276 50.24 -16.65 35.03
C ILE G 276 50.99 -15.52 34.33
N THR G 277 51.78 -15.88 33.32
CA THR G 277 52.43 -14.94 32.42
C THR G 277 52.02 -15.25 30.99
N PRO G 278 52.25 -14.32 30.05
CA PRO G 278 51.98 -14.66 28.64
C PRO G 278 52.81 -15.83 28.15
N ASN G 279 53.97 -16.07 28.75
CA ASN G 279 54.77 -17.25 28.44
C ASN G 279 54.20 -18.52 29.04
N GLY G 280 53.22 -18.40 29.93
CA GLY G 280 52.68 -19.53 30.66
C GLY G 280 52.75 -19.29 32.16
N SER G 281 52.16 -20.25 32.89
CA SER G 281 52.16 -20.19 34.34
C SER G 281 53.55 -20.50 34.90
N ILE G 282 53.93 -19.79 35.96
CA ILE G 282 55.22 -20.02 36.60
C ILE G 282 55.02 -20.32 38.08
N PRO G 283 55.90 -21.09 38.71
CA PRO G 283 55.84 -21.23 40.17
C PRO G 283 56.17 -19.91 40.84
N ASN G 284 55.60 -19.72 42.03
CA ASN G 284 55.83 -18.51 42.80
C ASN G 284 56.64 -18.80 44.07
N ASP G 285 57.43 -19.87 44.04
CA ASP G 285 58.26 -20.20 45.19
C ASP G 285 59.42 -19.23 45.34
N LYS G 286 59.90 -18.66 44.24
CA LYS G 286 60.99 -17.69 44.29
C LYS G 286 60.43 -16.28 44.43
N PRO G 287 61.18 -15.36 45.05
CA PRO G 287 60.64 -14.01 45.27
C PRO G 287 60.68 -13.12 44.03
N PHE G 288 61.50 -13.44 43.03
CA PHE G 288 61.62 -12.61 41.84
C PHE G 288 61.52 -13.49 40.60
N GLN G 289 61.26 -12.84 39.46
CA GLN G 289 61.13 -13.55 38.20
C GLN G 289 61.59 -12.66 37.05
N ASN G 290 62.01 -13.31 35.96
CA ASN G 290 62.52 -12.65 34.77
C ASN G 290 61.76 -13.11 33.53
N VAL G 291 60.57 -13.68 33.71
CA VAL G 291 59.84 -14.23 32.57
C VAL G 291 59.13 -13.14 31.79
N ASN G 292 58.35 -12.30 32.47
CA ASN G 292 57.54 -11.30 31.78
C ASN G 292 57.13 -10.22 32.76
N ARG G 293 57.13 -8.97 32.28
CA ARG G 293 56.59 -7.87 33.08
C ARG G 293 55.10 -8.03 33.32
N ILE G 294 54.39 -8.70 32.41
CA ILE G 294 52.96 -8.93 32.54
C ILE G 294 52.74 -10.22 33.32
N THR G 295 52.04 -10.12 34.45
CA THR G 295 51.70 -11.28 35.26
C THR G 295 50.26 -11.13 35.78
N TYR G 296 49.73 -12.24 36.28
CA TYR G 296 48.41 -12.25 36.91
C TYR G 296 48.42 -13.25 38.05
N GLY G 297 47.91 -12.84 39.20
CA GLY G 297 47.85 -13.69 40.37
C GLY G 297 48.94 -13.41 41.38
N ALA G 298 49.17 -14.40 42.24
CA ALA G 298 50.22 -14.34 43.26
C ALA G 298 51.53 -14.68 42.59
N CYS G 299 52.32 -13.64 42.27
CA CYS G 299 53.47 -13.82 41.40
C CYS G 299 54.74 -13.29 42.04
N PRO G 300 55.88 -13.84 41.67
CA PRO G 300 57.15 -13.18 41.97
C PRO G 300 57.24 -11.85 41.25
N ARG G 301 58.00 -10.93 41.84
CA ARG G 301 58.11 -9.59 41.27
C ARG G 301 59.10 -9.58 40.12
N TYR G 302 58.75 -8.89 39.04
CA TYR G 302 59.60 -8.87 37.87
C TYR G 302 60.83 -8.01 38.11
N VAL G 303 62.00 -8.59 37.86
CA VAL G 303 63.26 -7.88 37.89
C VAL G 303 63.95 -8.13 36.55
N LYS G 304 64.98 -7.33 36.26
CA LYS G 304 65.68 -7.45 34.99
C LYS G 304 66.86 -8.40 35.06
N GLN G 305 67.31 -8.78 36.25
CA GLN G 305 68.31 -9.82 36.37
C GLN G 305 67.68 -11.17 36.07
N ASN G 306 68.43 -12.03 35.37
CA ASN G 306 67.98 -13.39 35.11
C ASN G 306 68.48 -14.38 36.16
N THR G 307 69.36 -13.96 37.06
CA THR G 307 69.84 -14.82 38.13
C THR G 307 70.29 -13.97 39.30
N LEU G 308 69.90 -14.39 40.51
CA LEU G 308 70.39 -13.80 41.75
C LEU G 308 70.60 -14.94 42.72
N LYS G 309 71.86 -15.29 42.97
CA LYS G 309 72.20 -16.44 43.80
C LYS G 309 72.31 -16.00 45.25
N LEU G 310 71.45 -16.56 46.10
CA LEU G 310 71.46 -16.28 47.54
C LEU G 310 72.24 -17.37 48.25
N ALA G 311 73.32 -16.98 48.93
CA ALA G 311 74.15 -17.96 49.64
C ALA G 311 73.38 -18.61 50.78
N THR G 312 73.43 -19.94 50.83
CA THR G 312 72.80 -20.71 51.89
C THR G 312 73.82 -21.53 52.67
N GLY G 313 75.09 -21.15 52.60
CA GLY G 313 76.14 -21.83 53.32
C GLY G 313 77.30 -20.87 53.54
N MET G 314 78.30 -21.36 54.26
CA MET G 314 79.45 -20.53 54.59
C MET G 314 80.34 -20.37 53.36
N ARG G 315 81.42 -19.60 53.54
CA ARG G 315 82.45 -19.53 52.52
C ARG G 315 83.05 -20.91 52.30
N ASN G 316 83.31 -21.24 51.04
CA ASN G 316 83.90 -22.53 50.68
C ASN G 316 85.41 -22.37 50.56
N VAL G 317 86.14 -23.07 51.43
CA VAL G 317 87.61 -23.03 51.43
C VAL G 317 88.11 -24.45 51.19
N PRO G 318 88.20 -24.91 49.93
CA PRO G 318 88.47 -26.32 49.69
C PRO G 318 89.87 -26.75 50.09
N GLU G 319 90.89 -25.95 49.80
CA GLU G 319 92.26 -26.32 50.13
C GLU G 319 93.09 -25.09 50.55
N GLY H 1 85.16 -14.22 56.96
CA GLY H 1 85.01 -12.79 56.72
C GLY H 1 85.43 -11.91 57.88
N ILE H 2 84.42 -11.29 58.52
CA ILE H 2 84.70 -10.20 59.46
C ILE H 2 85.35 -10.67 60.76
N PHE H 3 85.25 -11.96 61.10
CA PHE H 3 85.83 -12.44 62.35
C PHE H 3 87.20 -13.07 62.18
N GLY H 4 87.60 -13.40 60.95
CA GLY H 4 88.93 -13.90 60.70
C GLY H 4 89.14 -15.36 61.00
N ALA H 5 88.08 -16.11 61.30
CA ALA H 5 88.23 -17.55 61.52
C ALA H 5 88.22 -18.28 60.17
N ILE H 6 87.05 -18.37 59.55
CA ILE H 6 86.96 -19.01 58.25
C ILE H 6 87.72 -18.18 57.22
N ALA H 7 88.48 -18.86 56.36
CA ALA H 7 89.31 -18.22 55.33
C ALA H 7 90.31 -17.26 55.95
N GLY H 8 90.44 -17.33 57.28
CA GLY H 8 91.37 -16.49 58.01
C GLY H 8 92.41 -17.32 58.75
N PHE H 9 92.34 -17.33 60.09
CA PHE H 9 93.36 -18.06 60.82
C PHE H 9 93.17 -19.57 60.71
N ILE H 10 92.01 -20.04 60.28
CA ILE H 10 91.86 -21.42 59.85
C ILE H 10 92.33 -21.53 58.41
N GLU H 11 93.07 -22.61 58.11
CA GLU H 11 93.68 -22.72 56.79
C GLU H 11 92.64 -23.04 55.72
N ASN H 12 91.80 -24.04 55.94
CA ASN H 12 90.83 -24.45 54.95
C ASN H 12 89.73 -25.26 55.63
N GLY H 13 88.71 -25.61 54.85
CA GLY H 13 87.66 -26.47 55.34
C GLY H 13 88.00 -27.93 55.25
N TRP H 14 87.15 -28.74 55.87
CA TRP H 14 87.30 -30.20 55.89
C TRP H 14 86.23 -30.79 54.97
N GLU H 15 86.65 -31.22 53.79
CA GLU H 15 85.71 -31.82 52.85
C GLU H 15 85.18 -33.15 53.34
N GLY H 16 85.90 -33.83 54.24
CA GLY H 16 85.45 -35.08 54.80
C GLY H 16 84.40 -34.98 55.89
N MET H 17 84.10 -33.77 56.36
CA MET H 17 83.02 -33.56 57.33
C MET H 17 81.72 -33.41 56.56
N VAL H 18 80.94 -34.48 56.49
CA VAL H 18 79.68 -34.50 55.77
C VAL H 18 78.49 -34.64 56.72
N ASP H 19 78.73 -34.57 58.03
CA ASP H 19 77.66 -34.71 59.01
C ASP H 19 77.49 -33.46 59.87
N GLY H 20 78.12 -32.36 59.50
CA GLY H 20 78.01 -31.14 60.28
C GLY H 20 78.76 -30.02 59.59
N TRP H 21 78.51 -28.80 60.05
CA TRP H 21 79.17 -27.62 59.49
C TRP H 21 80.40 -27.21 60.26
N TYR H 22 80.41 -27.43 61.59
CA TYR H 22 81.56 -27.16 62.43
C TYR H 22 81.89 -28.43 63.21
N GLY H 23 83.13 -28.56 63.65
CA GLY H 23 83.48 -29.76 64.36
C GLY H 23 84.88 -29.72 64.92
N PHE H 24 85.32 -30.90 65.37
CA PHE H 24 86.60 -31.08 66.05
C PHE H 24 87.40 -32.15 65.33
N ARG H 25 88.71 -31.95 65.28
CA ARG H 25 89.67 -32.97 64.89
C ARG H 25 90.73 -33.05 65.96
N HIS H 26 91.11 -34.28 66.34
CA HIS H 26 92.02 -34.47 67.46
C HIS H 26 93.06 -35.52 67.13
N GLN H 27 94.17 -35.47 67.86
CA GLN H 27 95.18 -36.51 67.87
C GLN H 27 95.61 -36.72 69.31
N ASN H 28 95.55 -37.96 69.78
CA ASN H 28 95.87 -38.26 71.17
C ASN H 28 96.58 -39.61 71.25
N SER H 29 96.65 -40.16 72.46
CA SER H 29 97.34 -41.42 72.70
C SER H 29 96.60 -42.61 72.09
N GLU H 30 95.34 -42.44 71.71
CA GLU H 30 94.55 -43.54 71.15
C GLU H 30 94.33 -43.42 69.65
N GLY H 31 94.74 -42.33 69.02
CA GLY H 31 94.56 -42.18 67.58
C GLY H 31 94.11 -40.79 67.17
N THR H 32 93.41 -40.72 66.03
CA THR H 32 92.90 -39.45 65.50
C THR H 32 91.43 -39.59 65.16
N GLY H 33 90.71 -38.47 65.22
CA GLY H 33 89.28 -38.55 64.97
C GLY H 33 88.72 -37.24 64.46
N GLN H 34 87.45 -37.32 64.05
CA GLN H 34 86.70 -36.17 63.56
C GLN H 34 85.27 -36.29 64.04
N ALA H 35 84.74 -35.22 64.63
CA ALA H 35 83.39 -35.21 65.17
C ALA H 35 82.75 -33.85 64.92
N ALA H 36 81.53 -33.85 64.42
CA ALA H 36 80.82 -32.61 64.16
C ALA H 36 80.26 -32.02 65.45
N ASP H 37 80.17 -30.70 65.49
CA ASP H 37 79.53 -30.00 66.60
C ASP H 37 78.12 -29.64 66.18
N LEU H 38 77.13 -30.28 66.79
CA LEU H 38 75.74 -30.08 66.39
C LEU H 38 75.24 -28.69 66.80
N LYS H 39 75.67 -28.21 67.96
CA LYS H 39 75.15 -26.95 68.50
C LYS H 39 75.47 -25.78 67.58
N SER H 40 76.74 -25.65 67.18
CA SER H 40 77.12 -24.53 66.32
C SER H 40 76.54 -24.69 64.92
N THR H 41 76.49 -25.93 64.41
CA THR H 41 75.90 -26.18 63.11
C THR H 41 74.43 -25.77 63.09
N GLN H 42 73.67 -26.18 64.10
CA GLN H 42 72.26 -25.83 64.17
C GLN H 42 72.07 -24.31 64.29
N ALA H 43 72.97 -23.65 65.03
CA ALA H 43 72.84 -22.20 65.20
C ALA H 43 72.97 -21.47 63.87
N ALA H 44 73.91 -21.91 63.01
CA ALA H 44 74.08 -21.26 61.72
C ALA H 44 72.93 -21.60 60.78
N ILE H 45 72.54 -22.88 60.73
CA ILE H 45 71.48 -23.29 59.80
C ILE H 45 70.14 -22.67 60.19
N ASP H 46 69.89 -22.50 61.49
CA ASP H 46 68.66 -21.85 61.93
C ASP H 46 68.62 -20.40 61.46
N GLN H 47 69.75 -19.70 61.54
CA GLN H 47 69.79 -18.31 61.12
C GLN H 47 69.59 -18.18 59.61
N ILE H 48 70.18 -19.08 58.83
CA ILE H 48 70.01 -19.04 57.38
C ILE H 48 68.58 -19.39 57.02
N ASN H 49 68.04 -20.46 57.62
CA ASN H 49 66.62 -20.79 57.41
C ASN H 49 65.72 -19.62 57.78
N GLY H 50 66.15 -18.79 58.73
CA GLY H 50 65.36 -17.62 59.07
C GLY H 50 65.27 -16.63 57.94
N LYS H 51 66.41 -16.33 57.30
CA LYS H 51 66.38 -15.44 56.14
C LYS H 51 65.54 -16.03 55.02
N LEU H 52 65.64 -17.35 54.81
CA LEU H 52 64.92 -18.00 53.72
C LEU H 52 63.42 -17.81 53.86
N ASN H 53 62.86 -18.29 54.97
CA ASN H 53 61.42 -18.18 55.20
C ASN H 53 60.94 -16.75 55.05
N ARG H 54 61.65 -15.81 55.67
CA ARG H 54 61.27 -14.41 55.60
C ARG H 54 61.43 -13.84 54.20
N LEU H 55 62.20 -14.49 53.35
CA LEU H 55 62.30 -14.09 51.95
C LEU H 55 61.22 -14.74 51.10
N ILE H 56 60.64 -15.84 51.58
CA ILE H 56 59.54 -16.49 50.86
C ILE H 56 58.20 -16.01 51.37
N GLU H 57 58.16 -15.28 52.48
CA GLU H 57 56.93 -14.60 52.91
C GLU H 57 56.30 -13.92 51.72
N LYS H 58 55.48 -14.66 50.98
CA LYS H 58 54.94 -14.16 49.73
C LYS H 58 54.04 -12.96 49.97
N THR H 59 53.79 -12.22 48.89
CA THR H 59 52.94 -11.04 48.87
C THR H 59 52.64 -10.77 47.40
N ASN H 60 52.42 -9.50 47.06
CA ASN H 60 52.35 -9.08 45.65
C ASN H 60 51.41 -10.00 44.86
N GLU H 61 50.13 -9.88 45.18
CA GLU H 61 49.07 -10.62 44.51
C GLU H 61 48.31 -9.61 43.64
N LYS H 62 48.73 -9.49 42.39
CA LYS H 62 48.27 -8.43 41.50
C LYS H 62 47.40 -9.02 40.40
N PHE H 63 46.42 -8.23 39.96
CA PHE H 63 45.42 -8.73 39.03
C PHE H 63 45.29 -7.80 37.82
N HIS H 64 44.23 -7.01 37.73
CA HIS H 64 44.14 -6.03 36.65
C HIS H 64 45.05 -4.85 36.96
N GLN H 65 46.00 -4.58 36.09
CA GLN H 65 46.98 -3.52 36.30
C GLN H 65 46.90 -2.52 35.14
N ILE H 66 48.04 -2.18 34.56
CA ILE H 66 48.07 -1.38 33.35
C ILE H 66 48.61 -2.25 32.22
N GLU H 67 48.32 -1.84 30.99
CA GLU H 67 48.90 -2.52 29.84
C GLU H 67 50.36 -2.13 29.69
N LYS H 68 51.18 -3.09 29.27
CA LYS H 68 52.61 -2.90 29.19
C LYS H 68 53.18 -3.25 27.82
N GLU H 69 52.33 -3.58 26.85
CA GLU H 69 52.69 -3.80 25.46
C GLU H 69 51.72 -3.02 24.58
N PHE H 70 52.24 -2.45 23.49
CA PHE H 70 51.42 -1.58 22.64
C PHE H 70 51.75 -1.82 21.18
N SER H 71 50.72 -1.99 20.36
CA SER H 71 50.87 -2.28 18.94
C SER H 71 50.73 -1.05 18.06
N GLU H 72 50.21 0.06 18.59
CA GLU H 72 50.10 1.31 17.87
C GLU H 72 51.10 2.32 18.45
N VAL H 73 51.11 3.53 17.90
CA VAL H 73 51.87 4.65 18.42
C VAL H 73 50.89 5.70 18.93
N GLU H 74 51.02 6.11 20.19
CA GLU H 74 50.02 6.98 20.80
C GLU H 74 50.57 8.25 21.42
N GLY H 75 51.82 8.26 21.85
CA GLY H 75 52.45 9.47 22.35
C GLY H 75 52.36 9.60 23.87
N ARG H 76 51.78 10.71 24.34
CA ARG H 76 51.94 11.15 25.72
C ARG H 76 51.54 10.07 26.72
N ILE H 77 50.32 9.55 26.60
CA ILE H 77 49.83 8.58 27.58
C ILE H 77 50.67 7.32 27.56
N GLN H 78 51.01 6.83 26.36
CA GLN H 78 51.85 5.65 26.28
C GLN H 78 53.25 5.92 26.80
N ASP H 79 53.76 7.14 26.61
CA ASP H 79 55.04 7.50 27.22
C ASP H 79 55.00 7.35 28.73
N LEU H 80 53.90 7.79 29.35
CA LEU H 80 53.79 7.73 30.80
C LEU H 80 53.59 6.30 31.28
N GLU H 81 52.78 5.51 30.57
CA GLU H 81 52.60 4.11 30.94
C GLU H 81 53.91 3.35 30.89
N LYS H 82 54.71 3.57 29.84
CA LYS H 82 56.01 2.93 29.74
C LYS H 82 56.96 3.46 30.83
N TYR H 83 56.94 4.78 31.08
CA TYR H 83 57.82 5.35 32.09
C TYR H 83 57.50 4.82 33.48
N VAL H 84 56.21 4.67 33.79
CA VAL H 84 55.82 4.16 35.11
C VAL H 84 56.31 2.72 35.30
N GLU H 85 56.11 1.89 34.28
CA GLU H 85 56.54 0.50 34.39
C GLU H 85 58.05 0.38 34.41
N ASP H 86 58.74 1.16 33.58
CA ASP H 86 60.20 1.15 33.59
C ASP H 86 60.73 1.65 34.93
N THR H 87 60.10 2.67 35.50
CA THR H 87 60.51 3.17 36.81
C THR H 87 60.33 2.12 37.88
N LYS H 88 59.19 1.42 37.86
CA LYS H 88 58.93 0.40 38.89
C LYS H 88 59.95 -0.73 38.82
N ILE H 89 60.25 -1.21 37.61
CA ILE H 89 61.12 -2.37 37.46
C ILE H 89 62.56 -2.02 37.85
N ASP H 90 63.01 -0.82 37.50
CA ASP H 90 64.36 -0.41 37.87
C ASP H 90 64.51 -0.32 39.39
N LEU H 91 63.42 -0.09 40.11
CA LEU H 91 63.49 0.03 41.56
C LEU H 91 63.52 -1.34 42.22
N TRP H 92 62.62 -2.23 41.79
CA TRP H 92 62.63 -3.59 42.32
C TRP H 92 63.93 -4.31 41.96
N SER H 93 64.44 -4.07 40.75
CA SER H 93 65.73 -4.64 40.36
C SER H 93 66.84 -4.16 41.29
N TYR H 94 66.78 -2.89 41.71
CA TYR H 94 67.72 -2.41 42.70
C TYR H 94 67.51 -3.08 44.05
N ASN H 95 66.25 -3.18 44.47
CA ASN H 95 65.95 -3.85 45.74
C ASN H 95 66.48 -5.28 45.75
N ALA H 96 66.29 -6.01 44.65
CA ALA H 96 66.77 -7.38 44.60
C ALA H 96 68.28 -7.45 44.61
N GLU H 97 68.96 -6.58 43.85
CA GLU H 97 70.42 -6.61 43.80
C GLU H 97 71.01 -6.25 45.14
N LEU H 98 70.49 -5.21 45.78
CA LEU H 98 70.99 -4.81 47.09
C LEU H 98 70.70 -5.88 48.13
N LEU H 99 69.53 -6.52 48.04
CA LEU H 99 69.13 -7.50 49.04
C LEU H 99 70.10 -8.68 49.10
N VAL H 100 70.42 -9.27 47.94
CA VAL H 100 71.32 -10.42 47.94
C VAL H 100 72.71 -10.01 48.40
N ALA H 101 73.17 -8.81 48.00
CA ALA H 101 74.47 -8.34 48.45
C ALA H 101 74.51 -8.20 49.97
N LEU H 102 73.46 -7.62 50.56
CA LEU H 102 73.36 -7.53 52.00
C LEU H 102 73.28 -8.91 52.64
N GLU H 103 72.36 -9.75 52.15
CA GLU H 103 72.15 -11.06 52.76
C GLU H 103 73.41 -11.92 52.67
N ASN H 104 74.08 -11.91 51.52
CA ASN H 104 75.24 -12.77 51.35
C ASN H 104 76.43 -12.28 52.17
N GLN H 105 76.63 -10.96 52.24
CA GLN H 105 77.63 -10.41 53.14
C GLN H 105 77.34 -10.80 54.58
N HIS H 106 76.07 -10.70 54.99
CA HIS H 106 75.69 -11.09 56.35
C HIS H 106 75.83 -12.60 56.56
N THR H 107 75.46 -13.40 55.55
CA THR H 107 75.56 -14.85 55.69
C THR H 107 77.00 -15.28 55.93
N ILE H 108 77.93 -14.80 55.10
CA ILE H 108 79.33 -15.18 55.24
C ILE H 108 79.86 -14.77 56.62
N ASP H 109 79.45 -13.60 57.11
CA ASP H 109 79.95 -13.14 58.40
C ASP H 109 79.37 -13.93 59.56
N LEU H 110 78.09 -14.30 59.48
CA LEU H 110 77.49 -15.04 60.58
C LEU H 110 78.03 -16.46 60.69
N THR H 111 78.36 -17.09 59.56
CA THR H 111 79.02 -18.39 59.63
C THR H 111 80.43 -18.26 60.18
N ASP H 112 81.13 -17.18 59.82
CA ASP H 112 82.41 -16.88 60.45
C ASP H 112 82.24 -16.71 61.95
N SER H 113 81.14 -16.06 62.36
CA SER H 113 80.89 -15.83 63.78
C SER H 113 80.66 -17.13 64.53
N GLU H 114 79.86 -18.04 63.96
CA GLU H 114 79.60 -19.31 64.63
C GLU H 114 80.86 -20.13 64.80
N MET H 115 81.79 -20.03 63.84
CA MET H 115 83.07 -20.71 63.98
C MET H 115 83.87 -20.13 65.14
N ASN H 116 83.95 -18.81 65.23
CA ASN H 116 84.70 -18.17 66.30
C ASN H 116 84.06 -18.44 67.66
N LYS H 117 82.73 -18.50 67.70
CA LYS H 117 82.05 -18.75 68.97
C LYS H 117 82.37 -20.13 69.51
N LEU H 118 82.40 -21.14 68.62
CA LEU H 118 82.76 -22.49 69.06
C LEU H 118 84.22 -22.56 69.44
N PHE H 119 85.09 -21.85 68.71
CA PHE H 119 86.50 -21.78 69.09
C PHE H 119 86.65 -21.14 70.46
N GLU H 120 86.01 -19.99 70.67
CA GLU H 120 86.12 -19.32 71.96
C GLU H 120 85.51 -20.16 73.07
N LYS H 121 84.36 -20.80 72.83
CA LYS H 121 83.78 -21.69 73.83
C LYS H 121 84.77 -22.76 74.25
N THR H 122 85.52 -23.30 73.29
CA THR H 122 86.50 -24.34 73.61
C THR H 122 87.71 -23.76 74.30
N ARG H 123 88.14 -22.55 73.91
CA ARG H 123 89.34 -21.95 74.51
C ARG H 123 89.15 -21.71 76.00
N LYS H 124 88.06 -21.02 76.37
CA LYS H 124 87.81 -20.77 77.79
C LYS H 124 87.65 -22.06 78.57
N GLN H 125 87.03 -23.08 77.95
CA GLN H 125 86.78 -24.34 78.63
C GLN H 125 88.09 -25.01 79.05
N LEU H 126 89.09 -25.02 78.17
CA LEU H 126 90.35 -25.68 78.47
C LEU H 126 91.18 -24.93 79.50
N ARG H 127 90.79 -23.70 79.86
CA ARG H 127 91.47 -22.88 80.84
C ARG H 127 92.98 -22.87 80.64
N GLU H 128 93.74 -23.26 81.66
CA GLU H 128 95.20 -23.21 81.62
C GLU H 128 95.82 -24.57 81.33
N ASN H 129 95.10 -25.45 80.63
CA ASN H 129 95.61 -26.77 80.28
C ASN H 129 95.95 -26.90 78.80
N ALA H 130 95.75 -25.85 78.01
CA ALA H 130 96.05 -25.91 76.58
C ALA H 130 96.49 -24.52 76.13
N GLU H 131 97.00 -24.46 74.90
CA GLU H 131 97.45 -23.20 74.32
C GLU H 131 97.01 -23.12 72.87
N ASP H 132 96.62 -21.92 72.45
CA ASP H 132 96.21 -21.70 71.06
C ASP H 132 97.44 -21.69 70.16
N MET H 133 97.48 -22.62 69.20
CA MET H 133 98.57 -22.69 68.24
C MET H 133 98.46 -21.65 67.13
N GLY H 134 97.34 -20.93 67.04
CA GLY H 134 97.16 -19.90 66.05
C GLY H 134 96.57 -20.37 64.73
N ASN H 135 96.47 -21.68 64.53
CA ASN H 135 95.93 -22.25 63.29
C ASN H 135 94.56 -22.89 63.50
N GLY H 136 93.85 -22.50 64.56
CA GLY H 136 92.61 -23.16 64.89
C GLY H 136 92.78 -24.44 65.66
N CYS H 137 93.96 -24.69 66.23
CA CYS H 137 94.24 -25.90 66.97
C CYS H 137 94.76 -25.57 68.35
N PHE H 138 94.58 -26.52 69.27
CA PHE H 138 95.07 -26.42 70.63
C PHE H 138 96.09 -27.52 70.89
N LYS H 139 97.19 -27.16 71.54
CA LYS H 139 98.11 -28.13 72.11
C LYS H 139 97.70 -28.40 73.54
N ILE H 140 97.17 -29.59 73.81
CA ILE H 140 96.71 -29.96 75.13
C ILE H 140 97.88 -30.58 75.89
N TYR H 141 98.25 -29.96 77.01
CA TYR H 141 99.49 -30.28 77.71
C TYR H 141 99.34 -31.40 78.72
N HIS H 142 98.46 -32.35 78.44
CA HIS H 142 98.30 -33.56 79.24
C HIS H 142 97.69 -34.62 78.33
N LYS H 143 97.93 -35.89 78.64
CA LYS H 143 97.26 -36.93 77.87
C LYS H 143 95.76 -36.86 78.11
N CYS H 144 95.01 -36.86 77.02
CA CYS H 144 93.57 -36.61 77.03
C CYS H 144 92.95 -37.67 76.11
N ASP H 145 92.54 -38.79 76.70
CA ASP H 145 92.12 -39.95 75.93
C ASP H 145 90.78 -39.66 75.24
N ASN H 146 90.19 -40.70 74.64
CA ASN H 146 88.97 -40.51 73.86
C ASN H 146 87.82 -40.01 74.73
N ALA H 147 87.73 -40.52 75.96
CA ALA H 147 86.72 -39.99 76.88
C ALA H 147 87.01 -38.54 77.23
N CYS H 148 88.29 -38.21 77.36
CA CYS H 148 88.68 -36.84 77.69
C CYS H 148 88.40 -35.89 76.53
N ILE H 149 88.73 -36.30 75.30
CA ILE H 149 88.39 -35.49 74.13
C ILE H 149 86.88 -35.34 74.00
N GLY H 150 86.14 -36.44 74.22
CA GLY H 150 84.70 -36.36 74.19
C GLY H 150 84.13 -35.42 75.24
N SER H 151 84.79 -35.32 76.39
CA SER H 151 84.33 -34.40 77.42
C SER H 151 84.47 -32.94 76.99
N ILE H 152 85.51 -32.63 76.23
CA ILE H 152 85.65 -31.27 75.70
C ILE H 152 84.55 -30.97 74.69
N ARG H 153 84.31 -31.90 73.77
CA ARG H 153 83.26 -31.73 72.78
C ARG H 153 81.89 -31.67 73.43
N ASN H 154 81.69 -32.39 74.54
CA ASN H 154 80.41 -32.44 75.23
C ASN H 154 80.20 -31.28 76.18
N GLY H 155 81.24 -30.51 76.50
CA GLY H 155 81.13 -29.44 77.46
C GLY H 155 81.18 -29.86 78.92
N THR H 156 81.59 -31.09 79.21
CA THR H 156 81.68 -31.59 80.58
C THR H 156 83.12 -31.80 81.02
N TYR H 157 84.08 -31.22 80.31
CA TYR H 157 85.49 -31.34 80.67
C TYR H 157 85.78 -30.59 81.96
N ASP H 158 86.39 -31.28 82.92
CA ASP H 158 86.73 -30.71 84.23
C ASP H 158 88.22 -30.40 84.22
N HIS H 159 88.57 -29.12 84.07
CA HIS H 159 89.97 -28.73 83.92
C HIS H 159 90.77 -28.96 85.21
N ASP H 160 90.11 -28.98 86.37
CA ASP H 160 90.85 -29.19 87.62
C ASP H 160 91.43 -30.60 87.70
N VAL H 161 90.81 -31.55 87.00
CA VAL H 161 91.31 -32.94 87.02
C VAL H 161 92.71 -33.01 86.43
N TYR H 162 92.98 -32.21 85.39
CA TYR H 162 94.23 -32.27 84.65
C TYR H 162 95.16 -31.11 84.93
N ARG H 163 94.74 -30.14 85.76
CA ARG H 163 95.46 -28.87 85.85
C ARG H 163 96.90 -29.06 86.32
N ASP H 164 97.12 -29.88 87.34
CA ASP H 164 98.48 -30.07 87.86
C ASP H 164 99.40 -30.68 86.81
N GLU H 165 98.91 -31.68 86.09
CA GLU H 165 99.73 -32.29 85.04
C GLU H 165 100.03 -31.31 83.92
N ALA H 166 99.02 -30.55 83.48
CA ALA H 166 99.21 -29.62 82.38
C ALA H 166 100.18 -28.51 82.74
N LEU H 167 99.92 -27.81 83.85
CA LEU H 167 100.76 -26.68 84.23
C LEU H 167 102.23 -27.09 84.33
N ASN H 168 102.49 -28.30 84.82
CA ASN H 168 103.86 -28.81 84.87
C ASN H 168 104.45 -28.92 83.48
N ASN H 169 103.70 -29.55 82.56
CA ASN H 169 104.20 -29.72 81.21
C ASN H 169 104.40 -28.38 80.50
N ARG H 170 103.56 -27.39 80.81
CA ARG H 170 103.68 -26.08 80.17
C ARG H 170 104.93 -25.35 80.64
N PHE H 171 105.14 -25.30 81.96
CA PHE H 171 106.08 -24.37 82.56
C PHE H 171 107.32 -25.12 83.06
N GLN H 172 108.05 -25.69 82.11
CA GLN H 172 109.35 -26.31 82.36
C GLN H 172 109.39 -27.21 83.59
C1 NAG I . 9.39 13.92 -21.35
C2 NAG I . 10.87 14.28 -21.43
C3 NAG I . 11.20 14.86 -22.80
C4 NAG I . 10.76 13.91 -23.91
C5 NAG I . 9.31 13.45 -23.70
C6 NAG I . 8.90 12.33 -24.63
C7 NAG I . 12.25 14.99 -19.52
C8 NAG I . 12.48 16.05 -18.49
N2 NAG I . 11.24 15.21 -20.37
O3 NAG I . 12.59 15.11 -22.89
O4 NAG I . 10.86 14.59 -25.15
O5 NAG I . 9.10 12.96 -22.36
O6 NAG I . 7.84 11.55 -24.08
O7 NAG I . 12.94 13.98 -19.58
C1 NAG I . 11.57 13.81 -26.14
C2 NAG I . 10.92 14.12 -27.47
C3 NAG I . 11.57 13.28 -28.56
C4 NAG I . 13.08 13.50 -28.57
C5 NAG I . 13.68 13.34 -27.18
C6 NAG I . 15.12 13.77 -27.11
C7 NAG I . 8.60 14.87 -27.19
C8 NAG I . 7.15 14.46 -27.18
N2 NAG I . 9.48 13.89 -27.44
O3 NAG I . 11.01 13.62 -29.83
O4 NAG I . 13.67 12.54 -29.44
O5 NAG I . 12.97 14.11 -26.20
O6 NAG I . 15.96 12.77 -26.57
O7 NAG I . 8.95 16.02 -26.96
C1 BMA I . 14.20 13.17 -30.63
C2 BMA I . 15.36 12.27 -31.10
C3 BMA I . 15.80 12.57 -32.54
C4 BMA I . 14.62 12.90 -33.49
C5 BMA I . 13.68 13.91 -32.82
C6 BMA I . 12.48 14.32 -33.68
O2 BMA I . 14.98 10.90 -31.05
O3 BMA I . 16.50 11.44 -33.05
O4 BMA I . 15.09 13.42 -34.70
O5 BMA I . 13.18 13.32 -31.61
O6 BMA I . 11.92 13.17 -34.30
C1 MAN I . 17.84 11.77 -33.48
C2 MAN I . 18.33 10.52 -34.21
C3 MAN I . 18.37 9.38 -33.20
C4 MAN I . 19.33 9.70 -32.07
C5 MAN I . 18.99 11.06 -31.40
C6 MAN I . 20.12 11.57 -30.52
O2 MAN I . 19.68 10.67 -34.66
O3 MAN I . 18.71 8.14 -33.81
O4 MAN I . 19.27 8.68 -31.08
O5 MAN I . 18.71 12.10 -32.40
O6 MAN I . 19.59 12.40 -29.50
C1 MAN I . 10.74 13.56 -35.05
C2 MAN I . 9.96 12.28 -35.35
C3 MAN I . 10.83 11.34 -36.18
C4 MAN I . 11.36 12.05 -37.45
C5 MAN I . 11.96 13.45 -37.15
C6 MAN I . 12.14 14.28 -38.42
O2 MAN I . 8.81 12.56 -36.17
O3 MAN I . 10.14 10.15 -36.53
O4 MAN I . 12.38 11.24 -38.04
O5 MAN I . 11.09 14.20 -36.26
O6 MAN I . 12.56 15.59 -38.04
C1 NAG J . -33.60 17.89 -10.07
C2 NAG J . -33.94 16.39 -9.81
C3 NAG J . -34.92 16.23 -8.63
C4 NAG J . -34.53 17.08 -7.44
C5 NAG J . -34.43 18.52 -7.92
C6 NAG J . -34.12 19.52 -6.83
C7 NAG J . -33.76 15.28 -12.00
C8 NAG J . -34.53 14.71 -13.16
N2 NAG J . -34.50 15.79 -11.01
O3 NAG J . -34.93 14.85 -8.25
O4 NAG J . -35.49 16.98 -6.39
O5 NAG J . -33.35 18.57 -8.85
O6 NAG J . -32.72 19.61 -6.58
O7 NAG J . -32.53 15.27 -11.96
C1 NAG J . -34.85 16.63 -5.15
C2 NAG J . -35.94 16.62 -4.05
C3 NAG J . -35.56 15.80 -2.80
C4 NAG J . -34.53 14.69 -3.03
C5 NAG J . -33.53 15.09 -4.07
C6 NAG J . -32.54 13.99 -4.42
C7 NAG J . -36.93 18.86 -4.38
C8 NAG J . -37.10 20.23 -3.79
N2 NAG J . -36.23 17.99 -3.65
O3 NAG J . -36.75 15.20 -2.29
O4 NAG J . -33.84 14.43 -1.82
O5 NAG J . -34.26 15.38 -5.26
O6 NAG J . -31.51 13.92 -3.44
O7 NAG J . -37.40 18.56 -5.48
C1 NAG K . -56.61 41.91 -43.64
C2 NAG K . -57.43 40.77 -44.23
C3 NAG K . -56.83 39.43 -43.83
C4 NAG K . -55.49 39.25 -44.50
C5 NAG K . -54.60 40.48 -44.28
C6 NAG K . -54.21 41.21 -45.56
C7 NAG K . -59.73 41.59 -44.46
C8 NAG K . -61.11 41.59 -43.88
N2 NAG K . -58.82 40.88 -43.81
O3 NAG K . -57.72 38.38 -44.18
O4 NAG K . -54.82 38.12 -43.96
O5 NAG K . -55.20 41.45 -43.40
O6 NAG K . -55.21 41.11 -46.56
O7 NAG K . -59.46 42.22 -45.47
C1 NAG K . -54.24 37.27 -44.97
C2 NAG K . -53.33 36.24 -44.25
C3 NAG K . -52.96 35.04 -45.14
C4 NAG K . -54.10 34.58 -46.04
C5 NAG K . -54.70 35.78 -46.73
C6 NAG K . -55.82 35.45 -47.68
C7 NAG K . -51.88 37.31 -42.55
C8 NAG K . -50.56 37.96 -42.31
N2 NAG K . -52.11 36.91 -43.80
O3 NAG K . -52.58 33.96 -44.30
O4 NAG K . -53.60 33.69 -47.03
O5 NAG K . -55.24 36.62 -45.70
O6 NAG K . -57.09 35.48 -47.03
O7 NAG K . -52.70 37.14 -41.66
C1 FUC K . -54.60 40.55 -47.74
C2 FUC K . -55.71 39.67 -48.48
C3 FUC K . -56.48 40.43 -49.55
C4 FUC K . -55.54 41.26 -50.38
C5 FUC K . -54.88 42.25 -49.48
C6 FUC K . -54.00 43.22 -50.25
O2 FUC K . -56.61 39.07 -47.56
O3 FUC K . -57.13 39.51 -50.43
O4 FUC K . -54.55 40.40 -50.94
O5 FUC K . -54.02 41.57 -48.56
C1 NAG L . 50.98 -23.71 80.21
C2 NAG L . 50.90 -23.53 81.72
C3 NAG L . 50.00 -22.35 82.06
C4 NAG L . 50.44 -21.10 81.32
C5 NAG L . 50.63 -21.38 79.82
C6 NAG L . 51.28 -20.23 79.08
C7 NAG L . 51.05 -25.33 83.38
C8 NAG L . 50.41 -26.57 83.92
N2 NAG L . 50.42 -24.74 82.36
O3 NAG L . 50.02 -22.13 83.47
O4 NAG L . 49.44 -20.10 81.49
O5 NAG L . 51.48 -22.52 79.63
O6 NAG L . 51.59 -20.58 77.73
O7 NAG L . 52.08 -24.87 83.86
C1 NAG L . 50.01 -18.83 81.89
C2 NAG L . 49.14 -17.75 81.27
C3 NAG L . 49.71 -16.38 81.60
C4 NAG L . 49.90 -16.22 83.10
C5 NAG L . 50.66 -17.42 83.70
C6 NAG L . 50.69 -17.39 85.20
C7 NAG L . 47.94 -18.53 79.28
C8 NAG L . 47.94 -18.64 77.78
N2 NAG L . 49.00 -17.94 79.84
O3 NAG L . 48.82 -15.38 81.10
O4 NAG L . 50.64 -15.04 83.35
O5 NAG L . 50.06 -18.65 83.30
O6 NAG L . 49.38 -17.46 85.75
O7 NAG L . 47.00 -18.96 79.95
C1 BMA L . 49.78 -13.99 83.84
C2 BMA L . 50.68 -12.95 84.53
C3 BMA L . 49.87 -11.72 84.91
C4 BMA L . 49.00 -11.21 83.73
C5 BMA L . 48.14 -12.36 83.19
C6 BMA L . 47.24 -11.97 82.03
O2 BMA L . 51.71 -12.51 83.65
O3 BMA L . 50.72 -10.67 85.40
O4 BMA L . 48.16 -10.15 84.16
O5 BMA L . 49.02 -13.41 82.77
O6 BMA L . 47.87 -10.96 81.25
C1 MAN L . 50.75 -10.73 86.84
C2 MAN L . 50.63 -9.29 87.37
C3 MAN L . 51.90 -8.50 87.02
C4 MAN L . 53.15 -9.23 87.54
C5 MAN L . 53.19 -10.67 86.97
C6 MAN L . 54.33 -11.50 87.55
O2 MAN L . 50.54 -9.26 88.79
O3 MAN L . 51.86 -7.19 87.53
O4 MAN L . 54.32 -8.55 87.15
O5 MAN L . 51.95 -11.35 87.30
O6 MAN L . 54.24 -12.81 87.02
C1 MAN L . 48.25 -11.51 79.96
C2 MAN L . 49.68 -11.00 79.64
C3 MAN L . 49.63 -9.52 79.32
C4 MAN L . 48.65 -9.25 78.17
C5 MAN L . 47.24 -9.75 78.56
C6 MAN L . 46.26 -9.65 77.41
O2 MAN L . 50.21 -11.63 78.48
O3 MAN L . 50.92 -9.01 78.99
O4 MAN L . 48.59 -7.85 77.90
O5 MAN L . 47.31 -11.15 78.94
O6 MAN L . 45.06 -9.06 77.90
C1 NAG M . 5.18 -23.60 21.03
C2 NAG M . 5.81 -23.22 19.72
C3 NAG M . 7.32 -23.11 19.90
C4 NAG M . 7.66 -22.12 21.01
C5 NAG M . 6.81 -22.33 22.29
C6 NAG M . 6.81 -21.11 23.17
C7 NAG M . 4.94 -23.83 17.52
C8 NAG M . 4.68 -24.95 16.55
N2 NAG M . 5.49 -24.19 18.69
O3 NAG M . 7.90 -22.65 18.68
O4 NAG M . 9.04 -22.29 21.36
O5 NAG M . 5.43 -22.59 21.99
O6 NAG M . 5.63 -20.34 23.01
O7 NAG M . 4.67 -22.66 17.25
C1 NAG M . 9.73 -21.00 21.37
C2 NAG M . 11.04 -21.16 22.14
C3 NAG M . 11.80 -19.84 22.18
C4 NAG M . 11.91 -19.20 20.80
C5 NAG M . 10.58 -19.25 20.05
C6 NAG M . 10.72 -18.85 18.59
C7 NAG M . 10.98 -22.90 23.88
C8 NAG M . 10.67 -23.22 25.31
N2 NAG M . 10.78 -21.64 23.50
O3 NAG M . 13.09 -20.07 22.71
O4 NAG M . 12.23 -17.83 20.97
O5 NAG M . 10.02 -20.56 20.06
O6 NAG M . 9.45 -18.72 17.97
O7 NAG M . 11.39 -23.76 23.11
C1 BMA M . 13.60 -17.47 20.71
C2 BMA M . 13.59 -16.57 19.44
C3 BMA M . 14.85 -15.71 19.33
C4 BMA M . 15.18 -15.04 20.66
C5 BMA M . 15.42 -16.14 21.69
C6 BMA M . 15.85 -15.58 23.04
O2 BMA M . 12.48 -15.67 19.48
O3 BMA M . 14.74 -14.73 18.30
O4 BMA M . 16.33 -14.22 20.54
O5 BMA M . 14.17 -16.85 21.87
O6 BMA M . 16.46 -16.62 23.79
C1 FUC M . 5.77 -19.38 21.92
C2 FUC M . 4.36 -18.86 21.47
C3 FUC M . 4.44 -17.84 20.31
C4 FUC M . 5.89 -17.31 20.07
C5 FUC M . 6.63 -17.12 21.42
C6 FUC M . 8.09 -16.73 21.23
O2 FUC M . 3.62 -18.32 22.55
O3 FUC M . 3.99 -18.43 19.09
O4 FUC M . 6.60 -18.18 19.19
O5 FUC M . 6.63 -18.30 22.28
C1 NAG N . 3.25 -29.99 15.39
C2 NAG N . 4.14 -29.74 16.63
C3 NAG N . 5.12 -28.61 16.36
C4 NAG N . 5.92 -28.87 15.09
C5 NAG N . 4.94 -29.07 13.92
C6 NAG N . 5.61 -29.37 12.61
C7 NAG N . 3.66 -29.90 19.03
C8 NAG N . 2.71 -29.50 20.13
N2 NAG N . 3.34 -29.45 17.81
O3 NAG N . 6.01 -28.46 17.46
O4 NAG N . 6.82 -27.81 14.81
O5 NAG N . 4.07 -30.16 14.22
O6 NAG N . 6.30 -30.62 12.67
O7 NAG N . 4.65 -30.58 19.25
C1 NAG N . 8.17 -28.34 14.82
C2 NAG N . 9.11 -27.31 14.20
C3 NAG N . 10.55 -27.83 14.22
C4 NAG N . 10.95 -28.21 15.63
C5 NAG N . 9.94 -29.22 16.20
C6 NAG N . 10.21 -29.59 17.64
C7 NAG N . 8.62 -27.80 11.83
C8 NAG N . 8.18 -27.21 10.52
N2 NAG N . 8.70 -26.95 12.85
O3 NAG N . 11.42 -26.82 13.72
O4 NAG N . 12.25 -28.78 15.66
O5 NAG N . 8.62 -28.68 16.15
O6 NAG N . 9.39 -30.66 18.06
O7 NAG N . 8.88 -28.99 11.94
C1 NAG O . -27.46 -5.99 -26.05
C2 NAG O . -27.54 -5.24 -24.74
C3 NAG O . -28.29 -3.94 -24.94
C4 NAG O . -27.64 -3.11 -26.05
C5 NAG O . -27.29 -3.92 -27.30
C6 NAG O . -26.25 -3.24 -28.15
C7 NAG O . -27.46 -6.57 -22.68
C8 NAG O . -28.25 -7.37 -21.69
N2 NAG O . -28.15 -6.04 -23.69
O3 NAG O . -28.31 -3.20 -23.73
O4 NAG O . -28.54 -2.09 -26.47
O5 NAG O . -26.75 -5.22 -27.00
O6 NAG O . -24.97 -3.86 -28.05
O7 NAG O . -26.24 -6.40 -22.57
C1 NAG O . -28.06 -0.75 -26.35
C2 NAG O . -29.06 0.16 -27.11
C3 NAG O . -28.89 1.66 -26.76
C4 NAG O . -28.64 1.89 -25.28
C5 NAG O . -27.51 0.99 -24.84
C6 NAG O . -27.11 1.17 -23.40
C7 NAG O . -29.68 -0.81 -29.30
C8 NAG O . -29.36 -0.86 -30.75
N2 NAG O . -28.91 -0.01 -28.54
O3 NAG O . -30.06 2.36 -27.16
O4 NAG O . -28.29 3.25 -25.05
O5 NAG O . -27.95 -0.36 -25.01
O6 NAG O . -28.00 0.49 -22.52
O7 NAG O . -30.60 -1.45 -28.80
C1 FUC O . -24.27 -3.55 -26.81
C2 FUC O . -22.84 -4.15 -26.94
C3 FUC O . -21.81 -3.39 -26.09
C4 FUC O . -22.43 -2.71 -24.85
C5 FUC O . -23.57 -1.76 -25.28
C6 FUC O . -24.66 -1.60 -24.23
O2 FUC O . -22.42 -4.21 -28.28
O3 FUC O . -20.83 -4.31 -25.63
O4 FUC O . -22.92 -3.68 -23.94
O5 FUC O . -24.22 -2.15 -26.54
C1 NAG P . -53.06 32.37 -85.21
C2 NAG P . -52.87 32.47 -86.71
C3 NAG P . -51.39 32.37 -87.05
C4 NAG P . -50.59 33.38 -86.27
C5 NAG P . -50.91 33.31 -84.77
C6 NAG P . -50.29 34.43 -83.96
C7 NAG P . -54.39 31.74 -88.50
C8 NAG P . -55.12 30.57 -89.10
N2 NAG P . -53.64 31.47 -87.42
O3 NAG P . -51.21 32.56 -88.45
O4 NAG P . -49.20 33.11 -86.46
O5 NAG P . -52.33 33.39 -84.56
O6 NAG P . -51.13 34.81 -82.88
O7 NAG P . -54.46 32.87 -88.97
C1 NAG P . -48.44 34.30 -86.79
C2 NAG P . -47.06 34.12 -86.17
C3 NAG P . -46.20 35.34 -86.44
C4 NAG P . -46.16 35.63 -87.94
C5 NAG P . -47.57 35.70 -88.52
C6 NAG P . -47.59 35.82 -90.03
C7 NAG P . -47.17 32.66 -84.19
C8 NAG P . -47.28 32.60 -82.70
N2 NAG P . -47.16 33.89 -84.73
O3 NAG P . -44.89 35.12 -85.94
O4 NAG P . -45.50 36.86 -88.18
O5 NAG P . -48.30 34.51 -88.20
O6 NAG P . -47.25 37.14 -90.45
O7 NAG P . -47.11 31.65 -84.88
C1 BMA P . -44.13 36.63 -88.55
C2 BMA P . -43.69 37.80 -89.44
C3 BMA P . -42.20 37.69 -89.77
C4 BMA P . -41.36 37.45 -88.48
C5 BMA P . -41.93 36.26 -87.68
C6 BMA P . -41.20 36.03 -86.36
O2 BMA P . -43.87 39.04 -88.76
O3 BMA P . -41.73 38.85 -90.47
O4 BMA P . -40.01 37.21 -88.83
O5 BMA P . -43.31 36.53 -87.40
O6 BMA P . -41.06 37.29 -85.70
C1 MAN P . -41.85 38.67 -91.89
C2 MAN P . -40.84 39.62 -92.56
C3 MAN P . -41.24 41.06 -92.27
C4 MAN P . -42.72 41.34 -92.63
C5 MAN P . -43.66 40.27 -92.03
C6 MAN P . -45.06 40.34 -92.59
O2 MAN P . -40.88 39.49 -93.99
O3 MAN P . -40.41 41.99 -92.95
O4 MAN P . -43.11 42.62 -92.13
O5 MAN P . -43.17 38.94 -92.34
O6 MAN P . -45.04 39.86 -93.93
C1 MAN P . -40.45 37.13 -84.40
C2 MAN P . -40.54 38.49 -83.71
C3 MAN P . -39.73 39.52 -84.49
C4 MAN P . -38.27 39.04 -84.66
C5 MAN P . -38.22 37.62 -85.27
C6 MAN P . -36.83 37.02 -85.24
O2 MAN P . -39.97 38.46 -82.39
O3 MAN P . -39.77 40.80 -83.88
O4 MAN P . -37.56 39.94 -85.50
O5 MAN P . -39.10 36.72 -84.52
O6 MAN P . -36.86 35.80 -85.99
C1 NAG Q . 58.44 -14.45 27.39
C2 NAG Q . 59.96 -14.53 27.32
C3 NAG Q . 60.54 -13.16 26.97
C4 NAG Q . 59.83 -12.53 25.78
C5 NAG Q . 58.32 -12.62 25.91
C6 NAG Q . 57.58 -12.20 24.67
C7 NAG Q . 61.27 -16.12 28.67
C8 NAG Q . 61.74 -16.46 30.05
N2 NAG Q . 60.52 -15.02 28.57
O3 NAG Q . 61.93 -13.30 26.68
O4 NAG Q . 60.18 -11.14 25.74
O5 NAG Q . 57.93 -13.98 26.17
O6 NAG Q . 56.29 -11.68 24.97
O7 NAG Q . 61.53 -16.81 27.70
C1 NAG Q . 61.06 -10.87 24.61
C2 NAG Q . 61.08 -9.37 24.42
C3 NAG Q . 61.91 -9.05 23.20
C4 NAG Q . 63.32 -9.66 23.30
C5 NAG Q . 63.32 -11.10 23.86
C6 NAG Q . 64.65 -11.49 24.46
C7 NAG Q . 59.33 -7.74 24.96
C8 NAG Q . 57.93 -7.31 24.71
N2 NAG Q . 59.74 -8.84 24.29
O3 NAG Q . 62.00 -7.64 23.05
O4 NAG Q . 63.83 -9.68 21.97
O5 NAG Q . 62.35 -11.31 24.90
O6 NAG Q . 64.54 -11.71 25.87
O7 NAG Q . 60.08 -7.14 25.73
C1 NAG R . 11.15 12.19 26.72
C2 NAG R . 10.63 13.62 26.74
C3 NAG R . 10.82 14.23 28.12
C4 NAG R . 10.23 13.34 29.20
C5 NAG R . 10.72 11.89 29.05
C6 NAG R . 10.02 10.92 29.97
C7 NAG R . 10.66 15.37 25.01
C8 NAG R . 11.50 16.09 24.00
N2 NAG R . 11.29 14.42 25.72
O3 NAG R . 10.23 15.52 28.16
O4 NAG R . 10.63 13.85 30.47
O5 NAG R . 10.48 11.43 27.71
O6 NAG R . 10.59 9.62 29.88
O7 NAG R . 9.47 15.61 25.17
C1 NAG R . 9.51 13.97 31.37
C2 NAG R . 10.04 13.69 32.77
C3 NAG R . 8.90 13.73 33.78
C4 NAG R . 8.16 15.07 33.68
C5 NAG R . 7.77 15.39 32.23
C6 NAG R . 7.23 16.79 32.07
C7 NAG R . 12.06 12.31 32.78
C8 NAG R . 12.61 10.91 32.86
N2 NAG R . 10.73 12.41 32.84
O3 NAG R . 9.41 13.56 35.10
O4 NAG R . 6.98 15.01 34.46
O5 NAG R . 8.91 15.27 31.35
O6 NAG R . 8.10 17.75 32.64
O7 NAG R . 12.79 13.29 32.68
C1 BMA R . 7.16 15.77 35.68
C2 BMA R . 5.76 16.04 36.28
C3 BMA R . 5.90 16.73 37.63
C4 BMA R . 6.90 15.99 38.55
C5 BMA R . 8.23 15.80 37.81
C6 BMA R . 9.30 15.08 38.62
O2 BMA R . 5.06 14.83 36.50
O3 BMA R . 4.64 16.88 38.27
O4 BMA R . 7.12 16.73 39.74
O5 BMA R . 7.98 15.06 36.60
O6 BMA R . 8.69 14.01 39.35
C1 MAN R . 4.25 18.27 38.22
C2 MAN R . 3.88 18.68 39.65
C3 MAN R . 2.66 17.88 40.09
C4 MAN R . 1.50 18.10 39.11
C5 MAN R . 1.93 17.76 37.67
C6 MAN R . 0.88 18.18 36.65
O2 MAN R . 3.49 20.06 39.71
O3 MAN R . 2.27 18.21 41.41
O4 MAN R . 0.41 17.25 39.48
O5 MAN R . 3.16 18.47 37.34
O6 MAN R . 1.16 17.54 35.41
C1 MAN R . 9.18 12.75 38.81
C2 MAN R . 8.20 11.65 39.29
C3 MAN R . 8.41 11.37 40.78
C4 MAN R . 9.89 11.07 41.08
C5 MAN R . 10.74 12.27 40.63
C6 MAN R . 12.23 12.05 40.83
O2 MAN R . 8.44 10.41 38.62
O3 MAN R . 7.59 10.30 41.24
O4 MAN R . 10.06 10.86 42.47
O5 MAN R . 10.53 12.50 39.22
O6 MAN R . 12.50 11.95 42.22
C1 NAG S . 71.58 -26.00 49.46
C2 NAG S . 71.26 -27.41 49.97
C3 NAG S . 69.82 -27.78 49.63
C4 NAG S . 68.83 -26.70 50.06
C5 NAG S . 69.28 -25.34 49.53
C6 NAG S . 68.44 -24.19 50.06
C7 NAG S . 73.12 -28.99 50.13
C8 NAG S . 73.99 -29.96 49.38
N2 NAG S . 72.19 -28.37 49.41
O3 NAG S . 69.49 -29.00 50.29
O4 NAG S . 67.55 -26.98 49.50
O5 NAG S . 70.63 -25.08 49.96
O6 NAG S . 68.78 -23.88 51.40
O7 NAG S . 73.27 -28.79 51.33
C1 NAG S . 66.50 -27.04 50.50
C2 NAG S . 65.18 -27.18 49.72
C3 NAG S . 63.99 -27.45 50.67
C4 NAG S . 64.31 -28.49 51.72
C5 NAG S . 65.64 -28.16 52.38
C6 NAG S . 66.09 -29.16 53.43
C7 NAG S . 65.15 -25.88 47.63
C8 NAG S . 64.83 -24.56 47.01
N2 NAG S . 64.92 -25.98 48.94
O3 NAG S . 62.88 -27.87 49.89
O4 NAG S . 63.27 -28.48 52.70
O5 NAG S . 66.66 -28.13 51.38
O6 NAG S . 66.80 -30.24 52.84
O7 NAG S . 65.59 -26.82 46.97
C1 GAL T . -9.44 16.22 6.69
C2 GAL T . -9.68 17.68 7.05
C3 GAL T . -11.14 17.91 7.44
C4 GAL T . -12.09 17.41 6.33
C5 GAL T . -11.68 16.00 5.85
C6 GAL T . -12.38 15.54 4.58
O2 GAL T . -8.88 18.10 8.15
O3 GAL T . -11.41 19.30 7.64
O4 GAL T . -12.07 18.30 5.23
O5 GAL T . -10.27 15.88 5.58
O6 GAL T . -11.64 14.52 3.90
C1 SIA T . -12.61 14.28 1.91
C2 SIA T . -11.36 13.81 2.76
C3 SIA T . -11.12 12.30 2.80
C4 SIA T . -10.79 11.71 1.43
C5 SIA T . -9.57 12.43 0.84
C6 SIA T . -9.80 13.96 0.85
C7 SIA T . -8.53 14.77 0.56
C8 SIA T . -8.81 16.27 0.81
C9 SIA T . -7.87 17.16 0.02
C10 SIA T . -8.11 11.67 -1.04
C11 SIA T . -8.12 11.24 -2.50
N5 SIA T . -9.33 11.99 -0.53
O1A SIA T . -12.48 15.45 1.43
O1B SIA T . -13.56 13.48 1.78
O4 SIA T . -10.46 10.31 1.50
O6 SIA T . -10.16 14.41 2.15
O7 SIA T . -7.48 14.28 1.37
O8 SIA T . -10.18 16.57 0.54
O9 SIA T . -8.53 18.39 -0.28
O10 SIA T . -7.06 11.73 -0.41
C1 NAG U . 58.59 -52.81 68.56
C2 NAG U . 58.37 -52.22 67.15
C3 NAG U . 57.00 -52.62 66.54
C4 NAG U . 56.46 -53.97 66.99
C5 NAG U . 56.82 -54.24 68.44
C6 NAG U . 56.42 -55.63 68.92
C7 NAG U . 59.37 -50.05 66.53
C8 NAG U . 59.31 -48.56 66.74
N2 NAG U . 58.48 -50.77 67.22
O1 NAG U . 59.95 -52.72 68.87
O3 NAG U . 57.15 -52.62 65.13
O4 NAG U . 55.05 -53.97 66.89
O5 NAG U . 58.23 -54.13 68.58
O6 NAG U . 56.33 -56.54 67.83
O7 NAG U . 60.20 -50.56 65.78
C1 GAL U . 54.63 -54.42 65.59
C2 GAL U . 53.29 -55.18 65.70
C3 GAL U . 52.94 -55.80 64.35
C4 GAL U . 52.87 -54.70 63.26
C5 GAL U . 54.11 -53.78 63.33
C6 GAL U . 54.00 -52.50 62.49
O2 GAL U . 53.36 -56.23 66.66
O3 GAL U . 51.66 -56.43 64.40
O4 GAL U . 51.69 -53.94 63.42
O5 GAL U . 54.42 -53.34 64.68
O6 GAL U . 54.88 -51.48 62.96
C1 SIA U . 54.33 -49.66 61.88
C2 SIA U . 55.26 -50.17 63.04
C3 SIA U . 56.73 -49.72 62.94
C4 SIA U . 56.91 -48.20 63.08
C5 SIA U . 56.27 -47.71 64.38
C6 SIA U . 54.82 -48.23 64.50
C7 SIA U . 54.19 -48.02 65.90
C8 SIA U . 52.83 -48.77 65.98
C9 SIA U . 51.92 -48.17 67.05
C10 SIA U . 56.65 -45.51 65.50
C11 SIA U . 56.57 -44.00 65.32
N5 SIA U . 56.27 -46.24 64.42
O1A SIA U . 53.11 -49.54 62.22
O1B SIA U . 54.87 -49.43 60.77
O4 SIA U . 58.29 -47.82 63.08
O6 SIA U . 54.75 -49.63 64.32
O7 SIA U . 55.09 -48.44 66.92
O8 SIA U . 52.20 -48.76 64.70
O9 SIA U . 50.55 -48.28 66.65
O10 SIA U . 57.04 -46.00 66.55
C1 NAG V . -82.26 21.32 -73.41
C2 NAG V . -81.22 21.76 -72.40
C3 NAG V . -80.69 20.55 -71.61
C4 NAG V . -81.78 19.57 -71.19
C5 NAG V . -82.88 19.40 -72.25
C6 NAG V . -84.11 18.73 -71.70
C7 NAG V . -79.37 23.38 -72.48
C8 NAG V . -78.29 23.98 -73.32
N2 NAG V . -80.13 22.45 -73.06
O1 NAG V . -82.74 22.42 -74.11
O3 NAG V . -80.04 21.04 -70.44
O4 NAG V . -81.17 18.29 -71.06
O5 NAG V . -83.29 20.67 -72.77
O6 NAG V . -85.28 19.18 -72.37
O7 NAG V . -79.56 23.73 -71.31
C1 GAL V . -80.87 17.67 -69.70
C2 GAL V . -80.86 16.14 -69.70
C3 GAL V . -80.82 15.61 -68.28
C4 GAL V . -79.59 16.16 -67.53
C5 GAL V . -79.47 17.69 -67.74
C6 GAL V . -78.11 18.26 -67.32
O2 GAL V . -82.01 15.60 -70.33
O3 GAL V . -80.71 14.18 -68.27
O4 GAL V . -78.43 15.51 -68.00
O5 GAL V . -79.65 18.11 -69.11
O6 GAL V . -77.91 19.57 -67.85
C1 SIA V . -75.74 19.93 -66.97
C2 SIA V . -76.85 20.40 -68.00
C3 SIA V . -77.39 21.83 -67.83
C4 SIA V . -76.42 22.94 -68.23
C5 SIA V . -75.76 22.66 -69.57
C6 SIA V . -75.26 21.20 -69.67
C7 SIA V . -74.86 20.79 -71.11
C8 SIA V . -74.59 19.26 -71.18
C9 SIA V . -73.39 18.94 -72.07
C10 SIA V . -74.35 24.21 -70.93
C11 SIA V . -73.13 25.12 -70.89
N5 SIA V . -74.64 23.57 -69.77
O1A SIA V . -75.67 20.53 -65.89
O1B SIA V . -75.04 18.98 -67.41
O4 SIA V . -77.08 24.21 -68.34
O6 SIA V . -76.30 20.29 -69.35
O7 SIA V . -75.87 21.20 -72.02
O8 SIA V . -74.43 18.71 -69.87
O9 SIA V . -73.17 17.53 -72.05
O10 SIA V . -75.00 24.07 -71.97
C1 NAG W . 19.73 -1.61 -2.37
C2 NAG W . 20.30 -2.48 -1.26
C3 NAG W . 21.83 -2.31 -1.17
C4 NAG W . 22.52 -2.25 -2.53
C5 NAG W . 21.71 -1.49 -3.58
C6 NAG W . 22.22 -1.70 -4.99
C7 NAG W . 18.66 -2.84 0.53
C8 NAG W . 18.16 -2.35 1.86
N2 NAG W . 19.69 -2.15 0.01
O1 NAG W . 18.36 -1.82 -2.46
O3 NAG W . 22.34 -3.42 -0.45
O4 NAG W . 23.73 -1.52 -2.38
O5 NAG W . 20.34 -1.91 -3.56
O6 NAG W . 21.87 -0.63 -5.83
O7 NAG W . 18.16 -3.80 -0.03
C1 GAL W . 24.87 -2.32 -2.00
C2 GAL W . 26.14 -1.52 -2.26
C3 GAL W . 27.36 -2.39 -2.00
C4 GAL W . 27.34 -2.91 -0.54
C5 GAL W . 25.94 -3.46 -0.18
C6 GAL W . 25.69 -3.63 1.31
O2 GAL W . 26.21 -1.05 -3.60
O3 GAL W . 28.56 -1.66 -2.17
O4 GAL W . 27.71 -1.86 0.35
O5 GAL W . 24.86 -2.62 -0.62
O6 GAL W . 24.32 -3.47 1.62
C1 SIA W . 24.87 -4.61 3.89
C2 SIA W . 23.91 -3.86 2.87
C3 SIA W . 22.62 -4.60 2.52
C4 SIA W . 21.68 -4.77 3.72
C5 SIA W . 21.39 -3.42 4.39
C6 SIA W . 22.69 -2.61 4.62
C7 SIA W . 22.47 -1.10 4.86
C8 SIA W . 23.78 -0.34 4.54
C9 SIA W . 24.05 0.82 5.47
C10 SIA W . 19.57 -3.04 6.05
C11 SIA W . 19.02 -3.49 7.40
N5 SIA W . 20.69 -3.68 5.64
O1A SIA W . 24.75 -5.84 3.99
O1B SIA W . 25.65 -3.81 4.50
O4 SIA W . 20.44 -5.36 3.33
O6 SIA W . 23.51 -2.59 3.46
O7 SIA W . 21.38 -0.65 4.07
O8 SIA W . 24.88 -1.24 4.52
O9 SIA W . 25.38 0.73 5.99
O10 SIA W . 19.01 -2.15 5.41
C1 NAG X . -39.69 37.29 -22.32
C2 NAG X . -40.74 38.36 -22.01
C3 NAG X . -40.09 39.60 -21.41
C4 NAG X . -39.20 39.23 -20.23
C5 NAG X . -38.20 38.16 -20.66
C6 NAG X . -37.34 37.68 -19.52
C7 NAG X . -42.59 38.04 -23.61
C8 NAG X . -43.24 38.55 -24.87
N2 NAG X . -41.51 38.71 -23.20
O3 NAG X . -41.09 40.52 -20.98
O4 NAG X . -38.50 40.38 -19.76
O5 NAG X . -38.91 37.02 -21.16
O6 NAG X . -36.61 36.51 -19.89
O7 NAG X . -43.01 37.05 -23.01
C1 NAG Y . 5.25 4.17 -18.77
C2 NAG Y . 6.06 3.62 -19.94
C3 NAG Y . 7.03 2.56 -19.43
C4 NAG Y . 7.91 3.14 -18.33
C5 NAG Y . 7.05 3.76 -17.22
C6 NAG Y . 7.87 4.51 -16.19
C7 NAG Y . 4.34 2.11 -20.87
C8 NAG Y . 3.59 1.73 -22.11
N2 NAG Y . 5.23 3.11 -21.01
O3 NAG Y . 7.85 2.09 -20.50
O4 NAG Y . 8.74 2.12 -17.77
O5 NAG Y . 6.13 4.71 -17.77
O6 NAG Y . 8.50 5.64 -16.77
O7 NAG Y . 4.15 1.53 -19.80
C1 NAG Z . 19.82 -39.71 38.76
C2 NAG Z . 18.70 -40.52 38.06
C3 NAG Z . 17.90 -41.33 39.08
C4 NAG Z . 18.82 -42.15 39.97
C5 NAG Z . 19.87 -41.23 40.59
C6 NAG Z . 20.88 -41.98 41.45
C7 NAG Z . 17.87 -39.45 36.00
C8 NAG Z . 16.89 -38.48 35.41
N2 NAG Z . 17.82 -39.62 37.33
O3 NAG Z . 17.02 -42.21 38.40
O4 NAG Z . 18.07 -42.77 41.00
O5 NAG Z . 20.62 -40.59 39.55
O6 NAG Z . 21.35 -41.15 42.51
O7 NAG Z . 18.70 -40.05 35.30
C1 NAG AA . 42.35 -45.77 40.42
C2 NAG AA . 43.55 -44.96 39.94
C3 NAG AA . 44.49 -45.85 39.15
C4 NAG AA . 44.89 -47.06 39.99
C5 NAG AA . 43.65 -47.78 40.52
C6 NAG AA . 44.01 -48.87 41.51
C7 NAG AA . 43.65 -42.59 39.35
C8 NAG AA . 43.12 -41.50 38.46
N2 NAG AA . 43.15 -43.80 39.16
O3 NAG AA . 45.65 -45.11 38.77
O4 NAG AA . 45.66 -47.96 39.19
O5 NAG AA . 42.79 -46.86 41.21
O6 NAG AA . 44.43 -48.31 42.75
O7 NAG AA . 44.51 -42.36 40.20
C1 NAG BA . 59.51 -25.28 74.88
C2 NAG BA . 60.35 -24.03 75.20
C3 NAG BA . 61.13 -24.20 76.51
C4 NAG BA . 60.23 -24.70 77.63
C5 NAG BA . 59.51 -25.96 77.17
C6 NAG BA . 58.54 -26.51 78.21
C7 NAG BA . 61.76 -22.53 73.86
C8 NAG BA . 62.71 -22.42 72.70
N2 NAG BA . 61.26 -23.74 74.11
O3 NAG BA . 61.71 -22.96 76.89
O4 NAG BA . 61.00 -25.01 78.78
O5 NAG BA . 58.73 -25.64 76.02
O6 NAG BA . 59.23 -27.25 79.21
O7 NAG BA . 61.46 -21.54 74.54
C1 NAG CA . -48.81 -2.65 -43.75
C2 NAG CA . -48.83 -4.00 -43.02
C3 NAG CA . -48.99 -5.14 -44.02
C4 NAG CA . -50.19 -4.89 -44.93
C5 NAG CA . -50.07 -3.52 -45.59
C6 NAG CA . -51.25 -3.16 -46.45
C7 NAG CA . -47.52 -3.75 -40.97
C8 NAG CA . -46.21 -4.03 -40.29
N2 NAG CA . -47.63 -4.18 -42.22
O3 NAG CA . -49.16 -6.37 -43.32
O4 NAG CA . -50.24 -5.90 -45.95
O5 NAG CA . -49.97 -2.52 -44.57
O6 NAG CA . -51.13 -1.83 -46.95
O7 NAG CA . -48.43 -3.16 -40.38
C1 NAG DA . -65.62 14.35 -46.52
C2 NAG DA . -65.96 15.58 -45.68
C3 NAG DA . -66.81 15.18 -44.47
C4 NAG DA . -68.02 14.36 -44.92
C5 NAG DA . -67.56 13.18 -45.78
C6 NAG DA . -68.72 12.37 -46.33
C7 NAG DA . -64.22 17.30 -45.90
C8 NAG DA . -62.98 17.88 -45.30
N2 NAG DA . -64.76 16.26 -45.24
O3 NAG DA . -67.24 16.35 -43.78
O4 NAG DA . -68.71 13.87 -43.77
O5 NAG DA . -66.82 13.67 -46.89
O6 NAG DA . -69.50 13.14 -47.23
O7 NAG DA . -64.74 17.76 -46.91
C1 NAG EA . -58.48 39.69 -79.14
C2 NAG EA . -57.46 40.71 -79.66
C3 NAG EA . -58.16 41.81 -80.44
C4 NAG EA . -59.01 41.21 -81.55
C5 NAG EA . -59.97 40.15 -80.99
C6 NAG EA . -60.72 39.42 -82.06
C7 NAG EA . -57.12 41.92 -77.53
C8 NAG EA . -56.09 42.40 -76.55
N2 NAG EA . -56.64 41.25 -78.59
O3 NAG EA . -57.21 42.70 -80.99
O4 NAG EA . -59.78 42.22 -82.20
O5 NAG EA . -59.23 39.16 -80.25
O6 NAG EA . -59.86 39.02 -83.13
O7 NAG EA . -58.32 42.13 -77.36
C1 NAG FA . -3.37 -4.34 -10.17
C2 NAG FA . -2.70 -3.83 -8.88
C3 NAG FA . -3.75 -3.50 -7.83
C4 NAG FA . -4.77 -2.55 -8.43
C5 NAG FA . -5.57 -3.29 -9.50
C6 NAG FA . -5.85 -2.43 -10.73
C7 NAG FA . -0.44 -4.61 -8.32
C8 NAG FA . 0.38 -5.72 -7.74
N2 NAG FA . -1.75 -4.82 -8.36
O3 NAG FA . -3.14 -2.91 -6.69
O4 NAG FA . -5.67 -2.09 -7.42
O5 NAG FA . -4.85 -4.46 -9.96
O6 NAG FA . -7.09 -1.75 -10.60
O7 NAG FA . 0.07 -3.58 -8.75
C1 NAG GA . 38.80 -20.53 14.84
C2 NAG GA . 37.92 -21.80 14.77
C3 NAG GA . 38.54 -22.86 13.85
C4 NAG GA . 38.92 -22.26 12.50
C5 NAG GA . 39.82 -21.06 12.73
C6 NAG GA . 40.23 -20.37 11.45
C7 NAG GA . 36.93 -21.80 17.03
C8 NAG GA . 36.85 -22.52 18.34
N2 NAG GA . 37.72 -22.35 16.10
O3 NAG GA . 37.61 -23.92 13.66
O4 NAG GA . 39.61 -23.23 11.72
O5 NAG GA . 39.11 -20.10 13.51
O6 NAG GA . 39.11 -19.90 10.72
O7 NAG GA . 36.32 -20.76 16.83
C1 NAG HA . 5.29 2.80 24.04
C2 NAG HA . 4.42 2.83 25.29
C3 NAG HA . 2.97 3.15 24.94
C4 NAG HA . 2.91 4.45 24.15
C5 NAG HA . 3.82 4.39 22.94
C6 NAG HA . 3.90 5.71 22.20
C7 NAG HA . 4.05 0.39 25.64
C8 NAG HA . 4.25 -0.75 26.58
N2 NAG HA . 4.51 1.58 26.06
O3 NAG HA . 2.19 3.24 26.12
O4 NAG HA . 1.57 4.68 23.73
O5 NAG HA . 5.16 4.06 23.34
O6 NAG HA . 5.22 5.98 21.76
O7 NAG HA . 3.52 0.25 24.54
C1 NAG IA . 77.41 -30.33 44.76
C2 NAG IA . 76.05 -29.62 44.59
C3 NAG IA . 74.98 -30.30 45.44
C4 NAG IA . 74.94 -31.80 45.16
C5 NAG IA . 76.31 -32.40 45.33
C6 NAG IA . 76.37 -33.87 44.97
C7 NAG IA . 75.22 -27.30 44.62
C8 NAG IA . 75.52 -25.89 45.05
N2 NAG IA . 76.16 -28.21 44.92
O3 NAG IA . 73.71 -29.72 45.19
O4 NAG IA . 74.02 -32.43 46.05
O5 NAG IA . 77.25 -31.74 44.46
O6 NAG IA . 76.15 -34.08 43.59
O7 NAG IA . 74.19 -27.60 44.05
C1 NAG JA . 79.98 -37.01 74.04
C2 NAG JA . 81.04 -37.47 72.95
C3 NAG JA . 80.86 -38.94 72.52
C4 NAG JA . 80.39 -39.87 73.62
C5 NAG JA . 79.23 -39.24 74.35
C6 NAG JA . 78.65 -40.12 75.43
C7 NAG JA . 80.79 -35.30 71.71
C8 NAG JA . 80.75 -34.69 70.35
N2 NAG JA . 80.98 -36.62 71.76
O3 NAG JA . 82.10 -39.42 71.99
O4 NAG JA . 79.91 -41.08 73.03
O5 NAG JA . 79.74 -38.06 74.97
O6 NAG JA . 78.00 -41.25 74.85
O7 NAG JA . 80.67 -34.61 72.71
#